data_1PQ1
# 
_entry.id   1PQ1 
# 
_audit_conform.dict_name       mmcif_pdbx.dic 
_audit_conform.dict_version    5.376 
_audit_conform.dict_location   http://mmcif.pdb.org/dictionaries/ascii/mmcif_pdbx.dic 
# 
loop_
_database_2.database_id 
_database_2.database_code 
_database_2.pdbx_database_accession 
_database_2.pdbx_DOI 
PDB   1PQ1         pdb_00001pq1 10.2210/pdb1pq1/pdb 
RCSB  RCSB019486   ?            ?                   
WWPDB D_1000019486 ?            ?                   
# 
_pdbx_database_related.db_name        PDB 
_pdbx_database_related.db_id          1PQ0 
_pdbx_database_related.details        monomer 
_pdbx_database_related.content_type   unspecified 
# 
_pdbx_database_status.status_code                     REL 
_pdbx_database_status.entry_id                        1PQ1 
_pdbx_database_status.recvd_initial_deposition_date   2003-06-17 
_pdbx_database_status.deposit_site                    RCSB 
_pdbx_database_status.process_site                    RCSB 
_pdbx_database_status.status_code_sf                  REL 
_pdbx_database_status.SG_entry                        . 
_pdbx_database_status.pdb_format_compatible           Y 
_pdbx_database_status.status_code_mr                  ? 
_pdbx_database_status.status_code_cs                  ? 
_pdbx_database_status.status_code_nmr_data            ? 
_pdbx_database_status.methods_development_category    ? 
# 
loop_
_audit_author.name 
_audit_author.pdbx_ordinal 
'Liu, X.'       1 
'Dai, S.'       2 
'Zhu, Y.'       3 
'Marrack, P.'   4 
'Kappler, J.W.' 5 
# 
_citation.id                        primary 
_citation.title                     'The structure of a Bcl-xl/Bim fragment complex: Implications for Bim function' 
_citation.journal_abbrev            Immunity 
_citation.journal_volume            19 
_citation.page_first                341 
_citation.page_last                 352 
_citation.year                      2003 
_citation.journal_id_ASTM           IUNIEH 
_citation.country                   US 
_citation.journal_id_ISSN           1074-7613 
_citation.journal_id_CSD            2048 
_citation.book_publisher            ? 
_citation.pdbx_database_id_PubMed   14499110 
_citation.pdbx_database_id_DOI      '10.1016/S1074-7613(03)00234-6' 
# 
loop_
_citation_author.citation_id 
_citation_author.name 
_citation_author.ordinal 
_citation_author.identifier_ORCID 
primary 'Liu, X.'       1 ? 
primary 'Dai, S.'       2 ? 
primary 'Zhu, Y.'       3 ? 
primary 'Marrack, P.'   4 ? 
primary 'Kappler, J.W.' 5 ? 
# 
_cell.entry_id           1PQ1 
_cell.length_a           39.100 
_cell.length_b           47.340 
_cell.length_c           49.280 
_cell.angle_alpha        90.00 
_cell.angle_beta         110.10 
_cell.angle_gamma        90.00 
_cell.Z_PDB              2 
_cell.pdbx_unique_axis   ? 
# 
_symmetry.entry_id                         1PQ1 
_symmetry.space_group_name_H-M             'P 1 21 1' 
_symmetry.pdbx_full_space_group_name_H-M   ? 
_symmetry.cell_setting                     ? 
_symmetry.Int_Tables_number                4 
# 
loop_
_entity.id 
_entity.type 
_entity.src_method 
_entity.pdbx_description 
_entity.formula_weight 
_entity.pdbx_number_of_molecules 
_entity.pdbx_ec 
_entity.pdbx_mutation 
_entity.pdbx_fragment 
_entity.details 
1 polymer man 'Apoptosis regulator Bcl-X' 22056.209 1   ? ? BIM ? 
2 polymer man 'BCL2-like protein 11'      4120.569  1   ? ? ?   ? 
3 water   nat water                       18.015    169 ? ? ?   ? 
# 
loop_
_entity_name_com.entity_id 
_entity_name_com.name 
1 'BCL2-like 1 protein'                     
2 'BCL2 interacting mediator of cell death' 
# 
loop_
_entity_poly.entity_id 
_entity_poly.type 
_entity_poly.nstd_linkage 
_entity_poly.nstd_monomer 
_entity_poly.pdbx_seq_one_letter_code 
_entity_poly.pdbx_seq_one_letter_code_can 
_entity_poly.pdbx_strand_id 
_entity_poly.pdbx_target_identifier 
1 'polypeptide(L)' no no 
;MSQSNRELVVDFLSYKLSQKGYSWSQFSDVEENRTEAPEETEAERETPSAINGNPSWHLADSPAVNGATGHSSSLDAREV
IPMAAVKQALREAGDEFELRYRRAFSDLTSQLHITPGTAYQSFEQVVNELFRDGVNWGRIVAFFSFGGALCVESVDKEMQ
VLVSRIASWMATYLNDHLEPWIQENGGWDTFVDLYG
;
;MSQSNRELVVDFLSYKLSQKGYSWSQFSDVEENRTEAPEETEAERETPSAINGNPSWHLADSPAVNGATGHSSSLDAREV
IPMAAVKQALREAGDEFELRYRRAFSDLTSQLHITPGTAYQSFEQVVNELFRDGVNWGRIVAFFSFGGALCVESVDKEMQ
VLVSRIASWMATYLNDHLEPWIQENGGWDTFVDLYG
;
A ? 
2 'polypeptide(L)' no no DLRPEIRIAQELRRIGDEFNETYTRRVFANDYR DLRPEIRIAQELRRIGDEFNETYTRRVFANDYR B ? 
# 
loop_
_entity_poly_seq.entity_id 
_entity_poly_seq.num 
_entity_poly_seq.mon_id 
_entity_poly_seq.hetero 
1 1   MET n 
1 2   SER n 
1 3   GLN n 
1 4   SER n 
1 5   ASN n 
1 6   ARG n 
1 7   GLU n 
1 8   LEU n 
1 9   VAL n 
1 10  VAL n 
1 11  ASP n 
1 12  PHE n 
1 13  LEU n 
1 14  SER n 
1 15  TYR n 
1 16  LYS n 
1 17  LEU n 
1 18  SER n 
1 19  GLN n 
1 20  LYS n 
1 21  GLY n 
1 22  TYR n 
1 23  SER n 
1 24  TRP n 
1 25  SER n 
1 26  GLN n 
1 27  PHE n 
1 28  SER n 
1 29  ASP n 
1 30  VAL n 
1 31  GLU n 
1 32  GLU n 
1 33  ASN n 
1 34  ARG n 
1 35  THR n 
1 36  GLU n 
1 37  ALA n 
1 38  PRO n 
1 39  GLU n 
1 40  GLU n 
1 41  THR n 
1 42  GLU n 
1 43  ALA n 
1 44  GLU n 
1 45  ARG n 
1 46  GLU n 
1 47  THR n 
1 48  PRO n 
1 49  SER n 
1 50  ALA n 
1 51  ILE n 
1 52  ASN n 
1 53  GLY n 
1 54  ASN n 
1 55  PRO n 
1 56  SER n 
1 57  TRP n 
1 58  HIS n 
1 59  LEU n 
1 60  ALA n 
1 61  ASP n 
1 62  SER n 
1 63  PRO n 
1 64  ALA n 
1 65  VAL n 
1 66  ASN n 
1 67  GLY n 
1 68  ALA n 
1 69  THR n 
1 70  GLY n 
1 71  HIS n 
1 72  SER n 
1 73  SER n 
1 74  SER n 
1 75  LEU n 
1 76  ASP n 
1 77  ALA n 
1 78  ARG n 
1 79  GLU n 
1 80  VAL n 
1 81  ILE n 
1 82  PRO n 
1 83  MET n 
1 84  ALA n 
1 85  ALA n 
1 86  VAL n 
1 87  LYS n 
1 88  GLN n 
1 89  ALA n 
1 90  LEU n 
1 91  ARG n 
1 92  GLU n 
1 93  ALA n 
1 94  GLY n 
1 95  ASP n 
1 96  GLU n 
1 97  PHE n 
1 98  GLU n 
1 99  LEU n 
1 100 ARG n 
1 101 TYR n 
1 102 ARG n 
1 103 ARG n 
1 104 ALA n 
1 105 PHE n 
1 106 SER n 
1 107 ASP n 
1 108 LEU n 
1 109 THR n 
1 110 SER n 
1 111 GLN n 
1 112 LEU n 
1 113 HIS n 
1 114 ILE n 
1 115 THR n 
1 116 PRO n 
1 117 GLY n 
1 118 THR n 
1 119 ALA n 
1 120 TYR n 
1 121 GLN n 
1 122 SER n 
1 123 PHE n 
1 124 GLU n 
1 125 GLN n 
1 126 VAL n 
1 127 VAL n 
1 128 ASN n 
1 129 GLU n 
1 130 LEU n 
1 131 PHE n 
1 132 ARG n 
1 133 ASP n 
1 134 GLY n 
1 135 VAL n 
1 136 ASN n 
1 137 TRP n 
1 138 GLY n 
1 139 ARG n 
1 140 ILE n 
1 141 VAL n 
1 142 ALA n 
1 143 PHE n 
1 144 PHE n 
1 145 SER n 
1 146 PHE n 
1 147 GLY n 
1 148 GLY n 
1 149 ALA n 
1 150 LEU n 
1 151 CYS n 
1 152 VAL n 
1 153 GLU n 
1 154 SER n 
1 155 VAL n 
1 156 ASP n 
1 157 LYS n 
1 158 GLU n 
1 159 MET n 
1 160 GLN n 
1 161 VAL n 
1 162 LEU n 
1 163 VAL n 
1 164 SER n 
1 165 ARG n 
1 166 ILE n 
1 167 ALA n 
1 168 SER n 
1 169 TRP n 
1 170 MET n 
1 171 ALA n 
1 172 THR n 
1 173 TYR n 
1 174 LEU n 
1 175 ASN n 
1 176 ASP n 
1 177 HIS n 
1 178 LEU n 
1 179 GLU n 
1 180 PRO n 
1 181 TRP n 
1 182 ILE n 
1 183 GLN n 
1 184 GLU n 
1 185 ASN n 
1 186 GLY n 
1 187 GLY n 
1 188 TRP n 
1 189 ASP n 
1 190 THR n 
1 191 PHE n 
1 192 VAL n 
1 193 ASP n 
1 194 LEU n 
1 195 TYR n 
1 196 GLY n 
2 1   ASP n 
2 2   LEU n 
2 3   ARG n 
2 4   PRO n 
2 5   GLU n 
2 6   ILE n 
2 7   ARG n 
2 8   ILE n 
2 9   ALA n 
2 10  GLN n 
2 11  GLU n 
2 12  LEU n 
2 13  ARG n 
2 14  ARG n 
2 15  ILE n 
2 16  GLY n 
2 17  ASP n 
2 18  GLU n 
2 19  PHE n 
2 20  ASN n 
2 21  GLU n 
2 22  THR n 
2 23  TYR n 
2 24  THR n 
2 25  ARG n 
2 26  ARG n 
2 27  VAL n 
2 28  PHE n 
2 29  ALA n 
2 30  ASN n 
2 31  ASP n 
2 32  TYR n 
2 33  ARG n 
# 
loop_
_entity_src_gen.entity_id 
_entity_src_gen.pdbx_src_id 
_entity_src_gen.pdbx_alt_source_flag 
_entity_src_gen.pdbx_seq_type 
_entity_src_gen.pdbx_beg_seq_num 
_entity_src_gen.pdbx_end_seq_num 
_entity_src_gen.gene_src_common_name 
_entity_src_gen.gene_src_genus 
_entity_src_gen.pdbx_gene_src_gene 
_entity_src_gen.gene_src_species 
_entity_src_gen.gene_src_strain 
_entity_src_gen.gene_src_tissue 
_entity_src_gen.gene_src_tissue_fraction 
_entity_src_gen.gene_src_details 
_entity_src_gen.pdbx_gene_src_fragment 
_entity_src_gen.pdbx_gene_src_scientific_name 
_entity_src_gen.pdbx_gene_src_ncbi_taxonomy_id 
_entity_src_gen.pdbx_gene_src_variant 
_entity_src_gen.pdbx_gene_src_cell_line 
_entity_src_gen.pdbx_gene_src_atcc 
_entity_src_gen.pdbx_gene_src_organ 
_entity_src_gen.pdbx_gene_src_organelle 
_entity_src_gen.pdbx_gene_src_cell 
_entity_src_gen.pdbx_gene_src_cellular_location 
_entity_src_gen.host_org_common_name 
_entity_src_gen.pdbx_host_org_scientific_name 
_entity_src_gen.pdbx_host_org_ncbi_taxonomy_id 
_entity_src_gen.host_org_genus 
_entity_src_gen.pdbx_host_org_gene 
_entity_src_gen.pdbx_host_org_organ 
_entity_src_gen.host_org_species 
_entity_src_gen.pdbx_host_org_tissue 
_entity_src_gen.pdbx_host_org_tissue_fraction 
_entity_src_gen.pdbx_host_org_strain 
_entity_src_gen.pdbx_host_org_variant 
_entity_src_gen.pdbx_host_org_cell_line 
_entity_src_gen.pdbx_host_org_atcc 
_entity_src_gen.pdbx_host_org_culture_collection 
_entity_src_gen.pdbx_host_org_cell 
_entity_src_gen.pdbx_host_org_organelle 
_entity_src_gen.pdbx_host_org_cellular_location 
_entity_src_gen.pdbx_host_org_vector_type 
_entity_src_gen.pdbx_host_org_vector 
_entity_src_gen.host_org_details 
_entity_src_gen.expression_system_id 
_entity_src_gen.plasmid_name 
_entity_src_gen.plasmid_details 
_entity_src_gen.pdbx_description 
1 1 sample ? ? ? 'house mouse' Mus 'BCL2L1 OR BCL2L OR BCLX' ? ? ? ? ? ? 'Mus musculus' 10090 ? ? ? ? ? ? ? 'cabbage looper' 
'Trichoplusia ni' 7111 Trichoplusia ? ? ? ? ? Hi-five ? ? ? ? ? ? ? baculovirus 'BacVector 3000 (Novagen)' ? ? ? ? ? 
2 1 sample ? ? ? 'house mouse' Mus 'BCL2L11 OR BIM'          ? ? ? ? ? ? 'Mus musculus' 10090 ? ? ? ? ? ? ? 'cabbage looper' 
'Trichoplusia ni' 7111 Trichoplusia ? ? ? ? ? Hi-five ? ? ? ? ? ? ? baculovirus 'BacVector 3000 (Novagen)' ? ? ? ? ? 
# 
loop_
_struct_ref.id 
_struct_ref.db_name 
_struct_ref.db_code 
_struct_ref.pdbx_db_accession 
_struct_ref.entity_id 
_struct_ref.pdbx_seq_one_letter_code 
_struct_ref.pdbx_align_begin 
_struct_ref.pdbx_db_isoform 
1 UNP BCLX_MOUSE Q64373 1 
;MSQSNRELVVDFLSYKLSQKGYSWSQFSDVEENRTEAPEETEAERETPSAINGNPSWHLADSPAVNGATGHSSSLDAREV
IPMAAVKQALREAGDEFELRYRRAFSDLTSQLHITPGTAYQSFEQVVNELFRDGVNWGRIVAFFSFGGALCVESVDKEMQ
VLVSRIASWMATYLNDHLEPWIQENGGWDTFVDLYG
;
1  ? 
2 UNP BIM_MOUSE  O54918 2 DLRPEIRIAQELRRIGDEFNETYTRRVFANDYR 83 ? 
# 
loop_
_struct_ref_seq.align_id 
_struct_ref_seq.ref_id 
_struct_ref_seq.pdbx_PDB_id_code 
_struct_ref_seq.pdbx_strand_id 
_struct_ref_seq.seq_align_beg 
_struct_ref_seq.pdbx_seq_align_beg_ins_code 
_struct_ref_seq.seq_align_end 
_struct_ref_seq.pdbx_seq_align_end_ins_code 
_struct_ref_seq.pdbx_db_accession 
_struct_ref_seq.db_align_beg 
_struct_ref_seq.pdbx_db_align_beg_ins_code 
_struct_ref_seq.db_align_end 
_struct_ref_seq.pdbx_db_align_end_ins_code 
_struct_ref_seq.pdbx_auth_seq_align_beg 
_struct_ref_seq.pdbx_auth_seq_align_end 
1 1 1PQ1 A 1 ? 196 ? Q64373 1  ? 196 ? 1  196 
2 2 1PQ1 B 1 ? 33  ? O54918 83 ? 115 ? 83 115 
# 
loop_
_chem_comp.id 
_chem_comp.type 
_chem_comp.mon_nstd_flag 
_chem_comp.name 
_chem_comp.pdbx_synonyms 
_chem_comp.formula 
_chem_comp.formula_weight 
ALA 'L-peptide linking' y ALANINE         ? 'C3 H7 N O2'     89.093  
ARG 'L-peptide linking' y ARGININE        ? 'C6 H15 N4 O2 1' 175.209 
ASN 'L-peptide linking' y ASPARAGINE      ? 'C4 H8 N2 O3'    132.118 
ASP 'L-peptide linking' y 'ASPARTIC ACID' ? 'C4 H7 N O4'     133.103 
CYS 'L-peptide linking' y CYSTEINE        ? 'C3 H7 N O2 S'   121.158 
GLN 'L-peptide linking' y GLUTAMINE       ? 'C5 H10 N2 O3'   146.144 
GLU 'L-peptide linking' y 'GLUTAMIC ACID' ? 'C5 H9 N O4'     147.129 
GLY 'peptide linking'   y GLYCINE         ? 'C2 H5 N O2'     75.067  
HIS 'L-peptide linking' y HISTIDINE       ? 'C6 H10 N3 O2 1' 156.162 
HOH non-polymer         . WATER           ? 'H2 O'           18.015  
ILE 'L-peptide linking' y ISOLEUCINE      ? 'C6 H13 N O2'    131.173 
LEU 'L-peptide linking' y LEUCINE         ? 'C6 H13 N O2'    131.173 
LYS 'L-peptide linking' y LYSINE          ? 'C6 H15 N2 O2 1' 147.195 
MET 'L-peptide linking' y METHIONINE      ? 'C5 H11 N O2 S'  149.211 
PHE 'L-peptide linking' y PHENYLALANINE   ? 'C9 H11 N O2'    165.189 
PRO 'L-peptide linking' y PROLINE         ? 'C5 H9 N O2'     115.130 
SER 'L-peptide linking' y SERINE          ? 'C3 H7 N O3'     105.093 
THR 'L-peptide linking' y THREONINE       ? 'C4 H9 N O3'     119.119 
TRP 'L-peptide linking' y TRYPTOPHAN      ? 'C11 H12 N2 O2'  204.225 
TYR 'L-peptide linking' y TYROSINE        ? 'C9 H11 N O3'    181.189 
VAL 'L-peptide linking' y VALINE          ? 'C5 H11 N O2'    117.146 
# 
_exptl.entry_id          1PQ1 
_exptl.method            'X-RAY DIFFRACTION' 
_exptl.crystals_number   1 
# 
_exptl_crystal.id                    1 
_exptl_crystal.density_meas          ? 
_exptl_crystal.density_Matthews      ? 
_exptl_crystal.density_percent_sol   ? 
_exptl_crystal.description           ? 
# 
_exptl_crystal_grow.crystal_id      1 
_exptl_crystal_grow.method          'VAPOR DIFFUSION, HANGING DROP' 
_exptl_crystal_grow.temp            298 
_exptl_crystal_grow.temp_details    ? 
_exptl_crystal_grow.pH              4.5 
_exptl_crystal_grow.pdbx_details    'NH4H2PO4, pH 4.5, VAPOR DIFFUSION, HANGING DROP, temperature 298K' 
_exptl_crystal_grow.pdbx_pH_range   . 
# 
_diffrn.id                     1 
_diffrn.ambient_temp           100 
_diffrn.ambient_temp_details   ? 
_diffrn.crystal_id             1 
# 
_diffrn_detector.diffrn_id              1 
_diffrn_detector.detector               'IMAGE PLATE' 
_diffrn_detector.type                   'RIGAKU RAXIS IV' 
_diffrn_detector.pdbx_collection_date   2002-02-18 
_diffrn_detector.details                ? 
# 
_diffrn_radiation.diffrn_id                        1 
_diffrn_radiation.wavelength_id                    1 
_diffrn_radiation.pdbx_monochromatic_or_laue_m_l   M 
_diffrn_radiation.monochromator                    'osmic mirrors' 
_diffrn_radiation.pdbx_diffrn_protocol             'SINGLE WAVELENGTH' 
_diffrn_radiation.pdbx_scattering_type             x-ray 
# 
_diffrn_radiation_wavelength.id           1 
_diffrn_radiation_wavelength.wavelength   1.5418 
_diffrn_radiation_wavelength.wt           1.0 
# 
_diffrn_source.diffrn_id                   1 
_diffrn_source.source                      'ROTATING ANODE' 
_diffrn_source.type                        'RIGAKU RU300' 
_diffrn_source.pdbx_synchrotron_site       ? 
_diffrn_source.pdbx_synchrotron_beamline   ? 
_diffrn_source.pdbx_wavelength             ? 
_diffrn_source.pdbx_wavelength_list        1.5418 
# 
_reflns.entry_id                     1PQ1 
_reflns.observed_criterion_sigma_I   0 
_reflns.observed_criterion_sigma_F   0 
_reflns.d_resolution_low             20.0 
_reflns.d_resolution_high            1.65 
_reflns.number_obs                   19877 
_reflns.number_all                   19877 
_reflns.percent_possible_obs         97.2 
_reflns.pdbx_Rmerge_I_obs            0.062 
_reflns.pdbx_Rsym_value              ? 
_reflns.pdbx_netI_over_sigmaI        8.6 
_reflns.B_iso_Wilson_estimate        25.1 
_reflns.pdbx_redundancy              4.8 
_reflns.R_free_details               ? 
_reflns.limit_h_max                  ? 
_reflns.limit_h_min                  ? 
_reflns.limit_k_max                  ? 
_reflns.limit_k_min                  ? 
_reflns.limit_l_max                  ? 
_reflns.limit_l_min                  ? 
_reflns.observed_criterion_F_max     ? 
_reflns.observed_criterion_F_min     ? 
_reflns.pdbx_diffrn_id               1 
_reflns.pdbx_ordinal                 1 
# 
_reflns_shell.d_res_high             1.65 
_reflns_shell.d_res_low              1.75 
_reflns_shell.percent_possible_all   90.9 
_reflns_shell.Rmerge_I_obs           0.218 
_reflns_shell.pdbx_Rsym_value        ? 
_reflns_shell.meanI_over_sigI_obs    2.7 
_reflns_shell.pdbx_redundancy        4.4 
_reflns_shell.percent_possible_obs   ? 
_reflns_shell.number_unique_all      1765 
_reflns_shell.pdbx_diffrn_id         ? 
_reflns_shell.pdbx_ordinal           1 
# 
_refine.entry_id                                 1PQ1 
_refine.ls_number_reflns_obs                     19462 
_refine.ls_number_reflns_all                     19462 
_refine.pdbx_ls_sigma_I                          ? 
_refine.pdbx_ls_sigma_F                          2.0 
_refine.pdbx_data_cutoff_high_absF               ? 
_refine.pdbx_data_cutoff_low_absF                ? 
_refine.pdbx_data_cutoff_high_rms_absF           ? 
_refine.ls_d_res_low                             19.90 
_refine.ls_d_res_high                            1.65 
_refine.ls_percent_reflns_obs                    95.0 
_refine.ls_R_factor_obs                          0.219 
_refine.ls_R_factor_all                          0.23 
_refine.ls_R_factor_R_work                       0.219 
_refine.ls_R_factor_R_free                       0.237 
_refine.ls_R_factor_R_free_error                 0.008 
_refine.ls_R_factor_R_free_error_details         ? 
_refine.ls_percent_reflns_R_free                 4.7 
_refine.ls_number_reflns_R_free                  923 
_refine.ls_number_parameters                     ? 
_refine.ls_number_restraints                     ? 
_refine.occupancy_min                            ? 
_refine.occupancy_max                            ? 
_refine.correlation_coeff_Fo_to_Fc               ? 
_refine.correlation_coeff_Fo_to_Fc_free          ? 
_refine.B_iso_mean                               23.9 
_refine.aniso_B[1][1]                            3.17 
_refine.aniso_B[2][2]                            0.49 
_refine.aniso_B[3][3]                            -3.67 
_refine.aniso_B[1][2]                            0.00 
_refine.aniso_B[1][3]                            -1.28 
_refine.aniso_B[2][3]                            0.00 
_refine.solvent_model_details                    'FLAT MODEL' 
_refine.solvent_model_param_ksol                 0.393725 
_refine.solvent_model_param_bsol                 47.2048 
_refine.pdbx_solvent_vdw_probe_radii             ? 
_refine.pdbx_solvent_ion_probe_radii             ? 
_refine.pdbx_solvent_shrinkage_radii             ? 
_refine.pdbx_ls_cross_valid_method               THROUGHOUT 
_refine.details                                  ? 
_refine.pdbx_starting_model                      'mouse Bcl-xl, pdb entry 1PQ0' 
_refine.pdbx_method_to_determine_struct          'MOLECULAR REPLACEMENT' 
_refine.pdbx_isotropic_thermal_model             RESTRAINED 
_refine.pdbx_stereochemistry_target_values       'Engh & Huber' 
_refine.pdbx_stereochem_target_val_spec_case     ? 
_refine.pdbx_R_Free_selection_details            RANDOM 
_refine.pdbx_overall_ESU_R                       ? 
_refine.pdbx_overall_ESU_R_Free                  ? 
_refine.overall_SU_ML                            ? 
_refine.overall_SU_B                             ? 
_refine.ls_redundancy_reflns_obs                 ? 
_refine.B_iso_min                                ? 
_refine.B_iso_max                                ? 
_refine.overall_SU_R_Cruickshank_DPI             ? 
_refine.overall_SU_R_free                        ? 
_refine.pdbx_refine_id                           'X-RAY DIFFRACTION' 
_refine.pdbx_diffrn_id                           1 
_refine.pdbx_TLS_residual_ADP_flag               ? 
_refine.pdbx_overall_phase_error                 ? 
_refine.pdbx_overall_SU_R_free_Cruickshank_DPI   ? 
_refine.pdbx_overall_SU_R_Blow_DPI               ? 
_refine.pdbx_overall_SU_R_free_Blow_DPI          ? 
# 
_refine_analyze.entry_id                        1PQ1 
_refine_analyze.Luzzati_coordinate_error_obs    0.21 
_refine_analyze.Luzzati_sigma_a_obs             0.14 
_refine_analyze.Luzzati_d_res_low_obs           5.00 
_refine_analyze.Luzzati_coordinate_error_free   0.24 
_refine_analyze.Luzzati_sigma_a_free            0.18 
_refine_analyze.Luzzati_d_res_low_free          ? 
_refine_analyze.number_disordered_residues      ? 
_refine_analyze.occupancy_sum_hydrogen          ? 
_refine_analyze.occupancy_sum_non_hydrogen      ? 
_refine_analyze.pdbx_Luzzati_d_res_high_obs     ? 
_refine_analyze.pdbx_refine_id                  'X-RAY DIFFRACTION' 
# 
_refine_hist.pdbx_refine_id                   'X-RAY DIFFRACTION' 
_refine_hist.cycle_id                         LAST 
_refine_hist.pdbx_number_atoms_protein        1458 
_refine_hist.pdbx_number_atoms_nucleic_acid   0 
_refine_hist.pdbx_number_atoms_ligand         0 
_refine_hist.number_atoms_solvent             169 
_refine_hist.number_atoms_total               1627 
_refine_hist.d_res_high                       1.65 
_refine_hist.d_res_low                        19.90 
# 
loop_
_refine_ls_restr.type 
_refine_ls_restr.dev_ideal 
_refine_ls_restr.dev_ideal_target 
_refine_ls_restr.weight 
_refine_ls_restr.number 
_refine_ls_restr.pdbx_refine_id 
_refine_ls_restr.pdbx_restraint_function 
c_bond_d           0.006 ? ? ? 'X-RAY DIFFRACTION' ? 
c_angle_deg        1.1   ? ? ? 'X-RAY DIFFRACTION' ? 
c_dihedral_angle_d 18.7  ? ? ? 'X-RAY DIFFRACTION' ? 
c_improper_angle_d 0.68  ? ? ? 'X-RAY DIFFRACTION' ? 
# 
_refine_ls_shell.pdbx_total_number_of_bins_used   6 
_refine_ls_shell.d_res_high                       1.65 
_refine_ls_shell.d_res_low                        1.75 
_refine_ls_shell.number_reflns_R_work             2856 
_refine_ls_shell.R_factor_R_work                  0.271 
_refine_ls_shell.percent_reflns_obs               87.9 
_refine_ls_shell.R_factor_R_free                  0.309 
_refine_ls_shell.R_factor_R_free_error            0.026 
_refine_ls_shell.percent_reflns_R_free            4.7 
_refine_ls_shell.number_reflns_R_free             140 
_refine_ls_shell.number_reflns_obs                1621 
_refine_ls_shell.redundancy_reflns_obs            ? 
_refine_ls_shell.number_reflns_all                ? 
_refine_ls_shell.pdbx_refine_id                   'X-RAY DIFFRACTION' 
_refine_ls_shell.R_factor_all                     ? 
# 
loop_
_pdbx_xplor_file.serial_no 
_pdbx_xplor_file.param_file 
_pdbx_xplor_file.topol_file 
_pdbx_xplor_file.pdbx_refine_id 
1 PROTEIN_REP.PARAM      PROTEIN.TOP 'X-RAY DIFFRACTION' 
2 WATER_REP.PARAM        ?           'X-RAY DIFFRACTION' 
3 &_1_PARAMETER_INFILE_3 ?           'X-RAY DIFFRACTION' 
# 
_struct.entry_id                  1PQ1 
_struct.title                     'Crystal structure of Bcl-xl/Bim' 
_struct.pdbx_model_details        ? 
_struct.pdbx_CASP_flag            ? 
_struct.pdbx_model_type_details   ? 
# 
_struct_keywords.entry_id        1PQ1 
_struct_keywords.pdbx_keywords   APOPTOSIS 
_struct_keywords.text            'Bcl-xl/Bim, APOPTOSIS' 
# 
loop_
_struct_asym.id 
_struct_asym.pdbx_blank_PDB_chainid_flag 
_struct_asym.pdbx_modified 
_struct_asym.entity_id 
_struct_asym.details 
A N N 1 ? 
B N N 2 ? 
C N N 3 ? 
D N N 3 ? 
# 
loop_
_struct_conf.conf_type_id 
_struct_conf.id 
_struct_conf.pdbx_PDB_helix_id 
_struct_conf.beg_label_comp_id 
_struct_conf.beg_label_asym_id 
_struct_conf.beg_label_seq_id 
_struct_conf.pdbx_beg_PDB_ins_code 
_struct_conf.end_label_comp_id 
_struct_conf.end_label_asym_id 
_struct_conf.end_label_seq_id 
_struct_conf.pdbx_end_PDB_ins_code 
_struct_conf.beg_auth_comp_id 
_struct_conf.beg_auth_asym_id 
_struct_conf.beg_auth_seq_id 
_struct_conf.end_auth_comp_id 
_struct_conf.end_auth_asym_id 
_struct_conf.end_auth_seq_id 
_struct_conf.pdbx_PDB_helix_class 
_struct_conf.details 
_struct_conf.pdbx_PDB_helix_length 
HELX_P HELX_P1  1  GLN A 3   ? GLN A 19  ? GLN A 3   GLN A 19  1 ? 17 
HELX_P HELX_P2  2  PRO A 82  ? ARG A 102 ? PRO A 82  ARG A 102 1 ? 21 
HELX_P HELX_P3  3  ARG A 103 ? SER A 106 ? ARG A 103 SER A 106 5 ? 4  
HELX_P HELX_P4  4  ASP A 107 ? LEU A 112 ? ASP A 107 LEU A 112 1 ? 6  
HELX_P HELX_P5  5  THR A 118 ? PHE A 131 ? THR A 118 PHE A 131 1 ? 14 
HELX_P HELX_P6  6  ASN A 136 ? LYS A 157 ? ASN A 136 LYS A 157 1 ? 22 
HELX_P HELX_P7  7  GLU A 158 ? GLU A 158 ? GLU A 158 GLU A 158 5 ? 1  
HELX_P HELX_P8  8  MET A 159 ? GLN A 160 ? MET A 159 GLN A 160 5 ? 2  
HELX_P HELX_P9  9  VAL A 161 ? LEU A 178 ? VAL A 161 LEU A 178 1 ? 18 
HELX_P HELX_P10 10 LEU A 178 ? ASN A 185 ? LEU A 178 ASN A 185 1 ? 8  
HELX_P HELX_P11 11 GLY A 186 ? GLY A 196 ? GLY A 186 GLY A 196 1 ? 11 
HELX_P HELX_P12 12 ARG B 3   ? ASP B 31  ? ARG B 85  ASP B 113 1 ? 29 
# 
_struct_conf_type.id          HELX_P 
_struct_conf_type.criteria    ? 
_struct_conf_type.reference   ? 
# 
_atom_sites.entry_id                    1PQ1 
_atom_sites.fract_transf_matrix[1][1]   0.00528382 
_atom_sites.fract_transf_matrix[1][2]   0.01877193 
_atom_sites.fract_transf_matrix[1][3]   0.01900966 
_atom_sites.fract_transf_matrix[2][1]   0.00215074 
_atom_sites.fract_transf_matrix[2][2]   0.01465056 
_atom_sites.fract_transf_matrix[2][3]   -0.01506515 
_atom_sites.fract_transf_matrix[3][1]   -0.01835817 
_atom_sites.fract_transf_matrix[3][2]   0.00936840 
_atom_sites.fract_transf_matrix[3][3]   0.00648972 
_atom_sites.fract_transf_vector[1]      0.180997 
_atom_sites.fract_transf_vector[2]      0.004796 
_atom_sites.fract_transf_vector[3]      0.312360 
# 
loop_
_atom_type.symbol 
C 
N 
O 
S 
# 
loop_
_atom_site.group_PDB 
_atom_site.id 
_atom_site.type_symbol 
_atom_site.label_atom_id 
_atom_site.label_alt_id 
_atom_site.label_comp_id 
_atom_site.label_asym_id 
_atom_site.label_entity_id 
_atom_site.label_seq_id 
_atom_site.pdbx_PDB_ins_code 
_atom_site.Cartn_x 
_atom_site.Cartn_y 
_atom_site.Cartn_z 
_atom_site.occupancy 
_atom_site.B_iso_or_equiv 
_atom_site.pdbx_formal_charge 
_atom_site.auth_seq_id 
_atom_site.auth_comp_id 
_atom_site.auth_asym_id 
_atom_site.auth_atom_id 
_atom_site.pdbx_PDB_model_num 
ATOM   1    N N   . MET A 1 1   ? 2.586   16.005  -1.979  1.00 41.09 ? 1   MET A N   1 
ATOM   2    C CA  . MET A 1 1   ? 3.648   16.145  -0.964  1.00 40.88 ? 1   MET A CA  1 
ATOM   3    C C   . MET A 1 1   ? 3.038   16.365  0.449   1.00 40.33 ? 1   MET A C   1 
ATOM   4    O O   . MET A 1 1   ? 3.533   15.784  1.418   1.00 40.42 ? 1   MET A O   1 
ATOM   5    C CB  . MET A 1 1   ? 4.586   17.271  -1.408  1.00 41.62 ? 1   MET A CB  1 
ATOM   6    C CG  . MET A 1 1   ? 5.509   16.727  -2.491  1.00 42.52 ? 1   MET A CG  1 
ATOM   7    S SD  . MET A 1 1   ? 4.646   16.232  -4.050  1.00 44.02 ? 1   MET A SD  1 
ATOM   8    C CE  . MET A 1 1   ? 6.065   15.888  -5.172  1.00 43.73 ? 1   MET A CE  1 
ATOM   9    N N   . SER A 1 2   ? 2.004   17.207  0.595   1.00 39.51 ? 2   SER A N   1 
ATOM   10   C CA  . SER A 1 2   ? 1.345   17.404  1.930   1.00 38.46 ? 2   SER A CA  1 
ATOM   11   C C   . SER A 1 2   ? 1.720   16.365  3.018   1.00 37.45 ? 2   SER A C   1 
ATOM   12   O O   . SER A 1 2   ? 2.190   15.306  2.683   1.00 37.56 ? 2   SER A O   1 
ATOM   13   C CB  . SER A 1 2   ? -0.192  17.402  1.765   1.00 38.74 ? 2   SER A CB  1 
ATOM   14   O OG  . SER A 1 2   ? -0.858  16.682  2.793   1.00 39.20 ? 2   SER A OG  1 
ATOM   15   N N   . GLN A 1 3   ? 1.509   16.631  4.307   1.00 35.93 ? 3   GLN A N   1 
ATOM   16   C CA  . GLN A 1 3   ? 1.898   15.638  5.324   1.00 34.44 ? 3   GLN A CA  1 
ATOM   17   C C   . GLN A 1 3   ? 0.911   14.493  5.401   1.00 33.01 ? 3   GLN A C   1 
ATOM   18   O O   . GLN A 1 3   ? 1.122   13.539  6.149   1.00 32.76 ? 3   GLN A O   1 
ATOM   19   C CB  . GLN A 1 3   ? 1.994   16.260  6.723   1.00 35.04 ? 3   GLN A CB  1 
ATOM   20   C CG  . GLN A 1 3   ? 3.156   17.210  6.965   1.00 35.82 ? 3   GLN A CG  1 
ATOM   21   C CD  . GLN A 1 3   ? 4.494   16.513  6.962   1.00 36.25 ? 3   GLN A CD  1 
ATOM   22   O OE1 . GLN A 1 3   ? 4.881   15.903  5.968   1.00 36.77 ? 3   GLN A OE1 1 
ATOM   23   N NE2 . GLN A 1 3   ? 5.212   16.602  8.075   1.00 36.65 ? 3   GLN A NE2 1 
ATOM   24   N N   . SER A 1 4   ? -0.164  14.595  4.628   1.00 31.30 ? 4   SER A N   1 
ATOM   25   C CA  . SER A 1 4   ? -1.218  13.588  4.611   1.00 29.75 ? 4   SER A CA  1 
ATOM   26   C C   . SER A 1 4   ? -0.724  12.195  4.242   1.00 28.77 ? 4   SER A C   1 
ATOM   27   O O   . SER A 1 4   ? -1.142  11.200  4.837   1.00 28.46 ? 4   SER A O   1 
ATOM   28   C CB  . SER A 1 4   ? -2.318  14.006  3.634   1.00 29.64 ? 4   SER A CB  1 
ATOM   29   O OG  . SER A 1 4   ? -2.869  15.263  3.992   1.00 29.64 ? 4   SER A OG  1 
ATOM   30   N N   . ASN A 1 5   ? 0.164   12.122  3.259   1.00 27.75 ? 5   ASN A N   1 
ATOM   31   C CA  . ASN A 1 5   ? 0.679   10.829  2.831   1.00 26.79 ? 5   ASN A CA  1 
ATOM   32   C C   . ASN A 1 5   ? 1.442   10.102  3.931   1.00 26.03 ? 5   ASN A C   1 
ATOM   33   O O   . ASN A 1 5   ? 1.251   8.903   4.126   1.00 25.46 ? 5   ASN A O   1 
ATOM   34   C CB  . ASN A 1 5   ? 1.566   10.981  1.592   1.00 26.82 ? 5   ASN A CB  1 
ATOM   35   C CG  . ASN A 1 5   ? 0.772   11.330  0.357   1.00 26.90 ? 5   ASN A CG  1 
ATOM   36   O OD1 . ASN A 1 5   ? -0.313  10.793  0.133   1.00 26.96 ? 5   ASN A OD1 1 
ATOM   37   N ND2 . ASN A 1 5   ? 1.313   12.220  -0.466  1.00 27.15 ? 5   ASN A ND2 1 
ATOM   38   N N   . ARG A 1 6   ? 2.308   10.813  4.644   1.00 25.22 ? 6   ARG A N   1 
ATOM   39   C CA  . ARG A 1 6   ? 3.063   10.184  5.720   1.00 24.84 ? 6   ARG A CA  1 
ATOM   40   C C   . ARG A 1 6   ? 2.100   9.743   6.822   1.00 23.79 ? 6   ARG A C   1 
ATOM   41   O O   . ARG A 1 6   ? 2.274   8.689   7.436   1.00 23.26 ? 6   ARG A O   1 
ATOM   42   C CB  . ARG A 1 6   ? 4.103   11.152  6.288   1.00 26.10 ? 6   ARG A CB  1 
ATOM   43   C CG  . ARG A 1 6   ? 4.832   10.611  7.508   1.00 27.89 ? 6   ARG A CG  1 
ATOM   44   C CD  . ARG A 1 6   ? 6.329   10.541  7.276   1.00 29.80 ? 6   ARG A CD  1 
ATOM   45   N NE  . ARG A 1 6   ? 7.071   11.567  8.007   1.00 31.36 ? 6   ARG A NE  1 
ATOM   46   C CZ  . ARG A 1 6   ? 6.916   12.878  7.840   1.00 31.95 ? 6   ARG A CZ  1 
ATOM   47   N NH1 . ARG A 1 6   ? 6.036   13.343  6.962   1.00 32.49 ? 6   ARG A NH1 1 
ATOM   48   N NH2 . ARG A 1 6   ? 7.644   13.731  8.552   1.00 32.57 ? 6   ARG A NH2 1 
ATOM   49   N N   . GLU A 1 7   ? 1.073   10.550  7.065   1.00 22.66 ? 7   GLU A N   1 
ATOM   50   C CA  . GLU A 1 7   ? 0.088   10.224  8.088   1.00 21.87 ? 7   GLU A CA  1 
ATOM   51   C C   . GLU A 1 7   ? -0.653  8.950   7.718   1.00 20.92 ? 7   GLU A C   1 
ATOM   52   O O   . GLU A 1 7   ? -0.970  8.134   8.579   1.00 20.49 ? 7   GLU A O   1 
ATOM   53   C CB  . GLU A 1 7   ? -0.920  11.365  8.236   1.00 22.68 ? 7   GLU A CB  1 
ATOM   54   C CG  . GLU A 1 7   ? -0.331  12.658  8.756   1.00 24.20 ? 7   GLU A CG  1 
ATOM   55   C CD  . GLU A 1 7   ? -1.295  13.830  8.618   1.00 25.06 ? 7   GLU A CD  1 
ATOM   56   O OE1 . GLU A 1 7   ? -0.964  14.930  9.101   1.00 26.33 ? 7   GLU A OE1 1 
ATOM   57   O OE2 . GLU A 1 7   ? -2.376  13.651  8.017   1.00 25.94 ? 7   GLU A OE2 1 
ATOM   58   N N   . LEU A 1 8   ? -0.943  8.794   6.433   1.00 19.69 ? 8   LEU A N   1 
ATOM   59   C CA  . LEU A 1 8   ? -1.652  7.614   5.962   1.00 19.13 ? 8   LEU A CA  1 
ATOM   60   C C   . LEU A 1 8   ? -0.759  6.387   6.103   1.00 18.40 ? 8   LEU A C   1 
ATOM   61   O O   . LEU A 1 8   ? -1.214  5.321   6.513   1.00 18.41 ? 8   LEU A O   1 
ATOM   62   C CB  . LEU A 1 8   ? -2.073  7.795   4.501   1.00 19.27 ? 8   LEU A CB  1 
ATOM   63   C CG  . LEU A 1 8   ? -3.132  8.873   4.255   1.00 20.05 ? 8   LEU A CG  1 
ATOM   64   C CD1 . LEU A 1 8   ? -3.383  9.038   2.775   1.00 20.34 ? 8   LEU A CD1 1 
ATOM   65   C CD2 . LEU A 1 8   ? -4.409  8.468   4.964   1.00 20.05 ? 8   LEU A CD2 1 
ATOM   66   N N   . VAL A 1 9   ? 0.519   6.549   5.779   1.00 17.55 ? 9   VAL A N   1 
ATOM   67   C CA  . VAL A 1 9   ? 1.456   5.433   5.871   1.00 16.72 ? 9   VAL A CA  1 
ATOM   68   C C   . VAL A 1 9   ? 1.608   4.955   7.309   1.00 16.70 ? 9   VAL A C   1 
ATOM   69   O O   . VAL A 1 9   ? 1.529   3.753   7.584   1.00 16.04 ? 9   VAL A O   1 
ATOM   70   C CB  . VAL A 1 9   ? 2.856   5.811   5.317   1.00 16.72 ? 9   VAL A CB  1 
ATOM   71   C CG1 . VAL A 1 9   ? 3.871   4.720   5.673   1.00 16.85 ? 9   VAL A CG1 1 
ATOM   72   C CG2 . VAL A 1 9   ? 2.783   5.995   3.818   1.00 16.94 ? 9   VAL A CG2 1 
ATOM   73   N N   . VAL A 1 10  ? 1.824   5.891   8.228   1.00 16.70 ? 10  VAL A N   1 
ATOM   74   C CA  . VAL A 1 10  ? 1.985   5.526   9.631   1.00 16.57 ? 10  VAL A CA  1 
ATOM   75   C C   . VAL A 1 10  ? 0.728   4.845   10.172  1.00 16.17 ? 10  VAL A C   1 
ATOM   76   O O   . VAL A 1 10  ? 0.812   3.818   10.848  1.00 16.26 ? 10  VAL A O   1 
ATOM   77   C CB  . VAL A 1 10  ? 2.327   6.760   10.510  1.00 17.28 ? 10  VAL A CB  1 
ATOM   78   C CG1 . VAL A 1 10  ? 2.312   6.373   11.989  1.00 17.68 ? 10  VAL A CG1 1 
ATOM   79   C CG2 . VAL A 1 10  ? 3.701   7.296   10.132  1.00 17.61 ? 10  VAL A CG2 1 
ATOM   80   N N   . ASP A 1 11  ? -0.442  5.398   9.867   1.00 15.68 ? 11  ASP A N   1 
ATOM   81   C CA  . ASP A 1 11  ? -1.676  4.797   10.356  1.00 15.26 ? 11  ASP A CA  1 
ATOM   82   C C   . ASP A 1 11  ? -1.862  3.395   9.799   1.00 14.57 ? 11  ASP A C   1 
ATOM   83   O O   . ASP A 1 11  ? -2.202  2.464   10.530  1.00 14.75 ? 11  ASP A O   1 
ATOM   84   C CB  . ASP A 1 11  ? -2.894  5.641   9.966   1.00 16.02 ? 11  ASP A CB  1 
ATOM   85   C CG  . ASP A 1 11  ? -4.199  5.034   10.455  1.00 16.94 ? 11  ASP A CG  1 
ATOM   86   O OD1 . ASP A 1 11  ? -4.545  5.252   11.639  1.00 18.39 ? 11  ASP A OD1 1 
ATOM   87   O OD2 . ASP A 1 11  ? -4.871  4.334   9.668   1.00 16.99 ? 11  ASP A OD2 1 
ATOM   88   N N   . PHE A 1 12  ? -1.622  3.235   8.502   1.00 13.83 ? 12  PHE A N   1 
ATOM   89   C CA  . PHE A 1 12  ? -1.821  1.944   7.876   1.00 13.32 ? 12  PHE A CA  1 
ATOM   90   C C   . PHE A 1 12  ? -0.858  0.887   8.406   1.00 12.92 ? 12  PHE A C   1 
ATOM   91   O O   . PHE A 1 12  ? -1.266  -0.239  8.678   1.00 12.67 ? 12  PHE A O   1 
ATOM   92   C CB  . PHE A 1 12  ? -1.696  2.066   6.358   1.00 13.21 ? 12  PHE A CB  1 
ATOM   93   C CG  . PHE A 1 12  ? -2.126  0.837   5.624   1.00 13.24 ? 12  PHE A CG  1 
ATOM   94   C CD1 . PHE A 1 12  ? -1.199  -0.138  5.276   1.00 13.29 ? 12  PHE A CD1 1 
ATOM   95   C CD2 . PHE A 1 12  ? -3.466  0.643   5.287   1.00 13.45 ? 12  PHE A CD2 1 
ATOM   96   C CE1 . PHE A 1 12  ? -1.595  -1.279  4.614   1.00 12.76 ? 12  PHE A CE1 1 
ATOM   97   C CE2 . PHE A 1 12  ? -3.877  -0.496  4.625   1.00 13.58 ? 12  PHE A CE2 1 
ATOM   98   C CZ  . PHE A 1 12  ? -2.934  -1.468  4.282   1.00 13.44 ? 12  PHE A CZ  1 
ATOM   99   N N   . LEU A 1 13  ? 0.408   1.250   8.558   1.00 13.09 ? 13  LEU A N   1 
ATOM   100  C CA  . LEU A 1 13  ? 1.392   0.290   9.065   1.00 13.29 ? 13  LEU A CA  1 
ATOM   101  C C   . LEU A 1 13  ? 1.132   -0.053  10.531  1.00 13.73 ? 13  LEU A C   1 
ATOM   102  O O   . LEU A 1 13  ? 1.288   -1.201  10.950  1.00 13.54 ? 13  LEU A O   1 
ATOM   103  C CB  . LEU A 1 13  ? 2.811   0.838   8.910   1.00 13.05 ? 13  LEU A CB  1 
ATOM   104  C CG  . LEU A 1 13  ? 3.313   1.100   7.485   1.00 13.09 ? 13  LEU A CG  1 
ATOM   105  C CD1 . LEU A 1 13  ? 4.733   1.623   7.568   1.00 12.76 ? 13  LEU A CD1 1 
ATOM   106  C CD2 . LEU A 1 13  ? 3.249   -0.159  6.645   1.00 13.04 ? 13  LEU A CD2 1 
ATOM   107  N N   . SER A 1 14  ? 0.729   0.941   11.311  1.00 13.74 ? 14  SER A N   1 
ATOM   108  C CA  . SER A 1 14  ? 0.449   0.699   12.720  1.00 14.24 ? 14  SER A CA  1 
ATOM   109  C C   . SER A 1 14  ? -0.724  -0.263  12.813  1.00 13.94 ? 14  SER A C   1 
ATOM   110  O O   . SER A 1 14  ? -0.742  -1.163  13.655  1.00 14.38 ? 14  SER A O   1 
ATOM   111  C CB  . SER A 1 14  ? 0.095   2.008   13.427  1.00 14.81 ? 14  SER A CB  1 
ATOM   112  O OG  . SER A 1 14  ? 1.199   2.894   13.461  1.00 17.77 ? 14  SER A OG  1 
ATOM   113  N N   . TYR A 1 15  ? -1.710  -0.058  11.945  1.00 13.25 ? 15  TYR A N   1 
ATOM   114  C CA  . TYR A 1 15  ? -2.896  -0.901  11.917  1.00 13.55 ? 15  TYR A CA  1 
ATOM   115  C C   . TYR A 1 15  ? -2.538  -2.342  11.554  1.00 12.97 ? 15  TYR A C   1 
ATOM   116  O O   . TYR A 1 15  ? -2.948  -3.285  12.239  1.00 12.84 ? 15  TYR A O   1 
ATOM   117  C CB  . TYR A 1 15  ? -3.908  -0.333  10.913  1.00 13.17 ? 15  TYR A CB  1 
ATOM   118  C CG  . TYR A 1 15  ? -5.172  -1.146  10.760  1.00 14.01 ? 15  TYR A CG  1 
ATOM   119  C CD1 . TYR A 1 15  ? -5.987  -1.415  11.860  1.00 14.73 ? 15  TYR A CD1 1 
ATOM   120  C CD2 . TYR A 1 15  ? -5.566  -1.634  9.515   1.00 14.28 ? 15  TYR A CD2 1 
ATOM   121  C CE1 . TYR A 1 15  ? -7.158  -2.146  11.722  1.00 15.26 ? 15  TYR A CE1 1 
ATOM   122  C CE2 . TYR A 1 15  ? -6.744  -2.374  9.364   1.00 14.79 ? 15  TYR A CE2 1 
ATOM   123  C CZ  . TYR A 1 15  ? -7.535  -2.623  10.477  1.00 15.15 ? 15  TYR A CZ  1 
ATOM   124  O OH  . TYR A 1 15  ? -8.694  -3.350  10.353  1.00 16.02 ? 15  TYR A OH  1 
ATOM   125  N N   . LYS A 1 16  ? -1.769  -2.524  10.482  1.00 12.83 ? 16  LYS A N   1 
ATOM   126  C CA  . LYS A 1 16  ? -1.395  -3.877  10.082  1.00 12.97 ? 16  LYS A CA  1 
ATOM   127  C C   . LYS A 1 16  ? -0.542  -4.563  11.145  1.00 13.05 ? 16  LYS A C   1 
ATOM   128  O O   . LYS A 1 16  ? -0.654  -5.771  11.359  1.00 12.72 ? 16  LYS A O   1 
ATOM   129  C CB  . LYS A 1 16  ? -0.668  -3.852  8.730   1.00 13.37 ? 16  LYS A CB  1 
ATOM   130  C CG  . LYS A 1 16  ? -1.609  -3.601  7.562   1.00 14.60 ? 16  LYS A CG  1 
ATOM   131  C CD  . LYS A 1 16  ? -2.649  -4.718  7.481   1.00 15.13 ? 16  LYS A CD  1 
ATOM   132  C CE  . LYS A 1 16  ? -3.923  -4.282  6.775   1.00 16.13 ? 16  LYS A CE  1 
ATOM   133  N NZ  . LYS A 1 16  ? -4.895  -5.398  6.748   1.00 16.52 ? 16  LYS A NZ  1 
ATOM   134  N N   . LEU A 1 17  ? 0.312   -3.805  11.816  1.00 12.56 ? 17  LEU A N   1 
ATOM   135  C CA  . LEU A 1 17  ? 1.130   -4.394  12.867  1.00 12.99 ? 17  LEU A CA  1 
ATOM   136  C C   . LEU A 1 17  ? 0.241   -4.796  14.042  1.00 13.26 ? 17  LEU A C   1 
ATOM   137  O O   . LEU A 1 17  ? 0.498   -5.788  14.710  1.00 13.37 ? 17  LEU A O   1 
ATOM   138  C CB  . LEU A 1 17  ? 2.207   -3.415  13.332  1.00 12.80 ? 17  LEU A CB  1 
ATOM   139  C CG  . LEU A 1 17  ? 3.407   -3.297  12.385  1.00 12.90 ? 17  LEU A CG  1 
ATOM   140  C CD1 . LEU A 1 17  ? 4.243   -2.085  12.730  1.00 13.07 ? 17  LEU A CD1 1 
ATOM   141  C CD2 . LEU A 1 17  ? 4.248   -4.572  12.491  1.00 13.30 ? 17  LEU A CD2 1 
ATOM   142  N N   . SER A 1 18  ? -0.823  -4.037  14.281  1.00 14.01 ? 18  SER A N   1 
ATOM   143  C CA  . SER A 1 18  ? -1.707  -4.365  15.394  1.00 14.63 ? 18  SER A CA  1 
ATOM   144  C C   . SER A 1 18  ? -2.436  -5.682  15.129  1.00 15.10 ? 18  SER A C   1 
ATOM   145  O O   . SER A 1 18  ? -2.744  -6.426  16.059  1.00 14.93 ? 18  SER A O   1 
ATOM   146  C CB  . SER A 1 18  ? -2.717  -3.233  15.643  1.00 15.05 ? 18  SER A CB  1 
ATOM   147  O OG  . SER A 1 18  ? -3.805  -3.298  14.741  1.00 15.95 ? 18  SER A OG  1 
ATOM   148  N N   . GLN A 1 19  ? -2.689  -5.985  13.859  1.00 15.17 ? 19  GLN A N   1 
ATOM   149  C CA  . GLN A 1 19  ? -3.387  -7.215  13.506  1.00 15.57 ? 19  GLN A CA  1 
ATOM   150  C C   . GLN A 1 19  ? -2.518  -8.440  13.737  1.00 15.82 ? 19  GLN A C   1 
ATOM   151  O O   . GLN A 1 19  ? -3.021  -9.559  13.765  1.00 15.95 ? 19  GLN A O   1 
ATOM   152  C CB  . GLN A 1 19  ? -3.860  -7.170  12.054  1.00 15.45 ? 19  GLN A CB  1 
ATOM   153  C CG  . GLN A 1 19  ? -4.850  -6.053  11.775  1.00 15.99 ? 19  GLN A CG  1 
ATOM   154  C CD  . GLN A 1 19  ? -5.364  -6.068  10.352  1.00 16.32 ? 19  GLN A CD  1 
ATOM   155  O OE1 . GLN A 1 19  ? -4.599  -6.257  9.409   1.00 17.03 ? 19  GLN A OE1 1 
ATOM   156  N NE2 . GLN A 1 19  ? -6.663  -5.851  10.186  1.00 16.22 ? 19  GLN A NE2 1 
ATOM   157  N N   . LYS A 1 20  ? -1.218  -8.217  13.907  1.00 15.72 ? 20  LYS A N   1 
ATOM   158  C CA  . LYS A 1 20  ? -0.277  -9.305  14.160  1.00 16.39 ? 20  LYS A CA  1 
ATOM   159  C C   . LYS A 1 20  ? 0.173   -9.310  15.619  1.00 16.53 ? 20  LYS A C   1 
ATOM   160  O O   . LYS A 1 20  ? 1.117   -10.018 15.991  1.00 16.43 ? 20  LYS A O   1 
ATOM   161  C CB  . LYS A 1 20  ? 0.941   -9.172  13.244  1.00 16.67 ? 20  LYS A CB  1 
ATOM   162  C CG  . LYS A 1 20  ? 0.634   -9.386  11.773  1.00 17.24 ? 20  LYS A CG  1 
ATOM   163  C CD  . LYS A 1 20  ? 0.287   -10.831 11.462  1.00 17.46 ? 20  LYS A CD  1 
ATOM   164  C CE  . LYS A 1 20  ? 0.293   -11.106 9.963   1.00 17.53 ? 20  LYS A CE  1 
ATOM   165  N NZ  . LYS A 1 20  ? -0.703  -10.312 9.183   1.00 17.86 ? 20  LYS A NZ  1 
ATOM   166  N N   . GLY A 1 21  ? -0.494  -8.507  16.440  1.00 16.53 ? 21  GLY A N   1 
ATOM   167  C CA  . GLY A 1 21  ? -0.162  -8.443  17.851  1.00 16.96 ? 21  GLY A CA  1 
ATOM   168  C C   . GLY A 1 21  ? 1.066   -7.621  18.177  1.00 16.93 ? 21  GLY A C   1 
ATOM   169  O O   . GLY A 1 21  ? 1.788   -7.929  19.123  1.00 16.71 ? 21  GLY A O   1 
ATOM   170  N N   . TYR A 1 22  ? 1.305   -6.571  17.394  1.00 17.37 ? 22  TYR A N   1 
ATOM   171  C CA  . TYR A 1 22  ? 2.455   -5.707  17.613  1.00 18.16 ? 22  TYR A CA  1 
ATOM   172  C C   . TYR A 1 22  ? 2.069   -4.244  17.780  1.00 18.86 ? 22  TYR A C   1 
ATOM   173  O O   . TYR A 1 22  ? 1.107   -3.762  17.176  1.00 18.53 ? 22  TYR A O   1 
ATOM   174  C CB  . TYR A 1 22  ? 3.434   -5.819  16.446  1.00 18.17 ? 22  TYR A CB  1 
ATOM   175  C CG  . TYR A 1 22  ? 4.135   -7.142  16.367  1.00 18.71 ? 22  TYR A CG  1 
ATOM   176  C CD1 . TYR A 1 22  ? 5.104   -7.494  17.303  1.00 18.90 ? 22  TYR A CD1 1 
ATOM   177  C CD2 . TYR A 1 22  ? 3.833   -8.043  15.358  1.00 19.23 ? 22  TYR A CD2 1 
ATOM   178  C CE1 . TYR A 1 22  ? 5.762   -8.727  17.226  1.00 19.23 ? 22  TYR A CE1 1 
ATOM   179  C CE2 . TYR A 1 22  ? 4.477   -9.267  15.272  1.00 19.64 ? 22  TYR A CE2 1 
ATOM   180  C CZ  . TYR A 1 22  ? 5.441   -9.601  16.203  1.00 19.74 ? 22  TYR A CZ  1 
ATOM   181  O OH  . TYR A 1 22  ? 6.105   -10.802 16.076  1.00 20.62 ? 22  TYR A OH  1 
ATOM   182  N N   . SER A 1 23  ? 2.837   -3.547  18.606  1.00 19.58 ? 23  SER A N   1 
ATOM   183  C CA  . SER A 1 23  ? 2.620   -2.133  18.858  1.00 21.05 ? 23  SER A CA  1 
ATOM   184  C C   . SER A 1 23  ? 3.867   -1.385  18.415  1.00 22.06 ? 23  SER A C   1 
ATOM   185  O O   . SER A 1 23  ? 4.969   -1.652  18.895  1.00 22.22 ? 23  SER A O   1 
ATOM   186  C CB  . SER A 1 23  ? 2.363   -1.888  20.346  1.00 20.94 ? 23  SER A CB  1 
ATOM   187  O OG  . SER A 1 23  ? 2.135   -0.512  20.577  1.00 21.97 ? 23  SER A OG  1 
ATOM   188  N N   . TRP A 1 24  ? 3.689   -0.450  17.491  1.00 23.48 ? 24  TRP A N   1 
ATOM   189  C CA  . TRP A 1 24  ? 4.805   0.316   16.962  1.00 25.04 ? 24  TRP A CA  1 
ATOM   190  C C   . TRP A 1 24  ? 4.787   1.786   17.380  1.00 26.72 ? 24  TRP A C   1 
ATOM   191  O O   . TRP A 1 24  ? 3.770   2.470   17.262  1.00 26.96 ? 24  TRP A O   1 
ATOM   192  C CB  . TRP A 1 24  ? 4.812   0.180   15.439  1.00 24.05 ? 24  TRP A CB  1 
ATOM   193  C CG  . TRP A 1 24  ? 5.788   1.051   14.733  1.00 23.10 ? 24  TRP A CG  1 
ATOM   194  C CD1 . TRP A 1 24  ? 7.119   1.187   15.000  1.00 22.91 ? 24  TRP A CD1 1 
ATOM   195  C CD2 . TRP A 1 24  ? 5.516   1.883   13.608  1.00 22.67 ? 24  TRP A CD2 1 
ATOM   196  N NE1 . TRP A 1 24  ? 7.695   2.056   14.103  1.00 22.53 ? 24  TRP A NE1 1 
ATOM   197  C CE2 . TRP A 1 24  ? 6.730   2.497   13.237  1.00 22.44 ? 24  TRP A CE2 1 
ATOM   198  C CE3 . TRP A 1 24  ? 4.357   2.168   12.873  1.00 22.35 ? 24  TRP A CE3 1 
ATOM   199  C CZ2 . TRP A 1 24  ? 6.822   3.381   12.163  1.00 22.40 ? 24  TRP A CZ2 1 
ATOM   200  C CZ3 . TRP A 1 24  ? 4.450   3.048   11.804  1.00 22.67 ? 24  TRP A CZ3 1 
ATOM   201  C CH2 . TRP A 1 24  ? 5.676   3.645   11.460  1.00 22.32 ? 24  TRP A CH2 1 
ATOM   202  N N   . SER A 1 25  ? 5.934   2.250   17.873  1.00 28.64 ? 25  SER A N   1 
ATOM   203  C CA  . SER A 1 25  ? 6.116   3.623   18.337  1.00 30.77 ? 25  SER A CA  1 
ATOM   204  C C   . SER A 1 25  ? 5.593   4.670   17.358  1.00 31.94 ? 25  SER A C   1 
ATOM   205  O O   . SER A 1 25  ? 5.091   5.717   17.772  1.00 32.32 ? 25  SER A O   1 
ATOM   206  C CB  . SER A 1 25  ? 7.601   3.881   18.591  1.00 30.86 ? 25  SER A CB  1 
ATOM   207  O OG  . SER A 1 25  ? 8.324   3.885   17.366  1.00 31.56 ? 25  SER A OG  1 
ATOM   208  N N   . GLN A 1 26  ? 5.718   4.380   16.065  1.00 33.20 ? 26  GLN A N   1 
ATOM   209  C CA  . GLN A 1 26  ? 5.275   5.283   15.002  1.00 34.50 ? 26  GLN A CA  1 
ATOM   210  C C   . GLN A 1 26  ? 6.199   6.491   14.901  1.00 35.32 ? 26  GLN A C   1 
ATOM   211  O O   . GLN A 1 26  ? 5.798   7.554   14.422  1.00 35.65 ? 26  GLN A O   1 
ATOM   212  C CB  . GLN A 1 26  ? 3.839   5.743   15.252  1.00 34.60 ? 26  GLN A CB  1 
ATOM   213  N N   . PHE A 1 27  ? 7.439   6.320   15.353  1.00 36.31 ? 27  PHE A N   1 
ATOM   214  C CA  . PHE A 1 27  ? 8.426   7.394   15.327  1.00 37.09 ? 27  PHE A CA  1 
ATOM   215  C C   . PHE A 1 27  ? 9.351   7.289   14.119  1.00 37.66 ? 27  PHE A C   1 
ATOM   216  O O   . PHE A 1 27  ? 9.112   6.493   13.207  1.00 37.92 ? 27  PHE A O   1 
ATOM   217  C CB  . PHE A 1 27  ? 9.246   7.372   16.607  1.00 37.13 ? 27  PHE A CB  1 
ATOM   218  N N   . SER A 1 28  ? 10.408  8.099   14.132  1.00 38.09 ? 28  SER A N   1 
ATOM   219  C CA  . SER A 1 28  ? 11.400  8.138   13.061  1.00 38.50 ? 28  SER A CA  1 
ATOM   220  C C   . SER A 1 28  ? 10.819  8.724   11.781  1.00 38.67 ? 28  SER A C   1 
ATOM   221  O O   . SER A 1 28  ? 11.079  9.880   11.442  1.00 39.04 ? 28  SER A O   1 
ATOM   222  C CB  . SER A 1 28  ? 11.948  6.738   12.797  1.00 38.62 ? 28  SER A CB  1 
ATOM   223  N N   . ARG A 1 78  ? -19.192 15.474  -0.631  1.00 31.89 ? 78  ARG A N   1 
ATOM   224  C CA  . ARG A 1 78  ? -18.243 16.187  0.214   1.00 31.60 ? 78  ARG A CA  1 
ATOM   225  C C   . ARG A 1 78  ? -16.907 16.321  -0.499  1.00 31.32 ? 78  ARG A C   1 
ATOM   226  O O   . ARG A 1 78  ? -16.121 15.372  -0.544  1.00 31.51 ? 78  ARG A O   1 
ATOM   227  C CB  . ARG A 1 78  ? -18.050 15.451  1.534   1.00 31.79 ? 78  ARG A CB  1 
ATOM   228  N N   . GLU A 1 79  ? -16.657 17.504  -1.047  1.00 30.81 ? 79  GLU A N   1 
ATOM   229  C CA  . GLU A 1 79  ? -15.418 17.777  -1.763  1.00 30.18 ? 79  GLU A CA  1 
ATOM   230  C C   . GLU A 1 79  ? -14.253 17.875  -0.774  1.00 29.15 ? 79  GLU A C   1 
ATOM   231  O O   . GLU A 1 79  ? -13.089 17.830  -1.169  1.00 28.79 ? 79  GLU A O   1 
ATOM   232  C CB  . GLU A 1 79  ? -15.541 19.088  -2.554  1.00 31.15 ? 79  GLU A CB  1 
ATOM   233  C CG  . GLU A 1 79  ? -16.835 19.259  -3.368  1.00 32.03 ? 79  GLU A CG  1 
ATOM   234  C CD  . GLU A 1 79  ? -16.742 18.735  -4.797  1.00 32.89 ? 79  GLU A CD  1 
ATOM   235  O OE1 . GLU A 1 79  ? -15.821 19.153  -5.535  1.00 33.77 ? 79  GLU A OE1 1 
ATOM   236  O OE2 . GLU A 1 79  ? -17.602 17.916  -5.187  1.00 33.41 ? 79  GLU A OE2 1 
ATOM   237  N N   . VAL A 1 80  ? -14.569 18.011  0.510   1.00 27.95 ? 80  VAL A N   1 
ATOM   238  C CA  . VAL A 1 80  ? -13.543 18.103  1.545   1.00 26.86 ? 80  VAL A CA  1 
ATOM   239  C C   . VAL A 1 80  ? -13.878 17.161  2.693   1.00 26.01 ? 80  VAL A C   1 
ATOM   240  O O   . VAL A 1 80  ? -14.947 17.253  3.297   1.00 26.06 ? 80  VAL A O   1 
ATOM   241  C CB  . VAL A 1 80  ? -13.418 19.544  2.099   1.00 26.95 ? 80  VAL A CB  1 
ATOM   242  C CG1 . VAL A 1 80  ? -14.749 20.014  2.604   1.00 27.34 ? 80  VAL A CG1 1 
ATOM   243  C CG2 . VAL A 1 80  ? -12.387 19.590  3.217   1.00 26.79 ? 80  VAL A CG2 1 
ATOM   244  N N   . ILE A 1 81  ? -12.974 16.241  2.992   1.00 24.83 ? 81  ILE A N   1 
ATOM   245  C CA  . ILE A 1 81  ? -13.232 15.311  4.080   1.00 23.75 ? 81  ILE A CA  1 
ATOM   246  C C   . ILE A 1 81  ? -12.057 15.206  5.033   1.00 22.74 ? 81  ILE A C   1 
ATOM   247  O O   . ILE A 1 81  ? -10.916 15.481  4.666   1.00 22.60 ? 81  ILE A O   1 
ATOM   248  C CB  . ILE A 1 81  ? -13.559 13.903  3.555   1.00 24.03 ? 81  ILE A CB  1 
ATOM   249  C CG1 . ILE A 1 81  ? -12.374 13.367  2.751   1.00 24.05 ? 81  ILE A CG1 1 
ATOM   250  C CG2 . ILE A 1 81  ? -14.829 13.945  2.714   1.00 24.30 ? 81  ILE A CG2 1 
ATOM   251  C CD1 . ILE A 1 81  ? -12.509 11.907  2.375   1.00 24.10 ? 81  ILE A CD1 1 
ATOM   252  N N   . PRO A 1 82  ? -12.325 14.812  6.286   1.00 21.85 ? 82  PRO A N   1 
ATOM   253  C CA  . PRO A 1 82  ? -11.252 14.681  7.271   1.00 21.13 ? 82  PRO A CA  1 
ATOM   254  C C   . PRO A 1 82  ? -10.348 13.489  6.971   1.00 20.64 ? 82  PRO A C   1 
ATOM   255  O O   . PRO A 1 82  ? -10.796 12.473  6.438   1.00 20.45 ? 82  PRO A O   1 
ATOM   256  C CB  . PRO A 1 82  ? -12.012 14.515  8.586   1.00 21.27 ? 82  PRO A CB  1 
ATOM   257  C CG  . PRO A 1 82  ? -13.254 13.809  8.162   1.00 21.79 ? 82  PRO A CG  1 
ATOM   258  C CD  . PRO A 1 82  ? -13.640 14.527  6.893   1.00 21.76 ? 82  PRO A CD  1 
ATOM   259  N N   . MET A 1 83  ? -9.073  13.624  7.314   1.00 19.94 ? 83  MET A N   1 
ATOM   260  C CA  . MET A 1 83  ? -8.113  12.557  7.086   1.00 19.97 ? 83  MET A CA  1 
ATOM   261  C C   . MET A 1 83  ? -8.511  11.291  7.824   1.00 19.49 ? 83  MET A C   1 
ATOM   262  O O   . MET A 1 83  ? -8.117  10.193  7.436   1.00 19.37 ? 83  MET A O   1 
ATOM   263  C CB  . MET A 1 83  ? -6.720  13.002  7.528   1.00 20.56 ? 83  MET A CB  1 
ATOM   264  C CG  . MET A 1 83  ? -6.017  13.875  6.513   1.00 21.87 ? 83  MET A CG  1 
ATOM   265  S SD  . MET A 1 83  ? -5.770  12.984  4.960   1.00 23.02 ? 83  MET A SD  1 
ATOM   266  C CE  . MET A 1 83  ? -4.614  11.725  5.487   1.00 23.66 ? 83  MET A CE  1 
ATOM   267  N N   . ALA A 1 84  ? -9.294  11.436  8.889   1.00 18.89 ? 84  ALA A N   1 
ATOM   268  C CA  . ALA A 1 84  ? -9.729  10.272  9.652   1.00 18.62 ? 84  ALA A CA  1 
ATOM   269  C C   . ALA A 1 84  ? -10.546 9.334   8.774   1.00 18.19 ? 84  ALA A C   1 
ATOM   270  O O   . ALA A 1 84  ? -10.479 8.113   8.922   1.00 18.10 ? 84  ALA A O   1 
ATOM   271  C CB  . ALA A 1 84  ? -10.550 10.704  10.857  1.00 18.54 ? 84  ALA A CB  1 
ATOM   272  N N   . ALA A 1 85  ? -11.325 9.911   7.865   1.00 17.73 ? 85  ALA A N   1 
ATOM   273  C CA  . ALA A 1 85  ? -12.156 9.125   6.969   1.00 17.22 ? 85  ALA A CA  1 
ATOM   274  C C   . ALA A 1 85  ? -11.300 8.488   5.874   1.00 17.10 ? 85  ALA A C   1 
ATOM   275  O O   . ALA A 1 85  ? -11.622 7.412   5.375   1.00 16.97 ? 85  ALA A O   1 
ATOM   276  C CB  . ALA A 1 85  ? -13.237 10.004  6.355   1.00 17.17 ? 85  ALA A CB  1 
ATOM   277  N N   . VAL A 1 86  ? -10.214 9.159   5.502   1.00 16.35 ? 86  VAL A N   1 
ATOM   278  C CA  . VAL A 1 86  ? -9.318  8.622   4.481   1.00 16.08 ? 86  VAL A CA  1 
ATOM   279  C C   . VAL A 1 86  ? -8.611  7.401   5.066   1.00 16.00 ? 86  VAL A C   1 
ATOM   280  O O   . VAL A 1 86  ? -8.548  6.350   4.429   1.00 15.69 ? 86  VAL A O   1 
ATOM   281  C CB  . VAL A 1 86  ? -8.255  9.651   4.050   1.00 15.89 ? 86  VAL A CB  1 
ATOM   282  C CG1 . VAL A 1 86  ? -7.381  9.052   2.954   1.00 15.50 ? 86  VAL A CG1 1 
ATOM   283  C CG2 . VAL A 1 86  ? -8.932  10.924  3.545   1.00 15.46 ? 86  VAL A CG2 1 
ATOM   284  N N   . LYS A 1 87  ? -8.089  7.551   6.279   1.00 16.05 ? 87  LYS A N   1 
ATOM   285  C CA  . LYS A 1 87  ? -7.407  6.455   6.970   1.00 16.18 ? 87  LYS A CA  1 
ATOM   286  C C   . LYS A 1 87  ? -8.326  5.245   7.098   1.00 16.47 ? 87  LYS A C   1 
ATOM   287  O O   . LYS A 1 87  ? -7.927  4.107   6.848   1.00 16.02 ? 87  LYS A O   1 
ATOM   288  C CB  . LYS A 1 87  ? -6.977  6.884   8.374   1.00 16.62 ? 87  LYS A CB  1 
ATOM   289  C CG  . LYS A 1 87  ? -5.894  7.937   8.425   1.00 17.19 ? 87  LYS A CG  1 
ATOM   290  C CD  . LYS A 1 87  ? -5.604  8.321   9.853   1.00 18.37 ? 87  LYS A CD  1 
ATOM   291  C CE  . LYS A 1 87  ? -4.606  9.458   9.927   1.00 18.99 ? 87  LYS A CE  1 
ATOM   292  N NZ  . LYS A 1 87  ? -4.380  9.842   11.341  1.00 19.95 ? 87  LYS A NZ  1 
ATOM   293  N N   . GLN A 1 88  ? -9.563  5.491   7.511   1.00 16.76 ? 88  GLN A N   1 
ATOM   294  C CA  . GLN A 1 88  ? -10.527 4.418   7.673   1.00 17.65 ? 88  GLN A CA  1 
ATOM   295  C C   . GLN A 1 88  ? -10.794 3.700   6.351   1.00 17.02 ? 88  GLN A C   1 
ATOM   296  O O   . GLN A 1 88  ? -10.866 2.471   6.295   1.00 17.09 ? 88  GLN A O   1 
ATOM   297  C CB  . GLN A 1 88  ? -11.824 5.000   8.242   1.00 19.39 ? 88  GLN A CB  1 
ATOM   298  C CG  . GLN A 1 88  ? -12.368 4.251   9.427   1.00 23.00 ? 88  GLN A CG  1 
ATOM   299  C CD  . GLN A 1 88  ? -13.298 3.140   9.025   1.00 24.41 ? 88  GLN A CD  1 
ATOM   300  O OE1 . GLN A 1 88  ? -12.954 2.296   8.200   1.00 26.48 ? 88  GLN A OE1 1 
ATOM   301  N NE2 . GLN A 1 88  ? -14.493 3.127   9.610   1.00 25.68 ? 88  GLN A NE2 1 
ATOM   302  N N   . ALA A 1 89  ? -10.940 4.470   5.279   1.00 16.49 ? 89  ALA A N   1 
ATOM   303  C CA  . ALA A 1 89  ? -11.207 3.895   3.973   1.00 15.95 ? 89  ALA A CA  1 
ATOM   304  C C   . ALA A 1 89  ? -10.019 3.045   3.525   1.00 15.52 ? 89  ALA A C   1 
ATOM   305  O O   . ALA A 1 89  ? -10.211 1.988   2.934   1.00 15.59 ? 89  ALA A O   1 
ATOM   306  C CB  . ALA A 1 89  ? -11.477 4.993   2.950   1.00 15.80 ? 89  ALA A CB  1 
ATOM   307  N N   . LEU A 1 90  ? -8.807  3.506   3.816   1.00 15.22 ? 90  LEU A N   1 
ATOM   308  C CA  . LEU A 1 90  ? -7.604  2.763   3.419   1.00 15.28 ? 90  LEU A CA  1 
ATOM   309  C C   . LEU A 1 90  ? -7.461  1.500   4.253   1.00 15.61 ? 90  LEU A C   1 
ATOM   310  O O   . LEU A 1 90  ? -7.061  0.453   3.742   1.00 15.31 ? 90  LEU A O   1 
ATOM   311  C CB  . LEU A 1 90  ? -6.346  3.632   3.558   1.00 15.52 ? 90  LEU A CB  1 
ATOM   312  C CG  . LEU A 1 90  ? -5.065  3.074   2.924   1.00 15.53 ? 90  LEU A CG  1 
ATOM   313  C CD1 . LEU A 1 90  ? -5.297  2.789   1.450   1.00 16.08 ? 90  LEU A CD1 1 
ATOM   314  C CD2 . LEU A 1 90  ? -3.936  4.068   3.098   1.00 16.43 ? 90  LEU A CD2 1 
ATOM   315  N N   . ARG A 1 91  ? -7.778  1.590   5.539   1.00 15.75 ? 91  ARG A N   1 
ATOM   316  C CA  . ARG A 1 91  ? -7.705  0.411   6.395   1.00 16.25 ? 91  ARG A CA  1 
ATOM   317  C C   . ARG A 1 91  ? -8.680  -0.641  5.869   1.00 16.60 ? 91  ARG A C   1 
ATOM   318  O O   . ARG A 1 91  ? -8.347  -1.814  5.764   1.00 16.51 ? 91  ARG A O   1 
ATOM   319  C CB  . ARG A 1 91  ? -8.080  0.755   7.844   1.00 17.04 ? 91  ARG A CB  1 
ATOM   320  C CG  . ARG A 1 91  ? -7.086  1.625   8.591   1.00 18.46 ? 91  ARG A CG  1 
ATOM   321  C CD  . ARG A 1 91  ? -7.499  1.745   10.055  1.00 19.73 ? 91  ARG A CD  1 
ATOM   322  N NE  . ARG A 1 91  ? -6.562  2.540   10.840  1.00 21.75 ? 91  ARG A NE  1 
ATOM   323  C CZ  . ARG A 1 91  ? -6.703  2.784   12.139  1.00 22.26 ? 91  ARG A CZ  1 
ATOM   324  N NH1 . ARG A 1 91  ? -7.746  2.294   12.801  1.00 23.29 ? 91  ARG A NH1 1 
ATOM   325  N NH2 . ARG A 1 91  ? -5.806  3.518   12.780  1.00 23.45 ? 91  ARG A NH2 1 
ATOM   326  N N   . GLU A 1 92  ? -9.895  -0.216  5.538   1.00 16.72 ? 92  GLU A N   1 
ATOM   327  C CA  . GLU A 1 92  ? -10.905 -1.140  5.039   1.00 17.57 ? 92  GLU A CA  1 
ATOM   328  C C   . GLU A 1 92  ? -10.545 -1.771  3.698   1.00 17.18 ? 92  GLU A C   1 
ATOM   329  O O   . GLU A 1 92  ? -10.754 -2.970  3.493   1.00 16.71 ? 92  GLU A O   1 
ATOM   330  C CB  . GLU A 1 92  ? -12.247 -0.429  4.915   1.00 18.98 ? 92  GLU A CB  1 
ATOM   331  C CG  . GLU A 1 92  ? -12.906 -0.127  6.246   1.00 21.47 ? 92  GLU A CG  1 
ATOM   332  C CD  . GLU A 1 92  ? -14.101 0.794   6.084   1.00 22.95 ? 92  GLU A CD  1 
ATOM   333  O OE1 . GLU A 1 92  ? -14.819 1.018   7.078   1.00 24.33 ? 92  GLU A OE1 1 
ATOM   334  O OE2 . GLU A 1 92  ? -14.314 1.302   4.959   1.00 24.65 ? 92  GLU A OE2 1 
ATOM   335  N N   . ALA A 1 93  ? -10.017 -0.963  2.785   1.00 16.95 ? 93  ALA A N   1 
ATOM   336  C CA  . ALA A 1 93  ? -9.638  -1.459  1.468   1.00 16.96 ? 93  ALA A CA  1 
ATOM   337  C C   . ALA A 1 93  ? -8.491  -2.448  1.627   1.00 16.99 ? 93  ALA A C   1 
ATOM   338  O O   . ALA A 1 93  ? -8.455  -3.486  0.961   1.00 16.59 ? 93  ALA A O   1 
ATOM   339  C CB  . ALA A 1 93  ? -9.219  -0.302  0.565   1.00 17.09 ? 93  ALA A CB  1 
ATOM   340  N N   . GLY A 1 94  ? -7.571  -2.118  2.525   1.00 16.63 ? 94  GLY A N   1 
ATOM   341  C CA  . GLY A 1 94  ? -6.434  -2.984  2.781   1.00 16.80 ? 94  GLY A CA  1 
ATOM   342  C C   . GLY A 1 94  ? -6.881  -4.328  3.323   1.00 16.71 ? 94  GLY A C   1 
ATOM   343  O O   . GLY A 1 94  ? -6.358  -5.378  2.934   1.00 16.90 ? 94  GLY A O   1 
ATOM   344  N N   . ASP A 1 95  ? -7.852  -4.306  4.229   1.00 17.17 ? 95  ASP A N   1 
ATOM   345  C CA  . ASP A 1 95  ? -8.361  -5.551  4.794   1.00 17.51 ? 95  ASP A CA  1 
ATOM   346  C C   . ASP A 1 95  ? -9.056  -6.396  3.740   1.00 18.10 ? 95  ASP A C   1 
ATOM   347  O O   . ASP A 1 95  ? -8.871  -7.608  3.694   1.00 17.90 ? 95  ASP A O   1 
ATOM   348  C CB  . ASP A 1 95  ? -9.356  -5.282  5.926   1.00 17.81 ? 95  ASP A CB  1 
ATOM   349  C CG  . ASP A 1 95  ? -8.689  -4.828  7.199   1.00 18.00 ? 95  ASP A CG  1 
ATOM   350  O OD1 . ASP A 1 95  ? -7.454  -4.949  7.325   1.00 18.36 ? 95  ASP A OD1 1 
ATOM   351  O OD2 . ASP A 1 95  ? -9.419  -4.356  8.096   1.00 18.76 ? 95  ASP A OD2 1 
ATOM   352  N N   . GLU A 1 96  ? -9.873  -5.761  2.901   1.00 18.80 ? 96  GLU A N   1 
ATOM   353  C CA  . GLU A 1 96  ? -10.585 -6.500  1.868   1.00 19.88 ? 96  GLU A CA  1 
ATOM   354  C C   . GLU A 1 96  ? -9.588  -7.055  0.863   1.00 19.45 ? 96  GLU A C   1 
ATOM   355  O O   . GLU A 1 96  ? -9.745  -8.178  0.380   1.00 19.22 ? 96  GLU A O   1 
ATOM   356  C CB  . GLU A 1 96  ? -11.603 -5.606  1.145   1.00 21.28 ? 96  GLU A CB  1 
ATOM   357  C CG  . GLU A 1 96  ? -12.633 -6.403  0.334   1.00 24.44 ? 96  GLU A CG  1 
ATOM   358  C CD  . GLU A 1 96  ? -13.658 -5.535  -0.388  1.00 25.83 ? 96  GLU A CD  1 
ATOM   359  O OE1 . GLU A 1 96  ? -13.301 -4.888  -1.395  1.00 27.36 ? 96  GLU A OE1 1 
ATOM   360  O OE2 . GLU A 1 96  ? -14.832 -5.501  0.046   1.00 27.58 ? 96  GLU A OE2 1 
ATOM   361  N N   . PHE A 1 97  ? -8.560  -6.265  0.569   1.00 19.24 ? 97  PHE A N   1 
ATOM   362  C CA  . PHE A 1 97  ? -7.518  -6.655  -0.375  1.00 19.56 ? 97  PHE A CA  1 
ATOM   363  C C   . PHE A 1 97  ? -6.752  -7.859  0.157   1.00 20.05 ? 97  PHE A C   1 
ATOM   364  O O   . PHE A 1 97  ? -6.486  -8.811  -0.578  1.00 19.59 ? 97  PHE A O   1 
ATOM   365  C CB  . PHE A 1 97  ? -6.564  -5.475  -0.609  1.00 19.10 ? 97  PHE A CB  1 
ATOM   366  C CG  . PHE A 1 97  ? -5.510  -5.732  -1.652  1.00 19.04 ? 97  PHE A CG  1 
ATOM   367  C CD1 . PHE A 1 97  ? -4.296  -6.317  -1.313  1.00 19.06 ? 97  PHE A CD1 1 
ATOM   368  C CD2 . PHE A 1 97  ? -5.735  -5.386  -2.978  1.00 19.19 ? 97  PHE A CD2 1 
ATOM   369  C CE1 . PHE A 1 97  ? -3.318  -6.546  -2.287  1.00 19.10 ? 97  PHE A CE1 1 
ATOM   370  C CE2 . PHE A 1 97  ? -4.763  -5.611  -3.956  1.00 19.01 ? 97  PHE A CE2 1 
ATOM   371  C CZ  . PHE A 1 97  ? -3.557  -6.193  -3.606  1.00 19.06 ? 97  PHE A CZ  1 
ATOM   372  N N   . GLU A 1 98  ? -6.419  -7.815  1.442   1.00 20.98 ? 98  GLU A N   1 
ATOM   373  C CA  . GLU A 1 98  ? -5.676  -8.894  2.091   1.00 22.21 ? 98  GLU A CA  1 
ATOM   374  C C   . GLU A 1 98  ? -6.507  -10.168 2.209   1.00 22.92 ? 98  GLU A C   1 
ATOM   375  O O   . GLU A 1 98  ? -6.009  -11.268 1.982   1.00 22.63 ? 98  GLU A O   1 
ATOM   376  C CB  . GLU A 1 98  ? -5.218  -8.446  3.483   1.00 22.77 ? 98  GLU A CB  1 
ATOM   377  C CG  . GLU A 1 98  ? -4.182  -9.359  4.123   1.00 23.66 ? 98  GLU A CG  1 
ATOM   378  C CD  . GLU A 1 98  ? -3.696  -8.838  5.463   1.00 24.35 ? 98  GLU A CD  1 
ATOM   379  O OE1 . GLU A 1 98  ? -3.634  -7.602  5.642   1.00 24.54 ? 98  GLU A OE1 1 
ATOM   380  O OE2 . GLU A 1 98  ? -3.358  -9.665  6.336   1.00 24.84 ? 98  GLU A OE2 1 
ATOM   381  N N   . LEU A 1 99  ? -7.776  -10.031 2.572   1.00 24.01 ? 99  LEU A N   1 
ATOM   382  C CA  . LEU A 1 99  ? -8.624  -11.206 2.700   1.00 25.37 ? 99  LEU A CA  1 
ATOM   383  C C   . LEU A 1 99  ? -8.764  -11.931 1.373   1.00 26.48 ? 99  LEU A C   1 
ATOM   384  O O   . LEU A 1 99  ? -8.822  -13.159 1.325   1.00 26.67 ? 99  LEU A O   1 
ATOM   385  C CB  . LEU A 1 99  ? -10.010 -10.815 3.209   1.00 25.45 ? 99  LEU A CB  1 
ATOM   386  C CG  . LEU A 1 99  ? -10.109 -10.512 4.700   1.00 25.79 ? 99  LEU A CG  1 
ATOM   387  C CD1 . LEU A 1 99  ? -11.506 -10.003 5.013   1.00 25.95 ? 99  LEU A CD1 1 
ATOM   388  C CD2 . LEU A 1 99  ? -9.796  -11.769 5.504   1.00 25.84 ? 99  LEU A CD2 1 
ATOM   389  N N   . ARG A 1 100 ? -8.807  -11.163 0.294   1.00 27.65 ? 100 ARG A N   1 
ATOM   390  C CA  . ARG A 1 100 ? -8.964  -11.727 -1.037  1.00 29.16 ? 100 ARG A CA  1 
ATOM   391  C C   . ARG A 1 100 ? -7.670  -12.252 -1.659  1.00 29.81 ? 100 ARG A C   1 
ATOM   392  O O   . ARG A 1 100 ? -7.696  -13.246 -2.388  1.00 30.11 ? 100 ARG A O   1 
ATOM   393  C CB  . ARG A 1 100 ? -9.612  -10.682 -1.960  1.00 29.72 ? 100 ARG A CB  1 
ATOM   394  C CG  . ARG A 1 100 ? -9.818  -11.131 -3.398  1.00 30.88 ? 100 ARG A CG  1 
ATOM   395  C CD  . ARG A 1 100 ? -11.210 -10.779 -3.908  1.00 32.00 ? 100 ARG A CD  1 
ATOM   396  N NE  . ARG A 1 100 ? -11.546 -9.368  -3.721  1.00 33.02 ? 100 ARG A NE  1 
ATOM   397  C CZ  . ARG A 1 100 ? -12.689 -8.813  -4.117  1.00 33.34 ? 100 ARG A CZ  1 
ATOM   398  N NH1 . ARG A 1 100 ? -13.614 -9.545  -4.728  1.00 33.56 ? 100 ARG A NH1 1 
ATOM   399  N NH2 . ARG A 1 100 ? -12.915 -7.524  -3.894  1.00 33.70 ? 100 ARG A NH2 1 
ATOM   400  N N   . TYR A 1 101 ? -6.540  -11.618 -1.352  1.00 30.53 ? 101 TYR A N   1 
ATOM   401  C CA  . TYR A 1 101 ? -5.266  -12.026 -1.950  1.00 31.42 ? 101 TYR A CA  1 
ATOM   402  C C   . TYR A 1 101 ? -4.067  -12.220 -1.012  1.00 32.30 ? 101 TYR A C   1 
ATOM   403  O O   . TYR A 1 101 ? -2.927  -12.104 -1.466  1.00 32.29 ? 101 TYR A O   1 
ATOM   404  C CB  . TYR A 1 101 ? -4.838  -10.989 -2.993  1.00 31.02 ? 101 TYR A CB  1 
ATOM   405  C CG  . TYR A 1 101 ? -5.896  -10.561 -3.982  1.00 30.85 ? 101 TYR A CG  1 
ATOM   406  C CD1 . TYR A 1 101 ? -6.322  -11.417 -4.995  1.00 30.81 ? 101 TYR A CD1 1 
ATOM   407  C CD2 . TYR A 1 101 ? -6.426  -9.270  -3.942  1.00 30.73 ? 101 TYR A CD2 1 
ATOM   408  C CE1 . TYR A 1 101 ? -7.244  -10.995 -5.953  1.00 30.70 ? 101 TYR A CE1 1 
ATOM   409  C CE2 . TYR A 1 101 ? -7.347  -8.839  -4.894  1.00 30.67 ? 101 TYR A CE2 1 
ATOM   410  C CZ  . TYR A 1 101 ? -7.749  -9.704  -5.898  1.00 30.87 ? 101 TYR A CZ  1 
ATOM   411  O OH  . TYR A 1 101 ? -8.639  -9.271  -6.854  1.00 30.84 ? 101 TYR A OH  1 
ATOM   412  N N   . ARG A 1 102 ? -4.277  -12.531 0.263   1.00 33.56 ? 102 ARG A N   1 
ATOM   413  C CA  . ARG A 1 102 ? -3.126  -12.653 1.159   1.00 34.80 ? 102 ARG A CA  1 
ATOM   414  C C   . ARG A 1 102 ? -2.066  -13.687 0.780   1.00 35.25 ? 102 ARG A C   1 
ATOM   415  O O   . ARG A 1 102 ? -0.929  -13.601 1.245   1.00 35.38 ? 102 ARG A O   1 
ATOM   416  C CB  . ARG A 1 102 ? -3.568  -12.878 2.615   1.00 35.33 ? 102 ARG A CB  1 
ATOM   417  C CG  . ARG A 1 102 ? -3.843  -14.313 3.019   1.00 36.33 ? 102 ARG A CG  1 
ATOM   418  C CD  . ARG A 1 102 ? -5.296  -14.676 2.827   1.00 37.23 ? 102 ARG A CD  1 
ATOM   419  N NE  . ARG A 1 102 ? -5.616  -15.953 3.458   1.00 37.99 ? 102 ARG A NE  1 
ATOM   420  C CZ  . ARG A 1 102 ? -6.840  -16.461 3.525   1.00 38.33 ? 102 ARG A CZ  1 
ATOM   421  N NH1 . ARG A 1 102 ? -7.861  -15.799 2.996   1.00 38.56 ? 102 ARG A NH1 1 
ATOM   422  N NH2 . ARG A 1 102 ? -7.046  -17.627 4.125   1.00 38.57 ? 102 ARG A NH2 1 
ATOM   423  N N   . ARG A 1 103 ? -2.417  -14.653 -0.063  1.00 35.84 ? 103 ARG A N   1 
ATOM   424  C CA  . ARG A 1 103 ? -1.438  -15.659 -0.468  1.00 36.56 ? 103 ARG A CA  1 
ATOM   425  C C   . ARG A 1 103 ? -0.316  -15.015 -1.279  1.00 36.48 ? 103 ARG A C   1 
ATOM   426  O O   . ARG A 1 103 ? 0.789   -15.553 -1.362  1.00 36.68 ? 103 ARG A O   1 
ATOM   427  C CB  . ARG A 1 103 ? -2.095  -16.760 -1.306  1.00 37.32 ? 103 ARG A CB  1 
ATOM   428  C CG  . ARG A 1 103 ? -3.129  -17.612 -0.572  1.00 38.42 ? 103 ARG A CG  1 
ATOM   429  C CD  . ARG A 1 103 ? -2.600  -18.126 0.761   1.00 39.25 ? 103 ARG A CD  1 
ATOM   430  N NE  . ARG A 1 103 ? -3.172  -19.419 1.141   1.00 40.06 ? 103 ARG A NE  1 
ATOM   431  C CZ  . ARG A 1 103 ? -4.473  -19.688 1.211   1.00 40.42 ? 103 ARG A CZ  1 
ATOM   432  N NH1 . ARG A 1 103 ? -4.879  -20.899 1.572   1.00 40.66 ? 103 ARG A NH1 1 
ATOM   433  N NH2 . ARG A 1 103 ? -5.371  -18.758 0.914   1.00 40.46 ? 103 ARG A NH2 1 
ATOM   434  N N   . ALA A 1 104 ? -0.599  -13.858 -1.868  1.00 36.31 ? 104 ALA A N   1 
ATOM   435  C CA  . ALA A 1 104 ? 0.394   -13.154 -2.671  1.00 36.20 ? 104 ALA A CA  1 
ATOM   436  C C   . ALA A 1 104 ? 1.477   -12.495 -1.821  1.00 35.99 ? 104 ALA A C   1 
ATOM   437  O O   . ALA A 1 104 ? 2.528   -12.120 -2.337  1.00 36.13 ? 104 ALA A O   1 
ATOM   438  C CB  . ALA A 1 104 ? -0.290  -12.107 -3.544  1.00 36.43 ? 104 ALA A CB  1 
ATOM   439  N N   . PHE A 1 105 ? 1.227   -12.356 -0.523  1.00 35.60 ? 105 PHE A N   1 
ATOM   440  C CA  . PHE A 1 105 ? 2.201   -11.730 0.367   1.00 35.11 ? 105 PHE A CA  1 
ATOM   441  C C   . PHE A 1 105 ? 2.909   -12.735 1.266   1.00 34.36 ? 105 PHE A C   1 
ATOM   442  O O   . PHE A 1 105 ? 3.647   -12.351 2.174   1.00 34.36 ? 105 PHE A O   1 
ATOM   443  C CB  . PHE A 1 105 ? 1.521   -10.676 1.247   1.00 35.81 ? 105 PHE A CB  1 
ATOM   444  C CG  . PHE A 1 105 ? 0.755   -9.645  0.474   1.00 36.44 ? 105 PHE A CG  1 
ATOM   445  C CD1 . PHE A 1 105 ? -0.494  -9.942  -0.062  1.00 36.70 ? 105 PHE A CD1 1 
ATOM   446  C CD2 . PHE A 1 105 ? 1.293   -8.380  0.260   1.00 36.61 ? 105 PHE A CD2 1 
ATOM   447  C CE1 . PHE A 1 105 ? -1.196  -8.997  -0.802  1.00 37.03 ? 105 PHE A CE1 1 
ATOM   448  C CE2 . PHE A 1 105 ? 0.601   -7.427  -0.477  1.00 36.85 ? 105 PHE A CE2 1 
ATOM   449  C CZ  . PHE A 1 105 ? -0.646  -7.737  -1.009  1.00 37.07 ? 105 PHE A CZ  1 
ATOM   450  N N   . SER A 1 106 ? 2.694   -14.019 1.011   1.00 33.30 ? 106 SER A N   1 
ATOM   451  C CA  . SER A 1 106 ? 3.304   -15.062 1.827   1.00 32.26 ? 106 SER A CA  1 
ATOM   452  C C   . SER A 1 106 ? 4.829   -15.094 1.760   1.00 31.14 ? 106 SER A C   1 
ATOM   453  O O   . SER A 1 106 ? 5.416   -15.222 0.688   1.00 31.00 ? 106 SER A O   1 
ATOM   454  C CB  . SER A 1 106 ? 2.738   -16.431 1.440   1.00 32.60 ? 106 SER A CB  1 
ATOM   455  O OG  . SER A 1 106 ? 2.971   -16.711 0.072   1.00 33.21 ? 106 SER A OG  1 
ATOM   456  N N   . ASP A 1 107 ? 5.449   -14.972 2.930   1.00 30.04 ? 107 ASP A N   1 
ATOM   457  C CA  . ASP A 1 107 ? 6.902   -14.997 3.091   1.00 28.63 ? 107 ASP A CA  1 
ATOM   458  C C   . ASP A 1 107 ? 7.649   -14.119 2.091   1.00 27.45 ? 107 ASP A C   1 
ATOM   459  O O   . ASP A 1 107 ? 8.563   -14.578 1.404   1.00 26.79 ? 107 ASP A O   1 
ATOM   460  C CB  . ASP A 1 107 ? 7.408   -16.441 3.004   1.00 29.42 ? 107 ASP A CB  1 
ATOM   461  C CG  . ASP A 1 107 ? 8.637   -16.688 3.868   1.00 29.69 ? 107 ASP A CG  1 
ATOM   462  O OD1 . ASP A 1 107 ? 9.033   -17.866 4.001   1.00 30.19 ? 107 ASP A OD1 1 
ATOM   463  O OD2 . ASP A 1 107 ? 9.206   -15.714 4.415   1.00 30.01 ? 107 ASP A OD2 1 
ATOM   464  N N   . LEU A 1 108 ? 7.259   -12.852 2.013   1.00 25.93 ? 108 LEU A N   1 
ATOM   465  C CA  . LEU A 1 108 ? 7.922   -11.925 1.108   1.00 24.72 ? 108 LEU A CA  1 
ATOM   466  C C   . LEU A 1 108 ? 9.380   -11.774 1.507   1.00 23.73 ? 108 LEU A C   1 
ATOM   467  O O   . LEU A 1 108 ? 10.249  -11.630 0.653   1.00 23.35 ? 108 LEU A O   1 
ATOM   468  C CB  . LEU A 1 108 ? 7.254   -10.549 1.152   1.00 25.20 ? 108 LEU A CB  1 
ATOM   469  C CG  . LEU A 1 108 ? 5.846   -10.440 0.571   1.00 25.69 ? 108 LEU A CG  1 
ATOM   470  C CD1 . LEU A 1 108 ? 5.342   -9.006  0.739   1.00 26.03 ? 108 LEU A CD1 1 
ATOM   471  C CD2 . LEU A 1 108 ? 5.863   -10.841 -0.901  1.00 26.20 ? 108 LEU A CD2 1 
ATOM   472  N N   . THR A 1 109 ? 9.645   -11.798 2.811   1.00 22.88 ? 109 THR A N   1 
ATOM   473  C CA  . THR A 1 109 ? 11.008  -11.648 3.297   1.00 22.28 ? 109 THR A CA  1 
ATOM   474  C C   . THR A 1 109 ? 11.924  -12.736 2.757   1.00 21.96 ? 109 THR A C   1 
ATOM   475  O O   . THR A 1 109 ? 13.084  -12.475 2.457   1.00 21.13 ? 109 THR A O   1 
ATOM   476  C CB  . THR A 1 109 ? 11.057  -11.630 4.840   1.00 22.53 ? 109 THR A CB  1 
ATOM   477  O OG1 . THR A 1 109 ? 10.191  -12.641 5.367   1.00 22.75 ? 109 THR A OG1 1 
ATOM   478  C CG2 . THR A 1 109 ? 10.620  -10.271 5.359   1.00 22.48 ? 109 THR A CG2 1 
ATOM   479  N N   . SER A 1 110 ? 11.404  -13.950 2.626   1.00 21.62 ? 110 SER A N   1 
ATOM   480  C CA  . SER A 1 110 ? 12.207  -15.044 2.087   1.00 21.87 ? 110 SER A CA  1 
ATOM   481  C C   . SER A 1 110 ? 12.310  -14.933 0.573   1.00 21.50 ? 110 SER A C   1 
ATOM   482  O O   . SER A 1 110 ? 13.397  -15.062 0.007   1.00 21.48 ? 110 SER A O   1 
ATOM   483  C CB  . SER A 1 110 ? 11.594  -16.396 2.448   1.00 22.53 ? 110 SER A CB  1 
ATOM   484  O OG  . SER A 1 110 ? 12.089  -17.407 1.583   1.00 24.07 ? 110 SER A OG  1 
ATOM   485  N N   . GLN A 1 111 ? 11.177  -14.692 -0.082  1.00 20.98 ? 111 GLN A N   1 
ATOM   486  C CA  . GLN A 1 111 ? 11.145  -14.575 -1.541  1.00 21.00 ? 111 GLN A CA  1 
ATOM   487  C C   . GLN A 1 111 ? 12.100  -13.516 -2.064  1.00 20.49 ? 111 GLN A C   1 
ATOM   488  O O   . GLN A 1 111 ? 12.829  -13.740 -3.037  1.00 20.33 ? 111 GLN A O   1 
ATOM   489  C CB  . GLN A 1 111 ? 9.741   -14.224 -2.033  1.00 21.22 ? 111 GLN A CB  1 
ATOM   490  C CG  . GLN A 1 111 ? 8.669   -15.247 -1.747  1.00 22.45 ? 111 GLN A CG  1 
ATOM   491  C CD  . GLN A 1 111 ? 7.413   -14.971 -2.542  1.00 23.25 ? 111 GLN A CD  1 
ATOM   492  O OE1 . GLN A 1 111 ? 7.427   -15.020 -3.773  1.00 23.54 ? 111 GLN A OE1 1 
ATOM   493  N NE2 . GLN A 1 111 ? 6.316   -14.668 -1.846  1.00 23.63 ? 111 GLN A NE2 1 
ATOM   494  N N   . LEU A 1 112 ? 12.081  -12.354 -1.422  1.00 19.97 ? 112 LEU A N   1 
ATOM   495  C CA  . LEU A 1 112 ? 12.924  -11.234 -1.814  1.00 19.46 ? 112 LEU A CA  1 
ATOM   496  C C   . LEU A 1 112 ? 14.278  -11.238 -1.117  1.00 19.13 ? 112 LEU A C   1 
ATOM   497  O O   . LEU A 1 112 ? 15.097  -10.346 -1.345  1.00 18.80 ? 112 LEU A O   1 
ATOM   498  C CB  . LEU A 1 112 ? 12.197  -9.917  -1.513  1.00 19.74 ? 112 LEU A CB  1 
ATOM   499  C CG  . LEU A 1 112 ? 11.308  -9.226  -2.562  1.00 20.69 ? 112 LEU A CG  1 
ATOM   500  C CD1 . LEU A 1 112 ? 10.800  -10.175 -3.627  1.00 20.91 ? 112 LEU A CD1 1 
ATOM   501  C CD2 . LEU A 1 112 ? 10.151  -8.550  -1.819  1.00 20.13 ? 112 LEU A CD2 1 
ATOM   502  N N   . HIS A 1 113 ? 14.517  -12.243 -0.272  1.00 18.90 ? 113 HIS A N   1 
ATOM   503  C CA  . HIS A 1 113 ? 15.776  -12.342 0.464   1.00 19.07 ? 113 HIS A CA  1 
ATOM   504  C C   . HIS A 1 113 ? 16.077  -11.032 1.180   1.00 18.37 ? 113 HIS A C   1 
ATOM   505  O O   . HIS A 1 113 ? 17.177  -10.486 1.104   1.00 17.84 ? 113 HIS A O   1 
ATOM   506  C CB  . HIS A 1 113 ? 16.913  -12.719 -0.494  1.00 19.62 ? 113 HIS A CB  1 
ATOM   507  C CG  . HIS A 1 113 ? 16.755  -14.083 -1.090  1.00 20.60 ? 113 HIS A CG  1 
ATOM   508  N ND1 . HIS A 1 113 ? 16.993  -15.239 -0.377  1.00 21.04 ? 113 HIS A ND1 1 
ATOM   509  C CD2 . HIS A 1 113 ? 16.294  -14.478 -2.300  1.00 20.80 ? 113 HIS A CD2 1 
ATOM   510  C CE1 . HIS A 1 113 ? 16.681  -16.285 -1.119  1.00 20.95 ? 113 HIS A CE1 1 
ATOM   511  N NE2 . HIS A 1 113 ? 16.253  -15.851 -2.290  1.00 21.48 ? 113 HIS A NE2 1 
ATOM   512  N N   . ILE A 1 114 ? 15.070  -10.539 1.891   1.00 18.03 ? 114 ILE A N   1 
ATOM   513  C CA  . ILE A 1 114 ? 15.180  -9.291  2.623   1.00 18.12 ? 114 ILE A CA  1 
ATOM   514  C C   . ILE A 1 114 ? 16.178  -9.312  3.775   1.00 17.86 ? 114 ILE A C   1 
ATOM   515  O O   . ILE A 1 114 ? 16.151  -10.195 4.625   1.00 18.06 ? 114 ILE A O   1 
ATOM   516  C CB  . ILE A 1 114 ? 13.819  -8.877  3.218   1.00 18.12 ? 114 ILE A CB  1 
ATOM   517  C CG1 . ILE A 1 114 ? 12.773  -8.758  2.107   1.00 18.07 ? 114 ILE A CG1 1 
ATOM   518  C CG2 . ILE A 1 114 ? 13.974  -7.588  4.009   1.00 18.02 ? 114 ILE A CG2 1 
ATOM   519  C CD1 . ILE A 1 114 ? 12.967  -7.580  1.180   1.00 18.53 ? 114 ILE A CD1 1 
ATOM   520  N N   . THR A 1 115 ? 17.052  -8.315  3.787   1.00 18.24 ? 115 THR A N   1 
ATOM   521  C CA  . THR A 1 115 ? 18.038  -8.123  4.843   1.00 18.57 ? 115 THR A CA  1 
ATOM   522  C C   . THR A 1 115 ? 18.118  -6.608  4.941   1.00 18.56 ? 115 THR A C   1 
ATOM   523  O O   . THR A 1 115 ? 17.737  -5.910  4.002   1.00 18.44 ? 115 THR A O   1 
ATOM   524  C CB  . THR A 1 115 ? 19.432  -8.670  4.463   1.00 18.73 ? 115 THR A CB  1 
ATOM   525  O OG1 . THR A 1 115 ? 19.963  -7.906  3.373   1.00 19.37 ? 115 THR A OG1 1 
ATOM   526  C CG2 . THR A 1 115 ? 19.336  -10.127 4.071   1.00 18.88 ? 115 THR A CG2 1 
ATOM   527  N N   . PRO A 1 116 ? 18.604  -6.076  6.069   1.00 18.69 ? 116 PRO A N   1 
ATOM   528  C CA  . PRO A 1 116 ? 18.697  -4.619  6.203   1.00 19.48 ? 116 PRO A CA  1 
ATOM   529  C C   . PRO A 1 116 ? 19.467  -3.966  5.053   1.00 19.61 ? 116 PRO A C   1 
ATOM   530  O O   . PRO A 1 116 ? 19.099  -2.892  4.575   1.00 20.02 ? 116 PRO A O   1 
ATOM   531  C CB  . PRO A 1 116 ? 19.397  -4.445  7.550   1.00 19.42 ? 116 PRO A CB  1 
ATOM   532  C CG  . PRO A 1 116 ? 18.914  -5.633  8.331   1.00 19.20 ? 116 PRO A CG  1 
ATOM   533  C CD  . PRO A 1 116 ? 19.001  -6.750  7.318   1.00 19.14 ? 116 PRO A CD  1 
ATOM   534  N N   . GLY A 1 117 ? 20.524  -4.624  4.595   1.00 19.73 ? 117 GLY A N   1 
ATOM   535  C CA  . GLY A 1 117 ? 21.322  -4.057  3.522   1.00 20.03 ? 117 GLY A CA  1 
ATOM   536  C C   . GLY A 1 117 ? 20.766  -4.148  2.115   1.00 20.10 ? 117 GLY A C   1 
ATOM   537  O O   . GLY A 1 117 ? 21.255  -3.473  1.207   1.00 20.66 ? 117 GLY A O   1 
ATOM   538  N N   . THR A 1 118 ? 19.736  -4.961  1.918   1.00 19.88 ? 118 THR A N   1 
ATOM   539  C CA  . THR A 1 118 ? 19.167  -5.127  0.588   1.00 19.80 ? 118 THR A CA  1 
ATOM   540  C C   . THR A 1 118 ? 17.696  -4.736  0.523   1.00 19.41 ? 118 THR A C   1 
ATOM   541  O O   . THR A 1 118 ? 17.100  -4.749  -0.549  1.00 18.99 ? 118 THR A O   1 
ATOM   542  C CB  . THR A 1 118 ? 19.283  -6.589  0.126   1.00 19.85 ? 118 THR A CB  1 
ATOM   543  O OG1 . THR A 1 118 ? 18.611  -7.444  1.062   1.00 20.48 ? 118 THR A OG1 1 
ATOM   544  C CG2 . THR A 1 118 ? 20.746  -7.006  0.037   1.00 20.42 ? 118 THR A CG2 1 
ATOM   545  N N   . ALA A 1 119 ? 17.125  -4.392  1.673   1.00 19.25 ? 119 ALA A N   1 
ATOM   546  C CA  . ALA A 1 119 ? 15.709  -4.036  1.757   1.00 19.08 ? 119 ALA A CA  1 
ATOM   547  C C   . ALA A 1 119 ? 15.265  -2.896  0.865   1.00 19.02 ? 119 ALA A C   1 
ATOM   548  O O   . ALA A 1 119 ? 14.288  -3.029  0.130   1.00 18.65 ? 119 ALA A O   1 
ATOM   549  C CB  . ALA A 1 119 ? 15.331  -3.733  3.195   1.00 18.93 ? 119 ALA A CB  1 
ATOM   550  N N   . TYR A 1 120 ? 15.970  -1.772  0.931   1.00 19.31 ? 120 TYR A N   1 
ATOM   551  C CA  . TYR A 1 120 ? 15.601  -0.611  0.128   1.00 19.54 ? 120 TYR A CA  1 
ATOM   552  C C   . TYR A 1 120 ? 15.513  -0.939  -1.353  1.00 19.36 ? 120 TYR A C   1 
ATOM   553  O O   . TYR A 1 120 ? 14.506  -0.658  -2.003  1.00 18.99 ? 120 TYR A O   1 
ATOM   554  C CB  . TYR A 1 120 ? 16.600  0.524   0.342   1.00 20.28 ? 120 TYR A CB  1 
ATOM   555  C CG  . TYR A 1 120 ? 16.291  1.753   -0.480  1.00 21.37 ? 120 TYR A CG  1 
ATOM   556  C CD1 . TYR A 1 120 ? 15.153  2.521   -0.222  1.00 21.59 ? 120 TYR A CD1 1 
ATOM   557  C CD2 . TYR A 1 120 ? 17.125  2.141   -1.529  1.00 21.91 ? 120 TYR A CD2 1 
ATOM   558  C CE1 . TYR A 1 120 ? 14.857  3.643   -0.986  1.00 22.41 ? 120 TYR A CE1 1 
ATOM   559  C CE2 . TYR A 1 120 ? 16.835  3.263   -2.301  1.00 22.29 ? 120 TYR A CE2 1 
ATOM   560  C CZ  . TYR A 1 120 ? 15.702  4.009   -2.025  1.00 22.40 ? 120 TYR A CZ  1 
ATOM   561  O OH  . TYR A 1 120 ? 15.419  5.119   -2.778  1.00 23.28 ? 120 TYR A OH  1 
ATOM   562  N N   . GLN A 1 121 ? 16.577  -1.529  -1.890  1.00 19.37 ? 121 GLN A N   1 
ATOM   563  C CA  . GLN A 1 121 ? 16.611  -1.889  -3.297  1.00 19.38 ? 121 GLN A CA  1 
ATOM   564  C C   . GLN A 1 121 ? 15.450  -2.802  -3.702  1.00 18.66 ? 121 GLN A C   1 
ATOM   565  O O   . GLN A 1 121 ? 14.807  -2.586  -4.732  1.00 18.28 ? 121 GLN A O   1 
ATOM   566  C CB  . GLN A 1 121 ? 17.949  -2.561  -3.627  1.00 20.89 ? 121 GLN A CB  1 
ATOM   567  C CG  . GLN A 1 121 ? 18.072  -3.007  -5.064  1.00 22.93 ? 121 GLN A CG  1 
ATOM   568  C CD  . GLN A 1 121 ? 19.441  -3.582  -5.379  1.00 23.87 ? 121 GLN A CD  1 
ATOM   569  O OE1 . GLN A 1 121 ? 19.859  -4.592  -4.800  1.00 25.91 ? 121 GLN A OE1 1 
ATOM   570  N NE2 . GLN A 1 121 ? 20.150  -2.940  -6.299  1.00 25.07 ? 121 GLN A NE2 1 
ATOM   571  N N   . SER A 1 122 ? 15.176  -3.820  -2.893  1.00 17.77 ? 122 SER A N   1 
ATOM   572  C CA  . SER A 1 122 ? 14.094  -4.736  -3.208  1.00 17.32 ? 122 SER A CA  1 
ATOM   573  C C   . SER A 1 122 ? 12.763  -3.996  -3.187  1.00 16.69 ? 122 SER A C   1 
ATOM   574  O O   . SER A 1 122 ? 11.953  -4.155  -4.092  1.00 16.66 ? 122 SER A O   1 
ATOM   575  C CB  . SER A 1 122 ? 14.065  -5.890  -2.212  1.00 17.71 ? 122 SER A CB  1 
ATOM   576  O OG  . SER A 1 122 ? 15.200  -6.718  -2.393  1.00 18.47 ? 122 SER A OG  1 
ATOM   577  N N   . PHE A 1 123 ? 12.555  -3.187  -2.156  1.00 16.34 ? 123 PHE A N   1 
ATOM   578  C CA  . PHE A 1 123 ? 11.315  -2.414  -2.035  1.00 16.03 ? 123 PHE A CA  1 
ATOM   579  C C   . PHE A 1 123 ? 11.114  -1.521  -3.253  1.00 16.21 ? 123 PHE A C   1 
ATOM   580  O O   . PHE A 1 123 ? 10.057  -1.547  -3.881  1.00 15.64 ? 123 PHE A O   1 
ATOM   581  C CB  . PHE A 1 123 ? 11.345  -1.547  -0.769  1.00 15.97 ? 123 PHE A CB  1 
ATOM   582  C CG  . PHE A 1 123 ? 10.196  -0.577  -0.667  1.00 16.05 ? 123 PHE A CG  1 
ATOM   583  C CD1 . PHE A 1 123 ? 8.984   -0.970  -0.115  1.00 16.04 ? 123 PHE A CD1 1 
ATOM   584  C CD2 . PHE A 1 123 ? 10.320  0.722   -1.147  1.00 16.18 ? 123 PHE A CD2 1 
ATOM   585  C CE1 . PHE A 1 123 ? 7.909   -0.083  -0.046  1.00 16.26 ? 123 PHE A CE1 1 
ATOM   586  C CE2 . PHE A 1 123 ? 9.251   1.617   -1.084  1.00 16.42 ? 123 PHE A CE2 1 
ATOM   587  C CZ  . PHE A 1 123 ? 8.042   1.209   -0.530  1.00 16.29 ? 123 PHE A CZ  1 
ATOM   588  N N   . GLU A 1 124 ? 12.129  -0.722  -3.577  1.00 16.55 ? 124 GLU A N   1 
ATOM   589  C CA  . GLU A 1 124 ? 12.062  0.184   -4.721  1.00 17.12 ? 124 GLU A CA  1 
ATOM   590  C C   . GLU A 1 124 ? 11.801  -0.537  -6.035  1.00 17.11 ? 124 GLU A C   1 
ATOM   591  O O   . GLU A 1 124 ? 11.028  -0.074  -6.874  1.00 17.16 ? 124 GLU A O   1 
ATOM   592  C CB  . GLU A 1 124 ? 13.366  0.978   -4.845  1.00 18.04 ? 124 GLU A CB  1 
ATOM   593  C CG  . GLU A 1 124 ? 13.564  2.029   -3.773  1.00 19.61 ? 124 GLU A CG  1 
ATOM   594  C CD  . GLU A 1 124 ? 12.453  3.058   -3.769  1.00 20.41 ? 124 GLU A CD  1 
ATOM   595  O OE1 . GLU A 1 124 ? 12.107  3.561   -4.855  1.00 22.13 ? 124 GLU A OE1 1 
ATOM   596  O OE2 . GLU A 1 124 ? 11.939  3.370   -2.683  1.00 21.06 ? 124 GLU A OE2 1 
ATOM   597  N N   . GLN A 1 125 ? 12.450  -1.678  -6.236  1.00 16.79 ? 125 GLN A N   1 
ATOM   598  C CA  . GLN A 1 125 ? 12.239  -2.393  -7.478  1.00 17.08 ? 125 GLN A CA  1 
ATOM   599  C C   . GLN A 1 125 ? 10.814  -2.914  -7.601  1.00 16.55 ? 125 GLN A C   1 
ATOM   600  O O   . GLN A 1 125 ? 10.221  -2.850  -8.675  1.00 16.57 ? 125 GLN A O   1 
ATOM   601  C CB  . GLN A 1 125 ? 13.262  -3.517  -7.605  1.00 17.81 ? 125 GLN A CB  1 
ATOM   602  C CG  . GLN A 1 125 ? 14.650  -2.962  -7.833  1.00 20.21 ? 125 GLN A CG  1 
ATOM   603  C CD  . GLN A 1 125 ? 15.674  -4.043  -8.039  1.00 21.22 ? 125 GLN A CD  1 
ATOM   604  O OE1 . GLN A 1 125 ? 15.346  -5.139  -8.480  1.00 22.14 ? 125 GLN A OE1 1 
ATOM   605  N NE2 . GLN A 1 125 ? 16.926  -3.738  -7.731  1.00 22.35 ? 125 GLN A NE2 1 
ATOM   606  N N   . VAL A 1 126 ? 10.259  -3.409  -6.499  1.00 15.91 ? 126 VAL A N   1 
ATOM   607  C CA  . VAL A 1 126 ? 8.895   -3.918  -6.524  1.00 15.68 ? 126 VAL A CA  1 
ATOM   608  C C   . VAL A 1 126 ? 7.926   -2.795  -6.846  1.00 15.91 ? 126 VAL A C   1 
ATOM   609  O O   . VAL A 1 126 ? 7.120   -2.916  -7.760  1.00 15.56 ? 126 VAL A O   1 
ATOM   610  C CB  . VAL A 1 126 ? 8.483   -4.539  -5.172  1.00 15.60 ? 126 VAL A CB  1 
ATOM   611  C CG1 . VAL A 1 126 ? 6.989   -4.845  -5.172  1.00 15.23 ? 126 VAL A CG1 1 
ATOM   612  C CG2 . VAL A 1 126 ? 9.272   -5.826  -4.922  1.00 15.58 ? 126 VAL A CG2 1 
ATOM   613  N N   . VAL A 1 127 ? 8.020   -1.700  -6.096  1.00 16.40 ? 127 VAL A N   1 
ATOM   614  C CA  . VAL A 1 127 ? 7.110   -0.573  -6.305  1.00 16.81 ? 127 VAL A CA  1 
ATOM   615  C C   . VAL A 1 127 ? 7.286   0.109   -7.660  1.00 16.82 ? 127 VAL A C   1 
ATOM   616  O O   . VAL A 1 127 ? 6.304   0.514   -8.285  1.00 16.51 ? 127 VAL A O   1 
ATOM   617  C CB  . VAL A 1 127 ? 7.248   0.469   -5.168  1.00 17.29 ? 127 VAL A CB  1 
ATOM   618  C CG1 . VAL A 1 127 ? 6.311   1.639   -5.413  1.00 18.23 ? 127 VAL A CG1 1 
ATOM   619  C CG2 . VAL A 1 127 ? 6.918   -0.187  -3.827  1.00 17.26 ? 127 VAL A CG2 1 
ATOM   620  N N   . ASN A 1 128 ? 8.527   0.234   -8.127  1.00 16.98 ? 128 ASN A N   1 
ATOM   621  C CA  . ASN A 1 128 ? 8.761   0.859   -9.427  1.00 17.20 ? 128 ASN A CA  1 
ATOM   622  C C   . ASN A 1 128 ? 8.129   0.043   -10.554 1.00 17.06 ? 128 ASN A C   1 
ATOM   623  O O   . ASN A 1 128 ? 7.592   0.600   -11.506 1.00 17.05 ? 128 ASN A O   1 
ATOM   624  C CB  . ASN A 1 128 ? 10.263  1.018   -9.681  1.00 18.14 ? 128 ASN A CB  1 
ATOM   625  C CG  . ASN A 1 128 ? 10.855  2.212   -8.967  1.00 19.15 ? 128 ASN A CG  1 
ATOM   626  O OD1 . ASN A 1 128 ? 12.053  2.243   -8.670  1.00 20.98 ? 128 ASN A OD1 1 
ATOM   627  N ND2 . ASN A 1 128 ? 10.030  3.216   -8.704  1.00 20.04 ? 128 ASN A ND2 1 
ATOM   628  N N   . GLU A 1 129 ? 8.192   -1.280  -10.460 1.00 16.81 ? 129 GLU A N   1 
ATOM   629  C CA  . GLU A 1 129 ? 7.600   -2.108  -11.493 1.00 16.73 ? 129 GLU A CA  1 
ATOM   630  C C   . GLU A 1 129 ? 6.077   -2.130  -11.371 1.00 16.17 ? 129 GLU A C   1 
ATOM   631  O O   . GLU A 1 129 ? 5.370   -2.202  -12.362 1.00 16.28 ? 129 GLU A O   1 
ATOM   632  C CB  . GLU A 1 129 ? 8.170   -3.529  -11.424 1.00 16.95 ? 129 GLU A CB  1 
ATOM   633  C CG  . GLU A 1 129 ? 7.489   -4.513  -12.350 1.00 17.58 ? 129 GLU A CG  1 
ATOM   634  C CD  . GLU A 1 129 ? 7.631   -4.173  -13.819 1.00 17.66 ? 129 GLU A CD  1 
ATOM   635  O OE1 . GLU A 1 129 ? 8.429   -3.278  -14.154 1.00 18.11 ? 129 GLU A OE1 1 
ATOM   636  O OE2 . GLU A 1 129 ? 6.941   -4.810  -14.637 1.00 17.83 ? 129 GLU A OE2 1 
ATOM   637  N N   . LEU A 1 130 ? 5.570   -2.063  -10.145 1.00 16.11 ? 130 LEU A N   1 
ATOM   638  C CA  . LEU A 1 130 ? 4.126   -2.054  -9.952  1.00 15.78 ? 130 LEU A CA  1 
ATOM   639  C C   . LEU A 1 130 ? 3.520   -0.864  -10.690 1.00 15.54 ? 130 LEU A C   1 
ATOM   640  O O   . LEU A 1 130 ? 2.472   -0.977  -11.320 1.00 15.57 ? 130 LEU A O   1 
ATOM   641  C CB  . LEU A 1 130 ? 3.801   -1.941  -8.458  1.00 15.59 ? 130 LEU A CB  1 
ATOM   642  C CG  . LEU A 1 130 ? 2.382   -1.564  -8.015  1.00 15.58 ? 130 LEU A CG  1 
ATOM   643  C CD1 . LEU A 1 130 ? 1.377   -2.610  -8.454  1.00 15.46 ? 130 LEU A CD1 1 
ATOM   644  C CD2 . LEU A 1 130 ? 2.381   -1.426  -6.500  1.00 15.91 ? 130 LEU A CD2 1 
ATOM   645  N N   . PHE A 1 131 ? 4.198   0.274   -10.623 1.00 15.49 ? 131 PHE A N   1 
ATOM   646  C CA  . PHE A 1 131 ? 3.694   1.487   -11.251 1.00 15.53 ? 131 PHE A CA  1 
ATOM   647  C C   . PHE A 1 131 ? 4.330   1.831   -12.586 1.00 16.10 ? 131 PHE A C   1 
ATOM   648  O O   . PHE A 1 131 ? 4.108   2.918   -13.113 1.00 16.05 ? 131 PHE A O   1 
ATOM   649  C CB  . PHE A 1 131 ? 3.859   2.666   -10.289 1.00 15.09 ? 131 PHE A CB  1 
ATOM   650  C CG  . PHE A 1 131 ? 3.017   2.556   -9.047  1.00 14.84 ? 131 PHE A CG  1 
ATOM   651  C CD1 . PHE A 1 131 ? 1.628   2.579   -9.132  1.00 14.67 ? 131 PHE A CD1 1 
ATOM   652  C CD2 . PHE A 1 131 ? 3.613   2.405   -7.799  1.00 14.49 ? 131 PHE A CD2 1 
ATOM   653  C CE1 . PHE A 1 131 ? 0.845   2.444   -7.984  1.00 14.70 ? 131 PHE A CE1 1 
ATOM   654  C CE2 . PHE A 1 131 ? 2.839   2.270   -6.647  1.00 14.54 ? 131 PHE A CE2 1 
ATOM   655  C CZ  . PHE A 1 131 ? 1.449   2.289   -6.747  1.00 14.54 ? 131 PHE A CZ  1 
ATOM   656  N N   . ARG A 1 132 ? 5.105   0.911   -13.149 1.00 16.47 ? 132 ARG A N   1 
ATOM   657  C CA  . ARG A 1 132 ? 5.757   1.187   -14.425 1.00 17.47 ? 132 ARG A CA  1 
ATOM   658  C C   . ARG A 1 132 ? 4.828   1.645   -15.541 1.00 18.32 ? 132 ARG A C   1 
ATOM   659  O O   . ARG A 1 132 ? 5.117   2.637   -16.208 1.00 18.92 ? 132 ARG A O   1 
ATOM   660  C CB  . ARG A 1 132 ? 6.543   -0.033  -14.924 1.00 17.10 ? 132 ARG A CB  1 
ATOM   661  C CG  . ARG A 1 132 ? 7.105   0.167   -16.336 1.00 16.93 ? 132 ARG A CG  1 
ATOM   662  C CD  . ARG A 1 132 ? 8.073   -0.946  -16.743 1.00 17.35 ? 132 ARG A CD  1 
ATOM   663  N NE  . ARG A 1 132 ? 7.471   -2.273  -16.652 1.00 17.59 ? 132 ARG A NE  1 
ATOM   664  C CZ  . ARG A 1 132 ? 6.520   -2.732  -17.455 1.00 17.41 ? 132 ARG A CZ  1 
ATOM   665  N NH1 . ARG A 1 132 ? 6.044   -3.954  -17.273 1.00 18.24 ? 132 ARG A NH1 1 
ATOM   666  N NH2 . ARG A 1 132 ? 6.048   -1.985  -18.445 1.00 18.27 ? 132 ARG A NH2 1 
ATOM   667  N N   . ASP A 1 133 ? 3.717   0.944   -15.746 1.00 19.36 ? 133 ASP A N   1 
ATOM   668  C CA  . ASP A 1 133 ? 2.813   1.311   -16.830 1.00 20.31 ? 133 ASP A CA  1 
ATOM   669  C C   . ASP A 1 133 ? 1.528   2.015   -16.413 1.00 20.52 ? 133 ASP A C   1 
ATOM   670  O O   . ASP A 1 133 ? 0.518   1.933   -17.113 1.00 21.02 ? 133 ASP A O   1 
ATOM   671  C CB  . ASP A 1 133 ? 2.485   0.076   -17.679 1.00 21.08 ? 133 ASP A CB  1 
ATOM   672  C CG  . ASP A 1 133 ? 1.390   -0.787  -17.080 1.00 22.16 ? 133 ASP A CG  1 
ATOM   673  O OD1 . ASP A 1 133 ? 1.199   -0.767  -15.846 1.00 22.51 ? 133 ASP A OD1 1 
ATOM   674  O OD2 . ASP A 1 133 ? 0.720   -1.497  -17.860 1.00 23.27 ? 133 ASP A OD2 1 
ATOM   675  N N   . GLY A 1 134 ? 1.561   2.699   -15.277 1.00 20.64 ? 134 GLY A N   1 
ATOM   676  C CA  . GLY A 1 134 ? 0.376   3.418   -14.849 1.00 20.39 ? 134 GLY A CA  1 
ATOM   677  C C   . GLY A 1 134 ? 0.032   3.341   -13.380 1.00 20.21 ? 134 GLY A C   1 
ATOM   678  O O   . GLY A 1 134 ? 0.541   2.501   -12.634 1.00 19.93 ? 134 GLY A O   1 
ATOM   679  N N   . VAL A 1 135 ? -0.859  4.236   -12.972 1.00 19.92 ? 135 VAL A N   1 
ATOM   680  C CA  . VAL A 1 135 ? -1.300  4.296   -11.593 1.00 19.48 ? 135 VAL A CA  1 
ATOM   681  C C   . VAL A 1 135 ? -2.817  4.293   -11.548 1.00 19.27 ? 135 VAL A C   1 
ATOM   682  O O   . VAL A 1 135 ? -3.476  4.803   -12.450 1.00 19.06 ? 135 VAL A O   1 
ATOM   683  C CB  . VAL A 1 135 ? -0.834  5.604   -10.905 1.00 19.50 ? 135 VAL A CB  1 
ATOM   684  C CG1 . VAL A 1 135 ? -1.319  5.637   -9.450  1.00 19.52 ? 135 VAL A CG1 1 
ATOM   685  C CG2 . VAL A 1 135 ? 0.676   5.730   -10.971 1.00 19.42 ? 135 VAL A CG2 1 
ATOM   686  N N   . ASN A 1 136 ? -3.357  3.671   -10.512 1.00 18.81 ? 136 ASN A N   1 
ATOM   687  C CA  . ASN A 1 136 ? -4.791  3.673   -10.268 1.00 18.41 ? 136 ASN A CA  1 
ATOM   688  C C   . ASN A 1 136 ? -4.943  3.379   -8.793  1.00 17.85 ? 136 ASN A C   1 
ATOM   689  O O   . ASN A 1 136 ? -3.984  2.970   -8.138  1.00 17.57 ? 136 ASN A O   1 
ATOM   690  C CB  . ASN A 1 136 ? -5.580  2.683   -11.154 1.00 18.84 ? 136 ASN A CB  1 
ATOM   691  C CG  . ASN A 1 136 ? -5.251  1.223   -10.902 1.00 19.60 ? 136 ASN A CG  1 
ATOM   692  O OD1 . ASN A 1 136 ? -5.222  0.757   -9.768  1.00 19.81 ? 136 ASN A OD1 1 
ATOM   693  N ND2 . ASN A 1 136 ? -5.045  0.479   -11.986 1.00 19.52 ? 136 ASN A ND2 1 
ATOM   694  N N   . TRP A 1 137 ? -6.128  3.627   -8.250  1.00 17.28 ? 137 TRP A N   1 
ATOM   695  C CA  . TRP A 1 137 ? -6.350  3.419   -6.829  1.00 17.00 ? 137 TRP A CA  1 
ATOM   696  C C   . TRP A 1 137 ? -6.102  2.004   -6.326  1.00 16.85 ? 137 TRP A C   1 
ATOM   697  O O   . TRP A 1 137 ? -5.624  1.829   -5.207  1.00 16.57 ? 137 TRP A O   1 
ATOM   698  C CB  . TRP A 1 137 ? -7.767  3.868   -6.448  1.00 16.83 ? 137 TRP A CB  1 
ATOM   699  C CG  . TRP A 1 137 ? -7.950  5.357   -6.513  1.00 16.95 ? 137 TRP A CG  1 
ATOM   700  C CD1 . TRP A 1 137 ? -8.813  6.043   -7.321  1.00 17.19 ? 137 TRP A CD1 1 
ATOM   701  C CD2 . TRP A 1 137 ? -7.242  6.344   -5.754  1.00 17.10 ? 137 TRP A CD2 1 
ATOM   702  N NE1 . TRP A 1 137 ? -8.680  7.393   -7.114  1.00 16.85 ? 137 TRP A NE1 1 
ATOM   703  C CE2 . TRP A 1 137 ? -7.724  7.608   -6.158  1.00 17.41 ? 137 TRP A CE2 1 
ATOM   704  C CE3 . TRP A 1 137 ? -6.243  6.284   -4.771  1.00 17.39 ? 137 TRP A CE3 1 
ATOM   705  C CZ2 . TRP A 1 137 ? -7.245  8.803   -5.615  1.00 17.47 ? 137 TRP A CZ2 1 
ATOM   706  C CZ3 . TRP A 1 137 ? -5.764  7.474   -4.228  1.00 17.87 ? 137 TRP A CZ3 1 
ATOM   707  C CH2 . TRP A 1 137 ? -6.266  8.718   -4.655  1.00 17.77 ? 137 TRP A CH2 1 
ATOM   708  N N   . GLY A 1 138 ? -6.432  1.004   -7.140  1.00 16.71 ? 138 GLY A N   1 
ATOM   709  C CA  . GLY A 1 138 ? -6.216  -0.377  -6.742  1.00 16.20 ? 138 GLY A CA  1 
ATOM   710  C C   . GLY A 1 138 ? -4.739  -0.687  -6.551  1.00 16.21 ? 138 GLY A C   1 
ATOM   711  O O   . GLY A 1 138 ? -4.352  -1.384  -5.609  1.00 15.94 ? 138 GLY A O   1 
ATOM   712  N N   . ARG A 1 139 ? -3.906  -0.183  -7.453  1.00 15.52 ? 139 ARG A N   1 
ATOM   713  C CA  . ARG A 1 139 ? -2.474  -0.416  -7.328  1.00 15.51 ? 139 ARG A CA  1 
ATOM   714  C C   . ARG A 1 139 ? -1.945  0.317   -6.107  1.00 15.24 ? 139 ARG A C   1 
ATOM   715  O O   . ARG A 1 139 ? -0.991  -0.126  -5.469  1.00 14.63 ? 139 ARG A O   1 
ATOM   716  C CB  . ARG A 1 139 ? -1.730  0.060   -8.586  1.00 15.78 ? 139 ARG A CB  1 
ATOM   717  C CG  . ARG A 1 139 ? -2.137  -0.677  -9.842  1.00 16.51 ? 139 ARG A CG  1 
ATOM   718  C CD  . ARG A 1 139 ? -1.332  -0.211  -11.042 1.00 16.96 ? 139 ARG A CD  1 
ATOM   719  N NE  . ARG A 1 139 ? -1.670  -0.968  -12.243 1.00 17.81 ? 139 ARG A NE  1 
ATOM   720  C CZ  . ARG A 1 139 ? -1.041  -0.852  -13.411 1.00 17.92 ? 139 ARG A CZ  1 
ATOM   721  N NH1 . ARG A 1 139 ? -0.028  -0.004  -13.545 1.00 18.57 ? 139 ARG A NH1 1 
ATOM   722  N NH2 . ARG A 1 139 ? -1.431  -1.581  -14.447 1.00 18.19 ? 139 ARG A NH2 1 
ATOM   723  N N   . ILE A 1 140 ? -2.557  1.453   -5.768  1.00 14.66 ? 140 ILE A N   1 
ATOM   724  C CA  . ILE A 1 140 ? -2.101  2.185   -4.602  1.00 14.37 ? 140 ILE A CA  1 
ATOM   725  C C   . ILE A 1 140 ? -2.431  1.374   -3.355  1.00 14.29 ? 140 ILE A C   1 
ATOM   726  O O   . ILE A 1 140 ? -1.657  1.361   -2.417  1.00 14.13 ? 140 ILE A O   1 
ATOM   727  C CB  . ILE A 1 140 ? -2.719  3.611   -4.560  1.00 14.65 ? 140 ILE A CB  1 
ATOM   728  C CG1 . ILE A 1 140 ? -2.078  4.440   -5.684  1.00 14.87 ? 140 ILE A CG1 1 
ATOM   729  C CG2 . ILE A 1 140 ? -2.483  4.270   -3.206  1.00 15.11 ? 140 ILE A CG2 1 
ATOM   730  C CD1 . ILE A 1 140 ? -2.437  5.909   -5.690  1.00 14.61 ? 140 ILE A CD1 1 
ATOM   731  N N   . VAL A 1 141 ? -3.572  0.688   -3.355  1.00 13.92 ? 141 VAL A N   1 
ATOM   732  C CA  . VAL A 1 141 ? -3.936  -0.149  -2.219  1.00 13.50 ? 141 VAL A CA  1 
ATOM   733  C C   . VAL A 1 141 ? -2.945  -1.310  -2.147  1.00 13.59 ? 141 VAL A C   1 
ATOM   734  O O   . VAL A 1 141 ? -2.526  -1.706  -1.066  1.00 13.47 ? 141 VAL A O   1 
ATOM   735  C CB  . VAL A 1 141 ? -5.363  -0.712  -2.364  1.00 13.37 ? 141 VAL A CB  1 
ATOM   736  C CG1 . VAL A 1 141 ? -5.660  -1.702  -1.243  1.00 13.53 ? 141 VAL A CG1 1 
ATOM   737  C CG2 . VAL A 1 141 ? -6.363  0.433   -2.331  1.00 13.75 ? 141 VAL A CG2 1 
ATOM   738  N N   . ALA A 1 142 ? -2.563  -1.836  -3.310  1.00 13.27 ? 142 ALA A N   1 
ATOM   739  C CA  . ALA A 1 142 ? -1.607  -2.946  -3.351  1.00 13.07 ? 142 ALA A CA  1 
ATOM   740  C C   . ALA A 1 142 ? -0.261  -2.489  -2.790  1.00 12.89 ? 142 ALA A C   1 
ATOM   741  O O   . ALA A 1 142 ? 0.430   -3.243  -2.100  1.00 12.78 ? 142 ALA A O   1 
ATOM   742  C CB  . ALA A 1 142 ? -1.445  -3.449  -4.791  1.00 13.48 ? 142 ALA A CB  1 
ATOM   743  N N   . PHE A 1 143 ? 0.108   -1.255  -3.110  1.00 12.84 ? 143 PHE A N   1 
ATOM   744  C CA  . PHE A 1 143 ? 1.347   -0.642  -2.639  1.00 12.91 ? 143 PHE A CA  1 
ATOM   745  C C   . PHE A 1 143 ? 1.323   -0.559  -1.112  1.00 12.88 ? 143 PHE A C   1 
ATOM   746  O O   . PHE A 1 143 ? 2.277   -0.941  -0.448  1.00 12.85 ? 143 PHE A O   1 
ATOM   747  C CB  . PHE A 1 143 ? 1.479   0.745   -3.286  1.00 12.99 ? 143 PHE A CB  1 
ATOM   748  C CG  . PHE A 1 143 ? 2.409   1.686   -2.581  1.00 13.32 ? 143 PHE A CG  1 
ATOM   749  C CD1 . PHE A 1 143 ? 3.781   1.659   -2.820  1.00 13.43 ? 143 PHE A CD1 1 
ATOM   750  C CD2 . PHE A 1 143 ? 1.904   2.643   -1.701  1.00 13.31 ? 143 PHE A CD2 1 
ATOM   751  C CE1 . PHE A 1 143 ? 4.632   2.579   -2.196  1.00 13.51 ? 143 PHE A CE1 1 
ATOM   752  C CE2 . PHE A 1 143 ? 2.740   3.558   -1.073  1.00 13.55 ? 143 PHE A CE2 1 
ATOM   753  C CZ  . PHE A 1 143 ? 4.111   3.533   -1.318  1.00 13.66 ? 143 PHE A CZ  1 
ATOM   754  N N   . PHE A 1 144 ? 0.221   -0.070  -0.545  1.00 12.68 ? 144 PHE A N   1 
ATOM   755  C CA  . PHE A 1 144 ? 0.120   0.017   0.903   1.00 12.44 ? 144 PHE A CA  1 
ATOM   756  C C   . PHE A 1 144 ? 0.166   -1.375  1.526   1.00 12.51 ? 144 PHE A C   1 
ATOM   757  O O   . PHE A 1 144 ? 0.834   -1.585  2.540   1.00 12.49 ? 144 PHE A O   1 
ATOM   758  C CB  . PHE A 1 144 ? -1.182  0.727   1.309   1.00 12.13 ? 144 PHE A CB  1 
ATOM   759  C CG  . PHE A 1 144 ? -1.044  2.225   1.421   1.00 12.01 ? 144 PHE A CG  1 
ATOM   760  C CD1 . PHE A 1 144 ? -0.498  2.799   2.564   1.00 12.18 ? 144 PHE A CD1 1 
ATOM   761  C CD2 . PHE A 1 144 ? -1.426  3.057   0.371   1.00 12.15 ? 144 PHE A CD2 1 
ATOM   762  C CE1 . PHE A 1 144 ? -0.326  4.187   2.663   1.00 12.48 ? 144 PHE A CE1 1 
ATOM   763  C CE2 . PHE A 1 144 ? -1.260  4.445   0.455   1.00 12.70 ? 144 PHE A CE2 1 
ATOM   764  C CZ  . PHE A 1 144 ? -0.712  5.012   1.596   1.00 12.25 ? 144 PHE A CZ  1 
ATOM   765  N N   . SER A 1 145 ? -0.557  -2.312  0.917   1.00 12.98 ? 145 SER A N   1 
ATOM   766  C CA  . SER A 1 145 ? -0.610  -3.680  1.414   1.00 13.56 ? 145 SER A CA  1 
ATOM   767  C C   . SER A 1 145 ? 0.767   -4.326  1.389   1.00 13.27 ? 145 SER A C   1 
ATOM   768  O O   . SER A 1 145 ? 1.152   -5.012  2.334   1.00 13.19 ? 145 SER A O   1 
ATOM   769  C CB  . SER A 1 145 ? -1.590  -4.514  0.594   1.00 14.37 ? 145 SER A CB  1 
ATOM   770  O OG  . SER A 1 145 ? -2.923  -4.054  0.789   1.00 16.31 ? 145 SER A OG  1 
ATOM   771  N N   . PHE A 1 146 ? 1.501   -4.098  0.306   1.00 13.11 ? 146 PHE A N   1 
ATOM   772  C CA  . PHE A 1 146 ? 2.848   -4.647  0.176   1.00 12.69 ? 146 PHE A CA  1 
ATOM   773  C C   . PHE A 1 146 ? 3.745   -4.087  1.278   1.00 12.63 ? 146 PHE A C   1 
ATOM   774  O O   . PHE A 1 146 ? 4.479   -4.825  1.929   1.00 12.31 ? 146 PHE A O   1 
ATOM   775  C CB  . PHE A 1 146 ? 3.410   -4.295  -1.207  1.00 12.66 ? 146 PHE A CB  1 
ATOM   776  C CG  . PHE A 1 146 ? 4.880   -4.580  -1.365  1.00 12.48 ? 146 PHE A CG  1 
ATOM   777  C CD1 . PHE A 1 146 ? 5.354   -5.886  -1.365  1.00 12.63 ? 146 PHE A CD1 1 
ATOM   778  C CD2 . PHE A 1 146 ? 5.781   -3.536  -1.504  1.00 12.29 ? 146 PHE A CD2 1 
ATOM   779  C CE1 . PHE A 1 146 ? 6.729   -6.144  -1.505  1.00 12.65 ? 146 PHE A CE1 1 
ATOM   780  C CE2 . PHE A 1 146 ? 7.152   -3.776  -1.642  1.00 12.66 ? 146 PHE A CE2 1 
ATOM   781  C CZ  . PHE A 1 146 ? 7.623   -5.090  -1.644  1.00 12.00 ? 146 PHE A CZ  1 
ATOM   782  N N   . GLY A 1 147 ? 3.694   -2.776  1.488   1.00 12.40 ? 147 GLY A N   1 
ATOM   783  C CA  . GLY A 1 147 ? 4.512   -2.187  2.528   1.00 12.57 ? 147 GLY A CA  1 
ATOM   784  C C   . GLY A 1 147 ? 4.163   -2.725  3.902   1.00 12.66 ? 147 GLY A C   1 
ATOM   785  O O   . GLY A 1 147 ? 5.040   -2.959  4.733   1.00 12.67 ? 147 GLY A O   1 
ATOM   786  N N   . GLY A 1 148 ? 2.869   -2.917  4.139   1.00 12.51 ? 148 GLY A N   1 
ATOM   787  C CA  . GLY A 1 148 ? 2.420   -3.430  5.419   1.00 12.92 ? 148 GLY A CA  1 
ATOM   788  C C   . GLY A 1 148 ? 2.925   -4.836  5.659   1.00 13.07 ? 148 GLY A C   1 
ATOM   789  O O   . GLY A 1 148 ? 3.430   -5.145  6.736   1.00 13.22 ? 148 GLY A O   1 
ATOM   790  N N   . ALA A 1 149 ? 2.797   -5.675  4.639   1.00 13.29 ? 149 ALA A N   1 
ATOM   791  C CA  . ALA A 1 149 ? 3.239   -7.063  4.721   1.00 13.71 ? 149 ALA A CA  1 
ATOM   792  C C   . ALA A 1 149 ? 4.752   -7.129  4.903   1.00 13.99 ? 149 ALA A C   1 
ATOM   793  O O   . ALA A 1 149 ? 5.261   -7.943  5.673   1.00 14.05 ? 149 ALA A O   1 
ATOM   794  C CB  . ALA A 1 149 ? 2.815   -7.816  3.464   1.00 13.32 ? 149 ALA A CB  1 
ATOM   795  N N   . LEU A 1 150 ? 5.481   -6.273  4.200   1.00 14.17 ? 150 LEU A N   1 
ATOM   796  C CA  . LEU A 1 150 ? 6.932   -6.268  4.343   1.00 14.56 ? 150 LEU A CA  1 
ATOM   797  C C   . LEU A 1 150 ? 7.304   -5.895  5.789   1.00 14.65 ? 150 LEU A C   1 
ATOM   798  O O   . LEU A 1 150 ? 8.214   -6.479  6.384   1.00 14.52 ? 150 LEU A O   1 
ATOM   799  C CB  . LEU A 1 150 ? 7.546   -5.288  3.335   1.00 14.98 ? 150 LEU A CB  1 
ATOM   800  C CG  . LEU A 1 150 ? 9.046   -5.362  3.078   1.00 15.72 ? 150 LEU A CG  1 
ATOM   801  C CD1 . LEU A 1 150 ? 9.391   -6.751  2.544   1.00 15.98 ? 150 LEU A CD1 1 
ATOM   802  C CD2 . LEU A 1 150 ? 9.446   -4.288  2.063   1.00 15.86 ? 150 LEU A CD2 1 
ATOM   803  N N   . CYS A 1 151 ? 6.573   -4.943  6.371   1.00 14.65 ? 151 CYS A N   1 
ATOM   804  C CA  . CYS A 1 151 ? 6.819   -4.517  7.747   1.00 15.09 ? 151 CYS A CA  1 
ATOM   805  C C   . CYS A 1 151 ? 6.541   -5.618  8.757   1.00 15.17 ? 151 CYS A C   1 
ATOM   806  O O   . CYS A 1 151 ? 7.352   -5.900  9.637   1.00 14.92 ? 151 CYS A O   1 
ATOM   807  C CB  . CYS A 1 151 ? 5.940   -3.315  8.102   1.00 15.26 ? 151 CYS A CB  1 
ATOM   808  S SG  . CYS A 1 151 ? 6.587   -1.763  7.506   1.00 15.52 ? 151 CYS A SG  1 
ATOM   809  N N   . VAL A 1 152 ? 5.371   -6.226  8.642   1.00 15.60 ? 152 VAL A N   1 
ATOM   810  C CA  . VAL A 1 152 ? 4.985   -7.275  9.558   1.00 16.37 ? 152 VAL A CA  1 
ATOM   811  C C   . VAL A 1 152 ? 5.911   -8.473  9.465   1.00 16.45 ? 152 VAL A C   1 
ATOM   812  O O   . VAL A 1 152 ? 6.341   -9.012  10.478  1.00 16.37 ? 152 VAL A O   1 
ATOM   813  C CB  . VAL A 1 152 ? 3.550   -7.720  9.281   1.00 16.70 ? 152 VAL A CB  1 
ATOM   814  C CG1 . VAL A 1 152 ? 3.232   -8.973  10.062  1.00 18.34 ? 152 VAL A CG1 1 
ATOM   815  C CG2 . VAL A 1 152 ? 2.609   -6.589  9.647   1.00 17.61 ? 152 VAL A CG2 1 
ATOM   816  N N   . GLU A 1 153 ? 6.235   -8.865  8.244   1.00 16.54 ? 153 GLU A N   1 
ATOM   817  C CA  . GLU A 1 153 ? 7.098   -10.014 8.042   1.00 17.05 ? 153 GLU A CA  1 
ATOM   818  C C   . GLU A 1 153 ? 8.533   -9.721  8.494   1.00 16.80 ? 153 GLU A C   1 
ATOM   819  O O   . GLU A 1 153 ? 9.237   -10.626 8.938   1.00 16.69 ? 153 GLU A O   1 
ATOM   820  C CB  . GLU A 1 153 ? 6.984   -10.462 6.581   1.00 18.06 ? 153 GLU A CB  1 
ATOM   821  C CG  . GLU A 1 153 ? 5.505   -10.780 6.249   1.00 19.66 ? 153 GLU A CG  1 
ATOM   822  C CD  . GLU A 1 153 ? 5.232   -11.224 4.825   1.00 20.71 ? 153 GLU A CD  1 
ATOM   823  O OE1 . GLU A 1 153 ? 4.042   -11.446 4.502   1.00 21.84 ? 153 GLU A OE1 1 
ATOM   824  O OE2 . GLU A 1 153 ? 6.178   -11.360 4.029   1.00 21.31 ? 153 GLU A OE2 1 
ATOM   825  N N   . SER A 1 154 ? 8.955   -8.461  8.430   1.00 16.41 ? 154 SER A N   1 
ATOM   826  C CA  . SER A 1 154 ? 10.295  -8.095  8.899   1.00 16.30 ? 154 SER A CA  1 
ATOM   827  C C   . SER A 1 154 ? 10.361  -8.203  10.427  1.00 16.19 ? 154 SER A C   1 
ATOM   828  O O   . SER A 1 154 ? 11.346  -8.678  10.985  1.00 16.68 ? 154 SER A O   1 
ATOM   829  C CB  . SER A 1 154 ? 10.653  -6.671  8.476   1.00 16.31 ? 154 SER A CB  1 
ATOM   830  O OG  . SER A 1 154 ? 10.778  -6.585  7.074   1.00 16.60 ? 154 SER A OG  1 
ATOM   831  N N   . VAL A 1 155 ? 9.310   -7.756  11.107  1.00 16.06 ? 155 VAL A N   1 
ATOM   832  C CA  . VAL A 1 155 ? 9.277   -7.837  12.559  1.00 15.94 ? 155 VAL A CA  1 
ATOM   833  C C   . VAL A 1 155 ? 9.275   -9.307  12.964  1.00 16.30 ? 155 VAL A C   1 
ATOM   834  O O   . VAL A 1 155 ? 9.897   -9.694  13.951  1.00 15.99 ? 155 VAL A O   1 
ATOM   835  C CB  . VAL A 1 155 ? 8.013   -7.144  13.122  1.00 15.91 ? 155 VAL A CB  1 
ATOM   836  C CG1 . VAL A 1 155 ? 7.898   -7.386  14.617  1.00 16.01 ? 155 VAL A CG1 1 
ATOM   837  C CG2 . VAL A 1 155 ? 8.093   -5.656  12.850  1.00 15.63 ? 155 VAL A CG2 1 
ATOM   838  N N   . ASP A 1 156 ? 8.573   -10.109 12.173  1.00 16.73 ? 156 ASP A N   1 
ATOM   839  C CA  . ASP A 1 156 ? 8.449   -11.545 12.397  1.00 17.60 ? 156 ASP A CA  1 
ATOM   840  C C   . ASP A 1 156 ? 9.815   -12.232 12.351  1.00 17.89 ? 156 ASP A C   1 
ATOM   841  O O   . ASP A 1 156 ? 10.009  -13.273 12.979  1.00 17.80 ? 156 ASP A O   1 
ATOM   842  C CB  . ASP A 1 156 ? 7.517   -12.136 11.333  1.00 18.22 ? 156 ASP A CB  1 
ATOM   843  C CG  . ASP A 1 156 ? 7.246   -13.614 11.533  1.00 18.82 ? 156 ASP A CG  1 
ATOM   844  O OD1 . ASP A 1 156 ? 6.708   -13.990 12.599  1.00 19.70 ? 156 ASP A OD1 1 
ATOM   845  O OD2 . ASP A 1 156 ? 7.552   -14.400 10.614  1.00 19.79 ? 156 ASP A OD2 1 
ATOM   846  N N   . LYS A 1 157 ? 10.759  -11.642 11.619  1.00 18.07 ? 157 LYS A N   1 
ATOM   847  C CA  . LYS A 1 157 ? 12.104  -12.217 11.486  1.00 18.81 ? 157 LYS A CA  1 
ATOM   848  C C   . LYS A 1 157 ? 13.138  -11.460 12.316  1.00 19.29 ? 157 LYS A C   1 
ATOM   849  O O   . LYS A 1 157 ? 14.346  -11.598 12.095  1.00 19.07 ? 157 LYS A O   1 
ATOM   850  C CB  . LYS A 1 157 ? 12.553  -12.214 10.016  1.00 18.76 ? 157 LYS A CB  1 
ATOM   851  C CG  . LYS A 1 157 ? 11.532  -12.736 9.012   1.00 19.83 ? 157 LYS A CG  1 
ATOM   852  C CD  . LYS A 1 157 ? 11.027  -14.130 9.344   1.00 20.64 ? 157 LYS A CD  1 
ATOM   853  C CE  . LYS A 1 157 ? 10.022  -14.617 8.302   1.00 21.11 ? 157 LYS A CE  1 
ATOM   854  N NZ  . LYS A 1 157 ? 8.789   -13.759 8.228   1.00 21.44 ? 157 LYS A NZ  1 
ATOM   855  N N   . GLU A 1 158 ? 12.662  -10.669 13.271  1.00 19.69 ? 158 GLU A N   1 
ATOM   856  C CA  . GLU A 1 158 ? 13.528  -9.881  14.139  1.00 20.87 ? 158 GLU A CA  1 
ATOM   857  C C   . GLU A 1 158 ? 14.336  -8.820  13.403  1.00 20.62 ? 158 GLU A C   1 
ATOM   858  O O   . GLU A 1 158 ? 15.492  -8.561  13.739  1.00 20.96 ? 158 GLU A O   1 
ATOM   859  C CB  . GLU A 1 158 ? 14.469  -10.781 14.948  1.00 22.36 ? 158 GLU A CB  1 
ATOM   860  C CG  . GLU A 1 158 ? 13.795  -11.487 16.116  1.00 24.91 ? 158 GLU A CG  1 
ATOM   861  C CD  . GLU A 1 158 ? 14.781  -11.896 17.198  1.00 25.97 ? 158 GLU A CD  1 
ATOM   862  O OE1 . GLU A 1 158 ? 15.809  -12.518 16.861  1.00 27.29 ? 158 GLU A OE1 1 
ATOM   863  O OE2 . GLU A 1 158 ? 14.530  -11.598 18.386  1.00 27.38 ? 158 GLU A OE2 1 
ATOM   864  N N   . MET A 1 159 ? 13.719  -8.216  12.394  1.00 20.23 ? 159 MET A N   1 
ATOM   865  C CA  . MET A 1 159 ? 14.345  -7.140  11.628  1.00 19.93 ? 159 MET A CA  1 
ATOM   866  C C   . MET A 1 159 ? 13.434  -5.932  11.820  1.00 20.08 ? 159 MET A C   1 
ATOM   867  O O   . MET A 1 159 ? 13.089  -5.235  10.868  1.00 19.49 ? 159 MET A O   1 
ATOM   868  C CB  . MET A 1 159 ? 14.434  -7.481  10.136  1.00 19.77 ? 159 MET A CB  1 
ATOM   869  C CG  . MET A 1 159 ? 15.337  -8.662  9.802   1.00 20.07 ? 159 MET A CG  1 
ATOM   870  S SD  . MET A 1 159 ? 15.675  -8.770  8.024   1.00 19.50 ? 159 MET A SD  1 
ATOM   871  C CE  . MET A 1 159 ? 14.124  -9.402  7.414   1.00 19.95 ? 159 MET A CE  1 
ATOM   872  N N   . GLN A 1 160 ? 13.042  -5.706  13.067  1.00 20.31 ? 160 GLN A N   1 
ATOM   873  C CA  . GLN A 1 160 ? 12.156  -4.602  13.407  1.00 20.68 ? 160 GLN A CA  1 
ATOM   874  C C   . GLN A 1 160 ? 12.674  -3.228  12.983  1.00 20.26 ? 160 GLN A C   1 
ATOM   875  O O   . GLN A 1 160 ? 11.887  -2.301  12.782  1.00 19.83 ? 160 GLN A O   1 
ATOM   876  C CB  . GLN A 1 160 ? 11.873  -4.619  14.912  1.00 21.98 ? 160 GLN A CB  1 
ATOM   877  C CG  . GLN A 1 160 ? 13.089  -4.842  15.793  1.00 23.88 ? 160 GLN A CG  1 
ATOM   878  C CD  . GLN A 1 160 ? 13.535  -6.299  15.824  1.00 24.40 ? 160 GLN A CD  1 
ATOM   879  O OE1 . GLN A 1 160 ? 14.613  -6.619  16.325  1.00 26.29 ? 160 GLN A OE1 1 
ATOM   880  N NE2 . GLN A 1 160 ? 12.703  -7.184  15.302  1.00 25.05 ? 160 GLN A NE2 1 
ATOM   881  N N   . VAL A 1 161 ? 13.989  -3.094  12.842  1.00 20.08 ? 161 VAL A N   1 
ATOM   882  C CA  . VAL A 1 161 ? 14.581  -1.821  12.439  1.00 19.93 ? 161 VAL A CA  1 
ATOM   883  C C   . VAL A 1 161 ? 14.053  -1.353  11.083  1.00 19.35 ? 161 VAL A C   1 
ATOM   884  O O   . VAL A 1 161 ? 14.082  -0.158  10.762  1.00 19.16 ? 161 VAL A O   1 
ATOM   885  C CB  . VAL A 1 161 ? 16.118  -1.927  12.363  1.00 20.52 ? 161 VAL A CB  1 
ATOM   886  C CG1 . VAL A 1 161 ? 16.683  -2.190  13.740  1.00 21.74 ? 161 VAL A CG1 1 
ATOM   887  C CG2 . VAL A 1 161 ? 16.517  -3.036  11.402  1.00 21.10 ? 161 VAL A CG2 1 
ATOM   888  N N   . LEU A 1 162 ? 13.558  -2.296  10.292  1.00 18.22 ? 162 LEU A N   1 
ATOM   889  C CA  . LEU A 1 162 ? 13.047  -1.975  8.970   1.00 17.55 ? 162 LEU A CA  1 
ATOM   890  C C   . LEU A 1 162 ? 11.687  -1.285  8.947   1.00 16.98 ? 162 LEU A C   1 
ATOM   891  O O   . LEU A 1 162 ? 11.311  -0.698  7.939   1.00 16.80 ? 162 LEU A O   1 
ATOM   892  C CB  . LEU A 1 162 ? 12.979  -3.239  8.109   1.00 17.59 ? 162 LEU A CB  1 
ATOM   893  C CG  . LEU A 1 162 ? 14.334  -3.792  7.672   1.00 17.52 ? 162 LEU A CG  1 
ATOM   894  C CD1 . LEU A 1 162 ? 14.132  -5.089  6.906   1.00 17.78 ? 162 LEU A CD1 1 
ATOM   895  C CD2 . LEU A 1 162 ? 15.044  -2.757  6.808   1.00 17.95 ? 162 LEU A CD2 1 
ATOM   896  N N   . VAL A 1 163 ? 10.949  -1.333  10.049  1.00 16.22 ? 163 VAL A N   1 
ATOM   897  C CA  . VAL A 1 163 ? 9.625   -0.719  10.043  1.00 15.77 ? 163 VAL A CA  1 
ATOM   898  C C   . VAL A 1 163 ? 9.660   0.782   9.757   1.00 16.31 ? 163 VAL A C   1 
ATOM   899  O O   . VAL A 1 163 ? 8.999   1.253   8.831   1.00 15.81 ? 163 VAL A O   1 
ATOM   900  C CB  . VAL A 1 163 ? 8.885   -0.970  11.368  1.00 15.30 ? 163 VAL A CB  1 
ATOM   901  C CG1 . VAL A 1 163 ? 7.496   -0.326  11.319  1.00 14.89 ? 163 VAL A CG1 1 
ATOM   902  C CG2 . VAL A 1 163 ? 8.754   -2.467  11.605  1.00 14.71 ? 163 VAL A CG2 1 
ATOM   903  N N   . SER A 1 164 ? 10.427  1.527   10.542  1.00 16.70 ? 164 SER A N   1 
ATOM   904  C CA  . SER A 1 164 ? 10.531  2.973   10.343  1.00 17.44 ? 164 SER A CA  1 
ATOM   905  C C   . SER A 1 164 ? 11.137  3.304   8.984   1.00 17.11 ? 164 SER A C   1 
ATOM   906  O O   . SER A 1 164 ? 10.781  4.304   8.360   1.00 17.33 ? 164 SER A O   1 
ATOM   907  C CB  . SER A 1 164 ? 11.379  3.609   11.447  1.00 18.29 ? 164 SER A CB  1 
ATOM   908  O OG  . SER A 1 164 ? 10.702  3.558   12.696  1.00 20.65 ? 164 SER A OG  1 
ATOM   909  N N   . ARG A 1 165 ? 12.064  2.473   8.529   1.00 16.85 ? 165 ARG A N   1 
ATOM   910  C CA  . ARG A 1 165 ? 12.684  2.708   7.237   1.00 16.31 ? 165 ARG A CA  1 
ATOM   911  C C   . ARG A 1 165 ? 11.666  2.511   6.124   1.00 16.00 ? 165 ARG A C   1 
ATOM   912  O O   . ARG A 1 165 ? 11.523  3.368   5.258   1.00 15.88 ? 165 ARG A O   1 
ATOM   913  C CB  . ARG A 1 165 ? 13.893  1.787   7.048   1.00 17.00 ? 165 ARG A CB  1 
ATOM   914  C CG  . ARG A 1 165 ? 14.988  2.038   8.074   1.00 18.06 ? 165 ARG A CG  1 
ATOM   915  C CD  . ARG A 1 165 ? 16.203  1.143   7.851   1.00 19.42 ? 165 ARG A CD  1 
ATOM   916  N NE  . ARG A 1 165 ? 17.197  1.355   8.899   1.00 20.73 ? 165 ARG A NE  1 
ATOM   917  C CZ  . ARG A 1 165 ? 18.281  0.605   9.074   1.00 21.47 ? 165 ARG A CZ  1 
ATOM   918  N NH1 . ARG A 1 165 ? 18.519  -0.415  8.264   1.00 22.12 ? 165 ARG A NH1 1 
ATOM   919  N NH2 . ARG A 1 165 ? 19.118  0.872   10.067  1.00 22.17 ? 165 ARG A NH2 1 
ATOM   920  N N   . ILE A 1 166 ? 10.942  1.395   6.156   1.00 15.40 ? 166 ILE A N   1 
ATOM   921  C CA  . ILE A 1 166 ? 9.929   1.123   5.146   1.00 14.97 ? 166 ILE A CA  1 
ATOM   922  C C   . ILE A 1 166 ? 8.891   2.249   5.157   1.00 14.56 ? 166 ILE A C   1 
ATOM   923  O O   . ILE A 1 166 ? 8.424   2.680   4.104   1.00 14.61 ? 166 ILE A O   1 
ATOM   924  C CB  . ILE A 1 166 ? 9.242   -0.242  5.401   1.00 14.39 ? 166 ILE A CB  1 
ATOM   925  C CG1 . ILE A 1 166 ? 10.255  -1.368  5.152   1.00 14.57 ? 166 ILE A CG1 1 
ATOM   926  C CG2 . ILE A 1 166 ? 8.027   -0.412  4.501   1.00 14.21 ? 166 ILE A CG2 1 
ATOM   927  C CD1 . ILE A 1 166 ? 9.789   -2.765  5.544   1.00 13.93 ? 166 ILE A CD1 1 
ATOM   928  N N   . ALA A 1 167 ? 8.535   2.726   6.346   1.00 14.81 ? 167 ALA A N   1 
ATOM   929  C CA  . ALA A 1 167 ? 7.561   3.814   6.445   1.00 14.80 ? 167 ALA A CA  1 
ATOM   930  C C   . ALA A 1 167 ? 8.070   5.035   5.685   1.00 15.24 ? 167 ALA A C   1 
ATOM   931  O O   . ALA A 1 167 ? 7.324   5.673   4.947   1.00 15.25 ? 167 ALA A O   1 
ATOM   932  C CB  . ALA A 1 167 ? 7.319   4.171   7.895   1.00 14.69 ? 167 ALA A CB  1 
ATOM   933  N N   . SER A 1 168 ? 9.346   5.349   5.870   1.00 15.98 ? 168 SER A N   1 
ATOM   934  C CA  . SER A 1 168 ? 9.970   6.485   5.197   1.00 16.89 ? 168 SER A CA  1 
ATOM   935  C C   . SER A 1 168 ? 10.014  6.282   3.685   1.00 16.62 ? 168 SER A C   1 
ATOM   936  O O   . SER A 1 168 ? 9.727   7.197   2.920   1.00 16.86 ? 168 SER A O   1 
ATOM   937  C CB  . SER A 1 168 ? 11.398  6.692   5.715   1.00 17.63 ? 168 SER A CB  1 
ATOM   938  O OG  . SER A 1 168 ? 11.417  7.119   7.064   1.00 20.73 ? 168 SER A OG  1 
ATOM   939  N N   . TRP A 1 169 ? 10.377  5.083   3.240   1.00 16.24 ? 169 TRP A N   1 
ATOM   940  C CA  . TRP A 1 169 ? 10.449  4.843   1.807   1.00 15.74 ? 169 TRP A CA  1 
ATOM   941  C C   . TRP A 1 169 ? 9.071   4.926   1.167   1.00 15.49 ? 169 TRP A C   1 
ATOM   942  O O   . TRP A 1 169 ? 8.937   5.330   0.015   1.00 15.42 ? 169 TRP A O   1 
ATOM   943  C CB  . TRP A 1 169 ? 11.056  3.471   1.511   1.00 15.56 ? 169 TRP A CB  1 
ATOM   944  C CG  . TRP A 1 169 ? 12.353  3.221   2.193   1.00 16.07 ? 169 TRP A CG  1 
ATOM   945  C CD1 . TRP A 1 169 ? 13.263  4.150   2.611   1.00 16.22 ? 169 TRP A CD1 1 
ATOM   946  C CD2 . TRP A 1 169 ? 12.897  1.944   2.531   1.00 16.16 ? 169 TRP A CD2 1 
ATOM   947  N NE1 . TRP A 1 169 ? 14.342  3.524   3.195   1.00 16.87 ? 169 TRP A NE1 1 
ATOM   948  C CE2 . TRP A 1 169 ? 14.141  2.170   3.156   1.00 16.41 ? 169 TRP A CE2 1 
ATOM   949  C CE3 . TRP A 1 169 ? 12.452  0.627   2.365   1.00 16.40 ? 169 TRP A CE3 1 
ATOM   950  C CZ2 . TRP A 1 169 ? 14.946  1.126   3.617   1.00 16.50 ? 169 TRP A CZ2 1 
ATOM   951  C CZ3 . TRP A 1 169 ? 13.251  -0.408  2.823   1.00 16.48 ? 169 TRP A CZ3 1 
ATOM   952  C CH2 . TRP A 1 169 ? 14.485  -0.152  3.440   1.00 16.43 ? 169 TRP A CH2 1 
ATOM   953  N N   . MET A 1 170 ? 8.047   4.542   1.922   1.00 15.09 ? 170 MET A N   1 
ATOM   954  C CA  . MET A 1 170 ? 6.683   4.580   1.417   1.00 14.85 ? 170 MET A CA  1 
ATOM   955  C C   . MET A 1 170 ? 6.204   6.021   1.294   1.00 15.26 ? 170 MET A C   1 
ATOM   956  O O   . MET A 1 170 ? 5.618   6.398   0.284   1.00 14.95 ? 170 MET A O   1 
ATOM   957  C CB  . MET A 1 170 ? 5.752   3.803   2.345   1.00 14.47 ? 170 MET A CB  1 
ATOM   958  C CG  . MET A 1 170 ? 5.837   2.290   2.166   1.00 14.14 ? 170 MET A CG  1 
ATOM   959  S SD  . MET A 1 170 ? 4.787   1.419   3.345   1.00 13.26 ? 170 MET A SD  1 
ATOM   960  C CE  . MET A 1 170 ? 3.204   1.531   2.501   1.00 14.42 ? 170 MET A CE  1 
ATOM   961  N N   . ALA A 1 171 ? 6.469   6.814   2.324   1.00 15.82 ? 171 ALA A N   1 
ATOM   962  C CA  . ALA A 1 171 ? 6.071   8.217   2.328   1.00 16.70 ? 171 ALA A CA  1 
ATOM   963  C C   . ALA A 1 171 ? 6.750   8.928   1.166   1.00 17.21 ? 171 ALA A C   1 
ATOM   964  O O   . ALA A 1 171 ? 6.105   9.632   0.383   1.00 17.76 ? 171 ALA A O   1 
ATOM   965  C CB  . ALA A 1 171 ? 6.465   8.867   3.651   1.00 16.73 ? 171 ALA A CB  1 
ATOM   966  N N   . THR A 1 172 ? 8.058   8.732   1.054   1.00 17.92 ? 172 THR A N   1 
ATOM   967  C CA  . THR A 1 172 ? 8.833   9.350   -0.009  1.00 18.51 ? 172 THR A CA  1 
ATOM   968  C C   . THR A 1 172 ? 8.321   8.964   -1.395  1.00 18.91 ? 172 THR A C   1 
ATOM   969  O O   . THR A 1 172 ? 8.250   9.811   -2.286  1.00 19.26 ? 172 THR A O   1 
ATOM   970  C CB  . THR A 1 172 ? 10.323  8.967   0.113   1.00 18.71 ? 172 THR A CB  1 
ATOM   971  O OG1 . THR A 1 172 ? 10.841  9.455   1.357   1.00 19.38 ? 172 THR A OG1 1 
ATOM   972  C CG2 . THR A 1 172 ? 11.127  9.569   -1.032  1.00 19.25 ? 172 THR A CG2 1 
ATOM   973  N N   . TYR A 1 173 ? 7.961   7.694   -1.586  1.00 19.01 ? 173 TYR A N   1 
ATOM   974  C CA  . TYR A 1 173 ? 7.462   7.267   -2.887  1.00 19.48 ? 173 TYR A CA  1 
ATOM   975  C C   . TYR A 1 173 ? 6.106   7.914   -3.166  1.00 19.69 ? 173 TYR A C   1 
ATOM   976  O O   . TYR A 1 173 ? 5.805   8.287   -4.297  1.00 19.56 ? 173 TYR A O   1 
ATOM   977  C CB  . TYR A 1 173 ? 7.342   5.740   -2.972  1.00 19.46 ? 173 TYR A CB  1 
ATOM   978  C CG  . TYR A 1 173 ? 7.047   5.273   -4.378  1.00 20.11 ? 173 TYR A CG  1 
ATOM   979  C CD1 . TYR A 1 173 ? 5.740   5.192   -4.844  1.00 20.12 ? 173 TYR A CD1 1 
ATOM   980  C CD2 . TYR A 1 173 ? 8.083   5.023   -5.282  1.00 20.29 ? 173 TYR A CD2 1 
ATOM   981  C CE1 . TYR A 1 173 ? 5.464   4.887   -6.172  1.00 20.99 ? 173 TYR A CE1 1 
ATOM   982  C CE2 . TYR A 1 173 ? 7.814   4.720   -6.617  1.00 20.85 ? 173 TYR A CE2 1 
ATOM   983  C CZ  . TYR A 1 173 ? 6.501   4.659   -7.054  1.00 20.94 ? 173 TYR A CZ  1 
ATOM   984  O OH  . TYR A 1 173 ? 6.214   4.412   -8.381  1.00 22.05 ? 173 TYR A OH  1 
ATOM   985  N N   . LEU A 1 174 ? 5.293   8.039   -2.124  1.00 20.20 ? 174 LEU A N   1 
ATOM   986  C CA  . LEU A 1 174 ? 3.979   8.659   -2.256  1.00 21.10 ? 174 LEU A CA  1 
ATOM   987  C C   . LEU A 1 174 ? 4.142   10.104  -2.723  1.00 21.89 ? 174 LEU A C   1 
ATOM   988  O O   . LEU A 1 174 ? 3.581   10.518  -3.742  1.00 22.00 ? 174 LEU A O   1 
ATOM   989  C CB  . LEU A 1 174 ? 3.258   8.684   -0.905  1.00 21.01 ? 174 LEU A CB  1 
ATOM   990  C CG  . LEU A 1 174 ? 2.079   7.794   -0.492  1.00 22.13 ? 174 LEU A CG  1 
ATOM   991  C CD1 . LEU A 1 174 ? 1.315   7.309   -1.714  1.00 21.62 ? 174 LEU A CD1 1 
ATOM   992  C CD2 . LEU A 1 174 ? 2.575   6.651   0.360   1.00 21.54 ? 174 LEU A CD2 1 
ATOM   993  N N   . ASN A 1 175 ? 4.916   10.861  -1.954  1.00 22.95 ? 175 ASN A N   1 
ATOM   994  C CA  . ASN A 1 175 ? 5.134   12.267  -2.238  1.00 23.92 ? 175 ASN A CA  1 
ATOM   995  C C   . ASN A 1 175 ? 5.865   12.569  -3.527  1.00 24.62 ? 175 ASN A C   1 
ATOM   996  O O   . ASN A 1 175 ? 5.507   13.517  -4.210  1.00 24.84 ? 175 ASN A O   1 
ATOM   997  C CB  . ASN A 1 175 ? 5.865   12.944  -1.078  1.00 24.06 ? 175 ASN A CB  1 
ATOM   998  C CG  . ASN A 1 175 ? 5.043   12.960  0.194   1.00 24.30 ? 175 ASN A CG  1 
ATOM   999  O OD1 . ASN A 1 175 ? 3.843   13.238  0.164   1.00 24.45 ? 175 ASN A OD1 1 
ATOM   1000 N ND2 . ASN A 1 175 ? 5.684   12.669  1.320   1.00 24.81 ? 175 ASN A ND2 1 
ATOM   1001 N N   . ASP A 1 176 ? 6.869   11.775  -3.883  1.00 25.19 ? 176 ASP A N   1 
ATOM   1002 C CA  . ASP A 1 176 ? 7.621   12.066  -5.102  1.00 25.95 ? 176 ASP A CA  1 
ATOM   1003 C C   . ASP A 1 176 ? 7.129   11.420  -6.396  1.00 26.13 ? 176 ASP A C   1 
ATOM   1004 O O   . ASP A 1 176 ? 7.394   11.941  -7.486  1.00 26.38 ? 176 ASP A O   1 
ATOM   1005 C CB  . ASP A 1 176 ? 9.095   11.703  -4.901  1.00 26.58 ? 176 ASP A CB  1 
ATOM   1006 C CG  . ASP A 1 176 ? 9.729   12.449  -3.746  1.00 27.26 ? 176 ASP A CG  1 
ATOM   1007 O OD1 . ASP A 1 176 ? 9.225   13.531  -3.383  1.00 28.01 ? 176 ASP A OD1 1 
ATOM   1008 O OD2 . ASP A 1 176 ? 10.745  11.961  -3.207  1.00 28.10 ? 176 ASP A OD2 1 
ATOM   1009 N N   . HIS A 1 177 ? 6.417   10.302  -6.298  1.00 26.13 ? 177 HIS A N   1 
ATOM   1010 C CA  . HIS A 1 177 ? 5.965   9.605   -7.499  1.00 26.33 ? 177 HIS A CA  1 
ATOM   1011 C C   . HIS A 1 177 ? 4.476   9.318   -7.633  1.00 26.41 ? 177 HIS A C   1 
ATOM   1012 O O   . HIS A 1 177 ? 4.007   8.987   -8.723  1.00 26.28 ? 177 HIS A O   1 
ATOM   1013 C CB  . HIS A 1 177 ? 6.740   8.289   -7.636  1.00 26.52 ? 177 HIS A CB  1 
ATOM   1014 C CG  . HIS A 1 177 ? 8.223   8.476   -7.722  1.00 27.17 ? 177 HIS A CG  1 
ATOM   1015 N ND1 . HIS A 1 177 ? 8.830   9.111   -8.784  1.00 27.39 ? 177 HIS A ND1 1 
ATOM   1016 C CD2 . HIS A 1 177 ? 9.213   8.162   -6.854  1.00 27.30 ? 177 HIS A CD2 1 
ATOM   1017 C CE1 . HIS A 1 177 ? 10.131  9.183   -8.564  1.00 27.52 ? 177 HIS A CE1 1 
ATOM   1018 N NE2 . HIS A 1 177 ? 10.390  8.616   -7.400  1.00 27.65 ? 177 HIS A NE2 1 
ATOM   1019 N N   . LEU A 1 178 ? 3.729   9.437   -6.540  1.00 26.41 ? 178 LEU A N   1 
ATOM   1020 C CA  . LEU A 1 178 ? 2.295   9.165   -6.580  1.00 26.70 ? 178 LEU A CA  1 
ATOM   1021 C C   . LEU A 1 178 ? 1.432   10.411  -6.418  1.00 26.90 ? 178 LEU A C   1 
ATOM   1022 O O   . LEU A 1 178 ? 0.338   10.488  -6.978  1.00 26.63 ? 178 LEU A O   1 
ATOM   1023 C CB  . LEU A 1 178 ? 1.927   8.151   -5.492  1.00 26.68 ? 178 LEU A CB  1 
ATOM   1024 C CG  . LEU A 1 178 ? 1.537   6.728   -5.915  1.00 27.44 ? 178 LEU A CG  1 
ATOM   1025 C CD1 . LEU A 1 178 ? 2.352   6.271   -7.105  1.00 27.05 ? 178 LEU A CD1 1 
ATOM   1026 C CD2 . LEU A 1 178 ? 1.728   5.788   -4.729  1.00 26.85 ? 178 LEU A CD2 1 
ATOM   1027 N N   . GLU A 1 179 ? 1.933   11.378  -5.658  1.00 27.43 ? 179 GLU A N   1 
ATOM   1028 C CA  . GLU A 1 179 ? 1.209   12.613  -5.391  1.00 27.99 ? 179 GLU A CA  1 
ATOM   1029 C C   . GLU A 1 179 ? 0.718   13.331  -6.648  1.00 27.96 ? 179 GLU A C   1 
ATOM   1030 O O   . GLU A 1 179 ? -0.433  13.775  -6.704  1.00 27.91 ? 179 GLU A O   1 
ATOM   1031 C CB  . GLU A 1 179 ? 2.078   13.549  -4.553  1.00 28.56 ? 179 GLU A CB  1 
ATOM   1032 C CG  . GLU A 1 179 ? 1.383   14.822  -4.128  1.00 29.89 ? 179 GLU A CG  1 
ATOM   1033 C CD  . GLU A 1 179 ? 0.065   14.579  -3.416  1.00 30.53 ? 179 GLU A CD  1 
ATOM   1034 O OE1 . GLU A 1 179 ? -0.063  13.572  -2.687  1.00 30.99 ? 179 GLU A OE1 1 
ATOM   1035 O OE2 . GLU A 1 179 ? -0.848  15.417  -3.574  1.00 31.19 ? 179 GLU A OE2 1 
ATOM   1036 N N   . PRO A 1 180 ? 1.576   13.466  -7.670  1.00 27.83 ? 180 PRO A N   1 
ATOM   1037 C CA  . PRO A 1 180 ? 1.120   14.149  -8.884  1.00 27.71 ? 180 PRO A CA  1 
ATOM   1038 C C   . PRO A 1 180 ? -0.152  13.521  -9.456  1.00 27.38 ? 180 PRO A C   1 
ATOM   1039 O O   . PRO A 1 180 ? -1.072  14.226  -9.866  1.00 27.48 ? 180 PRO A O   1 
ATOM   1040 C CB  . PRO A 1 180 ? 2.318   14.009  -9.824  1.00 27.89 ? 180 PRO A CB  1 
ATOM   1041 C CG  . PRO A 1 180 ? 3.473   14.087  -8.875  1.00 28.09 ? 180 PRO A CG  1 
ATOM   1042 C CD  . PRO A 1 180 ? 3.018   13.168  -7.749  1.00 27.99 ? 180 PRO A CD  1 
ATOM   1043 N N   . TRP A 1 181 ? -0.199  12.194  -9.472  1.00 26.88 ? 181 TRP A N   1 
ATOM   1044 C CA  . TRP A 1 181 ? -1.354  11.473  -9.988  1.00 26.42 ? 181 TRP A CA  1 
ATOM   1045 C C   . TRP A 1 181 ? -2.539  11.610  -9.040  1.00 26.71 ? 181 TRP A C   1 
ATOM   1046 O O   . TRP A 1 181 ? -3.661  11.862  -9.467  1.00 26.65 ? 181 TRP A O   1 
ATOM   1047 C CB  . TRP A 1 181 ? -1.027  9.990   -10.152 1.00 25.57 ? 181 TRP A CB  1 
ATOM   1048 C CG  . TRP A 1 181 ? -2.161  9.192   -10.718 1.00 24.57 ? 181 TRP A CG  1 
ATOM   1049 C CD1 . TRP A 1 181 ? -2.415  8.948   -12.034 1.00 24.28 ? 181 TRP A CD1 1 
ATOM   1050 C CD2 . TRP A 1 181 ? -3.215  8.560   -9.981  1.00 24.11 ? 181 TRP A CD2 1 
ATOM   1051 N NE1 . TRP A 1 181 ? -3.559  8.201   -12.167 1.00 24.06 ? 181 TRP A NE1 1 
ATOM   1052 C CE2 . TRP A 1 181 ? -4.073  7.950   -10.923 1.00 23.94 ? 181 TRP A CE2 1 
ATOM   1053 C CE3 . TRP A 1 181 ? -3.519  8.450   -8.618  1.00 23.71 ? 181 TRP A CE3 1 
ATOM   1054 C CZ2 . TRP A 1 181 ? -5.216  7.239   -10.546 1.00 24.06 ? 181 TRP A CZ2 1 
ATOM   1055 C CZ3 . TRP A 1 181 ? -4.659  7.741   -8.242  1.00 23.71 ? 181 TRP A CZ3 1 
ATOM   1056 C CH2 . TRP A 1 181 ? -5.493  7.146   -9.204  1.00 23.68 ? 181 TRP A CH2 1 
ATOM   1057 N N   . ILE A 1 182 ? -2.283  11.418  -7.752  1.00 26.90 ? 182 ILE A N   1 
ATOM   1058 C CA  . ILE A 1 182 ? -3.335  11.522  -6.750  1.00 27.40 ? 182 ILE A CA  1 
ATOM   1059 C C   . ILE A 1 182 ? -4.066  12.855  -6.871  1.00 27.92 ? 182 ILE A C   1 
ATOM   1060 O O   . ILE A 1 182 ? -5.294  12.898  -6.931  1.00 27.78 ? 182 ILE A O   1 
ATOM   1061 C CB  . ILE A 1 182 ? -2.757  11.404  -5.328  1.00 27.17 ? 182 ILE A CB  1 
ATOM   1062 C CG1 . ILE A 1 182 ? -2.190  9.997   -5.117  1.00 26.99 ? 182 ILE A CG1 1 
ATOM   1063 C CG2 . ILE A 1 182 ? -3.838  11.713  -4.295  1.00 27.19 ? 182 ILE A CG2 1 
ATOM   1064 C CD1 . ILE A 1 182 ? -1.496  9.813   -3.787  1.00 26.78 ? 182 ILE A CD1 1 
ATOM   1065 N N   . GLN A 1 183 ? -3.302  13.938  -6.915  1.00 28.71 ? 183 GLN A N   1 
ATOM   1066 C CA  . GLN A 1 183 ? -3.877  15.272  -7.008  1.00 29.67 ? 183 GLN A CA  1 
ATOM   1067 C C   . GLN A 1 183 ? -4.640  15.478  -8.310  1.00 29.80 ? 183 GLN A C   1 
ATOM   1068 O O   . GLN A 1 183 ? -5.666  16.159  -8.329  1.00 29.97 ? 183 GLN A O   1 
ATOM   1069 C CB  . GLN A 1 183 ? -2.772  16.323  -6.872  1.00 30.56 ? 183 GLN A CB  1 
ATOM   1070 C CG  . GLN A 1 183 ? -3.113  17.488  -5.943  1.00 32.00 ? 183 GLN A CG  1 
ATOM   1071 C CD  . GLN A 1 183 ? -3.304  17.070  -4.486  1.00 32.91 ? 183 GLN A CD  1 
ATOM   1072 O OE1 . GLN A 1 183 ? -3.444  17.918  -3.603  1.00 33.58 ? 183 GLN A OE1 1 
ATOM   1073 N NE2 . GLN A 1 183 ? -3.314  15.764  -4.232  1.00 33.46 ? 183 GLN A NE2 1 
ATOM   1074 N N   . GLU A 1 184 ? -4.150  14.886  -9.395  1.00 29.67 ? 184 GLU A N   1 
ATOM   1075 C CA  . GLU A 1 184 ? -4.801  15.025  -10.692 1.00 29.74 ? 184 GLU A CA  1 
ATOM   1076 C C   . GLU A 1 184 ? -6.053  14.163  -10.803 1.00 29.21 ? 184 GLU A C   1 
ATOM   1077 O O   . GLU A 1 184 ? -6.888  14.374  -11.683 1.00 29.14 ? 184 GLU A O   1 
ATOM   1078 C CB  . GLU A 1 184 ? -3.825  14.658  -11.815 1.00 30.45 ? 184 GLU A CB  1 
ATOM   1079 C CG  . GLU A 1 184 ? -4.422  14.762  -13.215 1.00 31.89 ? 184 GLU A CG  1 
ATOM   1080 C CD  . GLU A 1 184 ? -3.384  14.613  -14.317 1.00 32.66 ? 184 GLU A CD  1 
ATOM   1081 O OE1 . GLU A 1 184 ? -2.431  15.422  -14.352 1.00 33.37 ? 184 GLU A OE1 1 
ATOM   1082 O OE2 . GLU A 1 184 ? -3.523  13.691  -15.151 1.00 33.29 ? 184 GLU A OE2 1 
ATOM   1083 N N   . ASN A 1 185 ? -6.187  13.197  -9.901  1.00 28.50 ? 185 ASN A N   1 
ATOM   1084 C CA  . ASN A 1 185 ? -7.331  12.300  -9.925  1.00 27.91 ? 185 ASN A CA  1 
ATOM   1085 C C   . ASN A 1 185 ? -8.304  12.480  -8.765  1.00 27.34 ? 185 ASN A C   1 
ATOM   1086 O O   . ASN A 1 185 ? -8.967  11.530  -8.346  1.00 27.16 ? 185 ASN A O   1 
ATOM   1087 C CB  . ASN A 1 185 ? -6.842  10.857  -10.000 1.00 28.06 ? 185 ASN A CB  1 
ATOM   1088 C CG  . ASN A 1 185 ? -6.258  10.522  -11.358 1.00 28.13 ? 185 ASN A CG  1 
ATOM   1089 O OD1 . ASN A 1 185 ? -6.954  10.022  -12.238 1.00 28.67 ? 185 ASN A OD1 1 
ATOM   1090 N ND2 . ASN A 1 185 ? -4.981  10.822  -11.542 1.00 28.17 ? 185 ASN A ND2 1 
ATOM   1091 N N   . GLY A 1 186 ? -8.384  13.704  -8.253  1.00 26.87 ? 186 GLY A N   1 
ATOM   1092 C CA  . GLY A 1 186 ? -9.315  14.001  -7.178  1.00 26.14 ? 186 GLY A CA  1 
ATOM   1093 C C   . GLY A 1 186 ? -8.794  13.903  -5.760  1.00 25.59 ? 186 GLY A C   1 
ATOM   1094 O O   . GLY A 1 186 ? -9.538  14.160  -4.814  1.00 25.85 ? 186 GLY A O   1 
ATOM   1095 N N   . GLY A 1 187 ? -7.529  13.531  -5.600  1.00 24.80 ? 187 GLY A N   1 
ATOM   1096 C CA  . GLY A 1 187 ? -6.969  13.418  -4.266  1.00 23.85 ? 187 GLY A CA  1 
ATOM   1097 C C   . GLY A 1 187 ? -7.598  12.299  -3.454  1.00 23.33 ? 187 GLY A C   1 
ATOM   1098 O O   . GLY A 1 187 ? -8.456  11.565  -3.952  1.00 22.90 ? 187 GLY A O   1 
ATOM   1099 N N   . TRP A 1 188 ? -7.179  12.176  -2.200  1.00 22.72 ? 188 TRP A N   1 
ATOM   1100 C CA  . TRP A 1 188 ? -7.692  11.134  -1.317  1.00 22.39 ? 188 TRP A CA  1 
ATOM   1101 C C   . TRP A 1 188 ? -9.186  11.254  -1.095  1.00 22.49 ? 188 TRP A C   1 
ATOM   1102 O O   . TRP A 1 188 ? -9.872  10.265  -0.834  1.00 21.87 ? 188 TRP A O   1 
ATOM   1103 C CB  . TRP A 1 188 ? -6.956  11.168  0.021   1.00 22.29 ? 188 TRP A CB  1 
ATOM   1104 C CG  . TRP A 1 188 ? -5.569  10.626  -0.091  1.00 21.95 ? 188 TRP A CG  1 
ATOM   1105 C CD1 . TRP A 1 188 ? -4.402  11.322  0.008   1.00 21.92 ? 188 TRP A CD1 1 
ATOM   1106 C CD2 . TRP A 1 188 ? -5.207  9.265   -0.358  1.00 21.74 ? 188 TRP A CD2 1 
ATOM   1107 N NE1 . TRP A 1 188 ? -3.330  10.478  -0.182  1.00 21.91 ? 188 TRP A NE1 1 
ATOM   1108 C CE2 . TRP A 1 188 ? -3.797  9.211   -0.407  1.00 21.73 ? 188 TRP A CE2 1 
ATOM   1109 C CE3 . TRP A 1 188 ? -5.938  8.088   -0.558  1.00 21.84 ? 188 TRP A CE3 1 
ATOM   1110 C CZ2 . TRP A 1 188 ? -3.101  8.020   -0.648  1.00 21.77 ? 188 TRP A CZ2 1 
ATOM   1111 C CZ3 . TRP A 1 188 ? -5.249  6.905   -0.798  1.00 22.03 ? 188 TRP A CZ3 1 
ATOM   1112 C CH2 . TRP A 1 188 ? -3.841  6.883   -0.840  1.00 21.84 ? 188 TRP A CH2 1 
ATOM   1113 N N   . ASP A 1 189 ? -9.691  12.477  -1.195  1.00 22.85 ? 189 ASP A N   1 
ATOM   1114 C CA  . ASP A 1 189 ? -11.116 12.710  -1.026  1.00 23.44 ? 189 ASP A CA  1 
ATOM   1115 C C   . ASP A 1 189 ? -11.862 11.833  -2.017  1.00 23.39 ? 189 ASP A C   1 
ATOM   1116 O O   . ASP A 1 189 ? -12.888 11.243  -1.691  1.00 23.53 ? 189 ASP A O   1 
ATOM   1117 C CB  . ASP A 1 189 ? -11.449 14.173  -1.304  1.00 24.10 ? 189 ASP A CB  1 
ATOM   1118 C CG  . ASP A 1 189 ? -12.941 14.447  -1.269  1.00 25.19 ? 189 ASP A CG  1 
ATOM   1119 O OD1 . ASP A 1 189 ? -13.502 14.550  -0.156  1.00 26.02 ? 189 ASP A OD1 1 
ATOM   1120 O OD2 . ASP A 1 189 ? -13.551 14.547  -2.357  1.00 25.65 ? 189 ASP A OD2 1 
ATOM   1121 N N   . THR A 1 190 ? -11.336 11.753  -3.235  1.00 23.53 ? 190 THR A N   1 
ATOM   1122 C CA  . THR A 1 190 ? -11.956 10.951  -4.277  1.00 23.23 ? 190 THR A CA  1 
ATOM   1123 C C   . THR A 1 190 ? -11.764 9.458   -4.032  1.00 23.10 ? 190 THR A C   1 
ATOM   1124 O O   . THR A 1 190 ? -12.644 8.661   -4.342  1.00 22.86 ? 190 THR A O   1 
ATOM   1125 C CB  . THR A 1 190 ? -11.404 11.339  -5.665  1.00 23.52 ? 190 THR A CB  1 
ATOM   1126 O OG1 . THR A 1 190 ? -11.784 12.691  -5.962  1.00 23.75 ? 190 THR A OG1 1 
ATOM   1127 C CG2 . THR A 1 190 ? -11.953 10.422  -6.736  1.00 23.40 ? 190 THR A CG2 1 
ATOM   1128 N N   . PHE A 1 191 ? -10.619 9.073   -3.474  1.00 22.63 ? 191 PHE A N   1 
ATOM   1129 C CA  . PHE A 1 191 ? -10.385 7.662   -3.179  1.00 22.61 ? 191 PHE A CA  1 
ATOM   1130 C C   . PHE A 1 191 ? -11.500 7.195   -2.243  1.00 22.94 ? 191 PHE A C   1 
ATOM   1131 O O   . PHE A 1 191 ? -12.061 6.116   -2.409  1.00 23.05 ? 191 PHE A O   1 
ATOM   1132 C CB  . PHE A 1 191 ? -9.032  7.467   -2.483  1.00 21.75 ? 191 PHE A CB  1 
ATOM   1133 C CG  . PHE A 1 191 ? -8.863  6.106   -1.860  1.00 21.19 ? 191 PHE A CG  1 
ATOM   1134 C CD1 . PHE A 1 191 ? -8.624  4.988   -2.649  1.00 20.76 ? 191 PHE A CD1 1 
ATOM   1135 C CD2 . PHE A 1 191 ? -8.972  5.940   -0.482  1.00 20.85 ? 191 PHE A CD2 1 
ATOM   1136 C CE1 . PHE A 1 191 ? -8.497  3.723   -2.077  1.00 20.46 ? 191 PHE A CE1 1 
ATOM   1137 C CE2 . PHE A 1 191 ? -8.847  4.681   0.100   1.00 20.61 ? 191 PHE A CE2 1 
ATOM   1138 C CZ  . PHE A 1 191 ? -8.608  3.570   -0.699  1.00 20.29 ? 191 PHE A CZ  1 
ATOM   1139 N N   . VAL A 1 192 ? -11.814 8.029   -1.259  1.00 23.63 ? 192 VAL A N   1 
ATOM   1140 C CA  . VAL A 1 192 ? -12.851 7.708   -0.288  1.00 24.35 ? 192 VAL A CA  1 
ATOM   1141 C C   . VAL A 1 192 ? -14.221 7.627   -0.939  1.00 25.27 ? 192 VAL A C   1 
ATOM   1142 O O   . VAL A 1 192 ? -15.028 6.759   -0.613  1.00 25.07 ? 192 VAL A O   1 
ATOM   1143 C CB  . VAL A 1 192 ? -12.912 8.765   0.827   1.00 24.07 ? 192 VAL A CB  1 
ATOM   1144 C CG1 . VAL A 1 192 ? -14.157 8.552   1.661   1.00 23.82 ? 192 VAL A CG1 1 
ATOM   1145 C CG2 . VAL A 1 192 ? -11.664 8.681   1.693   1.00 23.66 ? 192 VAL A CG2 1 
ATOM   1146 N N   . ASP A 1 193 ? -14.487 8.545   -1.856  1.00 26.43 ? 193 ASP A N   1 
ATOM   1147 C CA  . ASP A 1 193 ? -15.769 8.559   -2.533  1.00 27.82 ? 193 ASP A CA  1 
ATOM   1148 C C   . ASP A 1 193 ? -15.973 7.241   -3.275  1.00 28.38 ? 193 ASP A C   1 
ATOM   1149 O O   . ASP A 1 193 ? -17.083 6.716   -3.327  1.00 28.53 ? 193 ASP A O   1 
ATOM   1150 C CB  . ASP A 1 193 ? -15.828 9.739   -3.508  1.00 28.64 ? 193 ASP A CB  1 
ATOM   1151 C CG  . ASP A 1 193 ? -17.208 9.932   -4.110  1.00 29.42 ? 193 ASP A CG  1 
ATOM   1152 O OD1 . ASP A 1 193 ? -17.411 10.937  -4.822  1.00 30.08 ? 193 ASP A OD1 1 
ATOM   1153 O OD2 . ASP A 1 193 ? -18.086 9.080   -3.875  1.00 30.21 ? 193 ASP A OD2 1 
ATOM   1154 N N   . LEU A 1 194 ? -14.886 6.694   -3.813  1.00 28.96 ? 194 LEU A N   1 
ATOM   1155 C CA  . LEU A 1 194 ? -14.945 5.453   -4.578  1.00 29.64 ? 194 LEU A CA  1 
ATOM   1156 C C   . LEU A 1 194 ? -14.768 4.165   -3.773  1.00 30.08 ? 194 LEU A C   1 
ATOM   1157 O O   . LEU A 1 194 ? -15.346 3.133   -4.121  1.00 30.16 ? 194 LEU A O   1 
ATOM   1158 C CB  . LEU A 1 194 ? -13.898 5.494   -5.695  1.00 29.81 ? 194 LEU A CB  1 
ATOM   1159 C CG  . LEU A 1 194 ? -13.960 6.723   -6.608  1.00 30.04 ? 194 LEU A CG  1 
ATOM   1160 C CD1 . LEU A 1 194 ? -12.782 6.699   -7.579  1.00 29.95 ? 194 LEU A CD1 1 
ATOM   1161 C CD2 . LEU A 1 194 ? -15.282 6.740   -7.362  1.00 30.20 ? 194 LEU A CD2 1 
ATOM   1162 N N   . TYR A 1 195 ? -13.975 4.219   -2.706  1.00 30.47 ? 195 TYR A N   1 
ATOM   1163 C CA  . TYR A 1 195 ? -13.733 3.034   -1.883  1.00 30.99 ? 195 TYR A CA  1 
ATOM   1164 C C   . TYR A 1 195 ? -14.360 3.097   -0.496  1.00 31.55 ? 195 TYR A C   1 
ATOM   1165 O O   . TYR A 1 195 ? -14.434 2.085   0.201   1.00 31.71 ? 195 TYR A O   1 
ATOM   1166 C CB  . TYR A 1 195 ? -12.226 2.792   -1.729  1.00 30.79 ? 195 TYR A CB  1 
ATOM   1167 C CG  . TYR A 1 195 ? -11.538 2.310   -2.987  1.00 30.63 ? 195 TYR A CG  1 
ATOM   1168 C CD1 . TYR A 1 195 ? -11.432 3.132   -4.109  1.00 30.59 ? 195 TYR A CD1 1 
ATOM   1169 C CD2 . TYR A 1 195 ? -11.002 1.025   -3.058  1.00 30.66 ? 195 TYR A CD2 1 
ATOM   1170 C CE1 . TYR A 1 195 ? -10.809 2.684   -5.272  1.00 30.64 ? 195 TYR A CE1 1 
ATOM   1171 C CE2 . TYR A 1 195 ? -10.377 0.569   -4.216  1.00 30.63 ? 195 TYR A CE2 1 
ATOM   1172 C CZ  . TYR A 1 195 ? -10.285 1.401   -5.317  1.00 30.78 ? 195 TYR A CZ  1 
ATOM   1173 O OH  . TYR A 1 195 ? -9.666  0.946   -6.459  1.00 30.90 ? 195 TYR A OH  1 
ATOM   1174 N N   . GLY A 1 196 ? -14.799 4.287   -0.098  1.00 32.06 ? 196 GLY A N   1 
ATOM   1175 C CA  . GLY A 1 196 ? -15.403 4.469   1.212   1.00 32.80 ? 196 GLY A CA  1 
ATOM   1176 C C   . GLY A 1 196 ? -16.698 3.712   1.432   1.00 33.23 ? 196 GLY A C   1 
ATOM   1177 O O   . GLY A 1 196 ? -16.914 3.224   2.561   1.00 33.72 ? 196 GLY A O   1 
ATOM   1178 O OXT . GLY A 1 196 ? -17.509 3.622   0.487   1.00 33.81 ? 196 GLY A OXT 1 
ATOM   1179 N N   . ASP B 2 1   ? 10.428  -17.604 -15.000 1.00 29.70 ? 83  ASP B N   1 
ATOM   1180 C CA  . ASP B 2 1   ? 11.877  -17.288 -14.888 1.00 29.40 ? 83  ASP B CA  1 
ATOM   1181 C C   . ASP B 2 1   ? 12.131  -15.839 -14.507 1.00 29.01 ? 83  ASP B C   1 
ATOM   1182 O O   . ASP B 2 1   ? 13.180  -15.279 -14.830 1.00 29.44 ? 83  ASP B O   1 
ATOM   1183 N N   . LEU B 2 2   ? 11.171  -15.230 -13.819 1.00 28.39 ? 84  LEU B N   1 
ATOM   1184 C CA  . LEU B 2 2   ? 11.303  -13.840 -13.398 1.00 27.59 ? 84  LEU B CA  1 
ATOM   1185 C C   . LEU B 2 2   ? 12.004  -13.725 -12.054 1.00 26.83 ? 84  LEU B C   1 
ATOM   1186 O O   . LEU B 2 2   ? 11.894  -14.615 -11.209 1.00 27.10 ? 84  LEU B O   1 
ATOM   1187 C CB  . LEU B 2 2   ? 9.923   -13.184 -13.282 1.00 27.81 ? 84  LEU B CB  1 
ATOM   1188 C CG  . LEU B 2 2   ? 9.093   -13.034 -14.554 1.00 27.91 ? 84  LEU B CG  1 
ATOM   1189 C CD1 . LEU B 2 2   ? 7.705   -12.532 -14.192 1.00 28.26 ? 84  LEU B CD1 1 
ATOM   1190 C CD2 . LEU B 2 2   ? 9.785   -12.073 -15.510 1.00 28.27 ? 84  LEU B CD2 1 
ATOM   1191 N N   . ARG B 2 3   ? 12.726  -12.625 -11.862 1.00 25.93 ? 85  ARG B N   1 
ATOM   1192 C CA  . ARG B 2 3   ? 13.406  -12.376 -10.599 1.00 24.88 ? 85  ARG B CA  1 
ATOM   1193 C C   . ARG B 2 3   ? 12.285  -12.150 -9.589  1.00 24.02 ? 85  ARG B C   1 
ATOM   1194 O O   . ARG B 2 3   ? 11.187  -11.738 -9.962  1.00 23.45 ? 85  ARG B O   1 
ATOM   1195 C CB  . ARG B 2 3   ? 14.254  -11.111 -10.684 1.00 25.53 ? 85  ARG B CB  1 
ATOM   1196 C CG  . ARG B 2 3   ? 15.264  -11.085 -11.820 1.00 26.31 ? 85  ARG B CG  1 
ATOM   1197 C CD  . ARG B 2 3   ? 15.604  -9.637  -12.143 1.00 26.86 ? 85  ARG B CD  1 
ATOM   1198 N NE  . ARG B 2 3   ? 15.962  -8.911  -10.937 1.00 28.14 ? 85  ARG B NE  1 
ATOM   1199 C CZ  . ARG B 2 3   ? 15.713  -7.624  -10.733 1.00 27.71 ? 85  ARG B CZ  1 
ATOM   1200 N NH1 . ARG B 2 3   ? 16.084  -7.064  -9.595  1.00 28.02 ? 85  ARG B NH1 1 
ATOM   1201 N NH2 . ARG B 2 3   ? 15.094  -6.902  -11.660 1.00 27.56 ? 85  ARG B NH2 1 
ATOM   1202 N N   . PRO B 2 4   ? 12.551  -12.406 -8.301  1.00 23.11 ? 86  PRO B N   1 
ATOM   1203 C CA  . PRO B 2 4   ? 11.550  -12.228 -7.242  1.00 22.44 ? 86  PRO B CA  1 
ATOM   1204 C C   . PRO B 2 4   ? 10.848  -10.868 -7.256  1.00 21.38 ? 86  PRO B C   1 
ATOM   1205 O O   . PRO B 2 4   ? 9.620   -10.799 -7.233  1.00 21.04 ? 86  PRO B O   1 
ATOM   1206 C CB  . PRO B 2 4   ? 12.362  -12.447 -5.967  1.00 22.70 ? 86  PRO B CB  1 
ATOM   1207 C CG  . PRO B 2 4   ? 13.384  -13.453 -6.405  1.00 23.30 ? 86  PRO B CG  1 
ATOM   1208 C CD  . PRO B 2 4   ? 13.819  -12.909 -7.742  1.00 23.39 ? 86  PRO B CD  1 
ATOM   1209 N N   . GLU B 2 5   ? 11.628  -9.793  -7.297  1.00 20.62 ? 87  GLU B N   1 
ATOM   1210 C CA  . GLU B 2 5   ? 11.065  -8.446  -7.296  1.00 19.94 ? 87  GLU B CA  1 
ATOM   1211 C C   . GLU B 2 5   ? 10.044  -8.218  -8.407  1.00 19.39 ? 87  GLU B C   1 
ATOM   1212 O O   . GLU B 2 5   ? 8.998   -7.595  -8.194  1.00 18.51 ? 87  GLU B O   1 
ATOM   1213 C CB  . GLU B 2 5   ? 12.176  -7.397  -7.414  1.00 20.70 ? 87  GLU B CB  1 
ATOM   1214 C CG  . GLU B 2 5   ? 13.055  -7.214  -6.178  1.00 21.78 ? 87  GLU B CG  1 
ATOM   1215 C CD  . GLU B 2 5   ? 14.069  -8.331  -5.978  1.00 22.37 ? 87  GLU B CD  1 
ATOM   1216 O OE1 . GLU B 2 5   ? 14.252  -9.159  -6.896  1.00 23.11 ? 87  GLU B OE1 1 
ATOM   1217 O OE2 . GLU B 2 5   ? 14.690  -8.372  -4.896  1.00 23.46 ? 87  GLU B OE2 1 
ATOM   1218 N N   . ILE B 2 6   ? 10.347  -8.718  -9.598  1.00 18.51 ? 88  ILE B N   1 
ATOM   1219 C CA  . ILE B 2 6   ? 9.456   -8.546  -10.733 1.00 18.18 ? 88  ILE B CA  1 
ATOM   1220 C C   . ILE B 2 6   ? 8.255   -9.485  -10.655 1.00 18.09 ? 88  ILE B C   1 
ATOM   1221 O O   . ILE B 2 6   ? 7.130   -9.093  -10.963 1.00 17.96 ? 88  ILE B O   1 
ATOM   1222 C CB  . ILE B 2 6   ? 10.223  -8.776  -12.054 1.00 18.20 ? 88  ILE B CB  1 
ATOM   1223 C CG1 . ILE B 2 6   ? 11.489  -7.910  -12.065 1.00 18.27 ? 88  ILE B CG1 1 
ATOM   1224 C CG2 . ILE B 2 6   ? 9.339   -8.451  -13.241 1.00 17.94 ? 88  ILE B CG2 1 
ATOM   1225 C CD1 . ILE B 2 6   ? 11.252  -6.415  -11.881 1.00 18.64 ? 88  ILE B CD1 1 
ATOM   1226 N N   . ARG B 2 7   ? 8.479   -10.724 -10.232 1.00 18.30 ? 89  ARG B N   1 
ATOM   1227 C CA  . ARG B 2 7   ? 7.378   -11.665 -10.120 1.00 18.84 ? 89  ARG B CA  1 
ATOM   1228 C C   . ARG B 2 7   ? 6.341   -11.107 -9.146  1.00 18.57 ? 89  ARG B C   1 
ATOM   1229 O O   . ARG B 2 7   ? 5.147   -11.097 -9.438  1.00 18.49 ? 89  ARG B O   1 
ATOM   1230 C CB  . ARG B 2 7   ? 7.872   -13.015 -9.602  1.00 19.96 ? 89  ARG B CB  1 
ATOM   1231 C CG  . ARG B 2 7   ? 6.800   -14.086 -9.607  1.00 21.89 ? 89  ARG B CG  1 
ATOM   1232 C CD  . ARG B 2 7   ? 7.187   -15.253 -8.715  1.00 23.84 ? 89  ARG B CD  1 
ATOM   1233 N NE  . ARG B 2 7   ? 8.608   -15.563 -8.816  1.00 25.50 ? 89  ARG B NE  1 
ATOM   1234 C CZ  . ARG B 2 7   ? 9.423   -15.692 -7.773  1.00 26.04 ? 89  ARG B CZ  1 
ATOM   1235 N NH1 . ARG B 2 7   ? 10.705  -15.975 -7.964  1.00 26.76 ? 89  ARG B NH1 1 
ATOM   1236 N NH2 . ARG B 2 7   ? 8.957   -15.540 -6.539  1.00 26.68 ? 89  ARG B NH2 1 
ATOM   1237 N N   . ILE B 2 8   ? 6.810   -10.647 -7.990  1.00 18.31 ? 90  ILE B N   1 
ATOM   1238 C CA  . ILE B 2 8   ? 5.919   -10.094 -6.968  1.00 18.07 ? 90  ILE B CA  1 
ATOM   1239 C C   . ILE B 2 8   ? 5.231   -8.831  -7.463  1.00 17.94 ? 90  ILE B C   1 
ATOM   1240 O O   . ILE B 2 8   ? 4.015   -8.678  -7.331  1.00 17.78 ? 90  ILE B O   1 
ATOM   1241 C CB  . ILE B 2 8   ? 6.689   -9.750  -5.662  1.00 18.64 ? 90  ILE B CB  1 
ATOM   1242 C CG1 . ILE B 2 8   ? 7.274   -11.022 -5.046  1.00 19.14 ? 90  ILE B CG1 1 
ATOM   1243 C CG2 . ILE B 2 8   ? 5.759   -9.051  -4.664  1.00 18.63 ? 90  ILE B CG2 1 
ATOM   1244 C CD1 . ILE B 2 8   ? 6.267   -12.109 -4.796  1.00 19.54 ? 90  ILE B CD1 1 
ATOM   1245 N N   . ALA B 2 9   ? 6.012   -7.929  -8.045  1.00 17.79 ? 91  ALA B N   1 
ATOM   1246 C CA  . ALA B 2 9   ? 5.465   -6.670  -8.526  1.00 17.85 ? 91  ALA B CA  1 
ATOM   1247 C C   . ALA B 2 9   ? 4.373   -6.862  -9.561  1.00 18.01 ? 91  ALA B C   1 
ATOM   1248 O O   . ALA B 2 9   ? 3.363   -6.151  -9.541  1.00 17.90 ? 91  ALA B O   1 
ATOM   1249 C CB  . ALA B 2 9   ? 6.569   -5.811  -9.095  1.00 17.54 ? 91  ALA B CB  1 
ATOM   1250 N N   . GLN B 2 10  ? 4.557   -7.813  -10.470 1.00 18.30 ? 92  GLN B N   1 
ATOM   1251 C CA  . GLN B 2 10  ? 3.553   -8.025  -11.498 1.00 18.95 ? 92  GLN B CA  1 
ATOM   1252 C C   . GLN B 2 10  ? 2.323   -8.721  -10.941 1.00 19.45 ? 92  GLN B C   1 
ATOM   1253 O O   . GLN B 2 10  ? 1.229   -8.555  -11.462 1.00 19.63 ? 92  GLN B O   1 
ATOM   1254 C CB  . GLN B 2 10  ? 4.149   -8.792  -12.683 1.00 19.12 ? 92  GLN B CB  1 
ATOM   1255 C CG  . GLN B 2 10  ? 5.380   -8.101  -13.254 1.00 19.66 ? 92  GLN B CG  1 
ATOM   1256 C CD  . GLN B 2 10  ? 5.706   -8.540  -14.661 1.00 19.84 ? 92  GLN B CD  1 
ATOM   1257 O OE1 . GLN B 2 10  ? 5.384   -9.658  -15.060 1.00 20.45 ? 92  GLN B OE1 1 
ATOM   1258 N NE2 . GLN B 2 10  ? 6.362   -7.664  -15.424 1.00 19.85 ? 92  GLN B NE2 1 
ATOM   1259 N N   . GLU B 2 11  ? 2.497   -9.495  -9.877  1.00 20.13 ? 93  GLU B N   1 
ATOM   1260 C CA  . GLU B 2 11  ? 1.358   -10.156 -9.262  1.00 20.88 ? 93  GLU B CA  1 
ATOM   1261 C C   . GLU B 2 11  ? 0.550   -9.067  -8.552  1.00 20.54 ? 93  GLU B C   1 
ATOM   1262 O O   . GLU B 2 11  ? -0.678  -9.068  -8.609  1.00 20.66 ? 93  GLU B O   1 
ATOM   1263 C CB  . GLU B 2 11  ? 1.815   -11.226 -8.269  1.00 22.09 ? 93  GLU B CB  1 
ATOM   1264 C CG  . GLU B 2 11  ? 0.671   -11.897 -7.502  1.00 24.09 ? 93  GLU B CG  1 
ATOM   1265 C CD  . GLU B 2 11  ? -0.371  -12.561 -8.397  1.00 24.94 ? 93  GLU B CD  1 
ATOM   1266 O OE1 . GLU B 2 11  ? -1.389  -13.047 -7.855  1.00 26.18 ? 93  GLU B OE1 1 
ATOM   1267 O OE2 . GLU B 2 11  ? -0.185  -12.610 -9.632  1.00 26.16 ? 93  GLU B OE2 1 
ATOM   1268 N N   . LEU B 2 12  ? 1.243   -8.132  -7.903  1.00 20.25 ? 94  LEU B N   1 
ATOM   1269 C CA  . LEU B 2 12  ? 0.573   -7.025  -7.213  1.00 20.25 ? 94  LEU B CA  1 
ATOM   1270 C C   . LEU B 2 12  ? -0.172  -6.163  -8.229  1.00 20.46 ? 94  LEU B C   1 
ATOM   1271 O O   . LEU B 2 12  ? -1.274  -5.674  -7.958  1.00 19.82 ? 94  LEU B O   1 
ATOM   1272 C CB  . LEU B 2 12  ? 1.583   -6.149  -6.455  1.00 20.08 ? 94  LEU B CB  1 
ATOM   1273 C CG  . LEU B 2 12  ? 2.209   -6.735  -5.186  1.00 19.62 ? 94  LEU B CG  1 
ATOM   1274 C CD1 . LEU B 2 12  ? 3.270   -5.790  -4.635  1.00 19.68 ? 94  LEU B CD1 1 
ATOM   1275 C CD2 . LEU B 2 12  ? 1.122   -6.969  -4.149  1.00 19.81 ? 94  LEU B CD2 1 
ATOM   1276 N N   . ARG B 2 13  ? 0.430   -5.967  -9.400  1.00 20.61 ? 95  ARG B N   1 
ATOM   1277 C CA  . ARG B 2 13  ? -0.206  -5.161  -10.437 1.00 21.32 ? 95  ARG B CA  1 
ATOM   1278 C C   . ARG B 2 13  ? -1.510  -5.808  -10.885 1.00 21.31 ? 95  ARG B C   1 
ATOM   1279 O O   . ARG B 2 13  ? -2.554  -5.149  -10.979 1.00 21.36 ? 95  ARG B O   1 
ATOM   1280 C CB  . ARG B 2 13  ? 0.706   -5.014  -11.657 1.00 21.78 ? 95  ARG B CB  1 
ATOM   1281 C CG  . ARG B 2 13  ? 0.019   -4.317  -12.833 1.00 23.01 ? 95  ARG B CG  1 
ATOM   1282 C CD  . ARG B 2 13  ? 0.719   -4.627  -14.140 1.00 24.51 ? 95  ARG B CD  1 
ATOM   1283 N NE  . ARG B 2 13  ? 2.074   -4.101  -14.160 1.00 25.44 ? 95  ARG B NE  1 
ATOM   1284 C CZ  . ARG B 2 13  ? 3.106   -4.721  -14.724 1.00 25.73 ? 95  ARG B CZ  1 
ATOM   1285 N NH1 . ARG B 2 13  ? 4.303   -4.160  -14.698 1.00 25.79 ? 95  ARG B NH1 1 
ATOM   1286 N NH2 . ARG B 2 13  ? 2.943   -5.906  -15.299 1.00 25.77 ? 95  ARG B NH2 1 
ATOM   1287 N N   . ARG B 2 14  ? -1.446  -7.105  -11.166 1.00 21.54 ? 96  ARG B N   1 
ATOM   1288 C CA  . ARG B 2 14  ? -2.615  -7.834  -11.622 1.00 21.91 ? 96  ARG B CA  1 
ATOM   1289 C C   . ARG B 2 14  ? -3.752  -7.842  -10.613 1.00 21.63 ? 96  ARG B C   1 
ATOM   1290 O O   . ARG B 2 14  ? -4.895  -7.586  -10.987 1.00 21.57 ? 96  ARG B O   1 
ATOM   1291 C CB  . ARG B 2 14  ? -2.251  -9.272  -11.994 1.00 22.48 ? 96  ARG B CB  1 
ATOM   1292 C CG  . ARG B 2 14  ? -1.494  -9.395  -13.314 1.00 24.11 ? 96  ARG B CG  1 
ATOM   1293 C CD  . ARG B 2 14  ? -1.450  -10.843 -13.772 1.00 25.01 ? 96  ARG B CD  1 
ATOM   1294 N NE  . ARG B 2 14  ? -0.674  -11.687 -12.868 1.00 26.05 ? 96  ARG B NE  1 
ATOM   1295 C CZ  . ARG B 2 14  ? 0.655   -11.744 -12.854 1.00 26.04 ? 96  ARG B CZ  1 
ATOM   1296 N NH1 . ARG B 2 14  ? 1.363   -11.008 -13.702 1.00 26.58 ? 96  ARG B NH1 1 
ATOM   1297 N NH2 . ARG B 2 14  ? 1.276   -12.533 -11.991 1.00 26.65 ? 96  ARG B NH2 1 
ATOM   1298 N N   . ILE B 2 15  ? -3.455  -8.136  -9.349  1.00 21.61 ? 97  ILE B N   1 
ATOM   1299 C CA  . ILE B 2 15  ? -4.511  -8.159  -8.339  1.00 21.35 ? 97  ILE B CA  1 
ATOM   1300 C C   . ILE B 2 15  ? -4.942  -6.737  -7.989  1.00 21.18 ? 97  ILE B C   1 
ATOM   1301 O O   . ILE B 2 15  ? -6.088  -6.506  -7.612  1.00 21.34 ? 97  ILE B O   1 
ATOM   1302 C CB  . ILE B 2 15  ? -4.083  -8.933  -7.047  1.00 21.38 ? 97  ILE B CB  1 
ATOM   1303 C CG1 . ILE B 2 15  ? -2.835  -8.307  -6.423  1.00 21.74 ? 97  ILE B CG1 1 
ATOM   1304 C CG2 . ILE B 2 15  ? -3.856  -10.404 -7.378  1.00 21.56 ? 97  ILE B CG2 1 
ATOM   1305 C CD1 . ILE B 2 15  ? -2.383  -9.004  -5.138  1.00 22.22 ? 97  ILE B CD1 1 
ATOM   1306 N N   . GLY B 2 16  ? -4.027  -5.782  -8.137  1.00 20.83 ? 98  GLY B N   1 
ATOM   1307 C CA  . GLY B 2 16  ? -4.354  -4.397  -7.858  1.00 20.72 ? 98  GLY B CA  1 
ATOM   1308 C C   . GLY B 2 16  ? -5.332  -3.888  -8.903  1.00 20.73 ? 98  GLY B C   1 
ATOM   1309 O O   . GLY B 2 16  ? -6.279  -3.166  -8.584  1.00 20.44 ? 98  GLY B O   1 
ATOM   1310 N N   . ASP B 2 17  ? -5.105  -4.260  -10.161 1.00 20.58 ? 99  ASP B N   1 
ATOM   1311 C CA  . ASP B 2 17  ? -5.992  -3.839  -11.238 1.00 21.13 ? 99  ASP B CA  1 
ATOM   1312 C C   . ASP B 2 17  ? -7.356  -4.508  -11.102 1.00 21.31 ? 99  ASP B C   1 
ATOM   1313 O O   . ASP B 2 17  ? -8.390  -3.877  -11.323 1.00 21.34 ? 99  ASP B O   1 
ATOM   1314 C CB  . ASP B 2 17  ? -5.376  -4.171  -12.606 1.00 21.35 ? 99  ASP B CB  1 
ATOM   1315 C CG  . ASP B 2 17  ? -4.230  -3.247  -12.964 1.00 21.39 ? 99  ASP B CG  1 
ATOM   1316 O OD1 . ASP B 2 17  ? -4.043  -2.233  -12.258 1.00 21.64 ? 99  ASP B OD1 1 
ATOM   1317 O OD2 . ASP B 2 17  ? -3.515  -3.526  -13.956 1.00 21.75 ? 99  ASP B OD2 1 
ATOM   1318 N N   . GLU B 2 18  ? -7.348  -5.787  -10.737 1.00 21.81 ? 100 GLU B N   1 
ATOM   1319 C CA  . GLU B 2 18  ? -8.576  -6.557  -10.558 1.00 22.43 ? 100 GLU B CA  1 
ATOM   1320 C C   . GLU B 2 18  ? -9.399  -5.901  -9.453  1.00 22.07 ? 100 GLU B C   1 
ATOM   1321 O O   . GLU B 2 18  ? -10.615 -5.724  -9.581  1.00 21.64 ? 100 GLU B O   1 
ATOM   1322 C CB  . GLU B 2 18  ? -8.222  -7.998  -10.180 1.00 23.75 ? 100 GLU B CB  1 
ATOM   1323 C CG  . GLU B 2 18  ? -9.402  -8.907  -9.868  1.00 26.28 ? 100 GLU B CG  1 
ATOM   1324 C CD  . GLU B 2 18  ? -8.963  -10.322 -9.511  1.00 27.29 ? 100 GLU B CD  1 
ATOM   1325 O OE1 . GLU B 2 18  ? -9.747  -11.041 -8.860  1.00 28.74 ? 100 GLU B OE1 1 
ATOM   1326 O OE2 . GLU B 2 18  ? -7.834  -10.719 -9.888  1.00 28.61 ? 100 GLU B OE2 1 
ATOM   1327 N N   . PHE B 2 19  ? -8.722  -5.533  -8.370  1.00 21.55 ? 101 PHE B N   1 
ATOM   1328 C CA  . PHE B 2 19  ? -9.361  -4.887  -7.226  1.00 21.64 ? 101 PHE B CA  1 
ATOM   1329 C C   . PHE B 2 19  ? -9.955  -3.555  -7.680  1.00 22.08 ? 101 PHE B C   1 
ATOM   1330 O O   . PHE B 2 19  ? -11.084 -3.207  -7.319  1.00 22.00 ? 101 PHE B O   1 
ATOM   1331 C CB  . PHE B 2 19  ? -8.318  -4.643  -6.133  1.00 21.20 ? 101 PHE B CB  1 
ATOM   1332 C CG  . PHE B 2 19  ? -8.899  -4.303  -4.789  1.00 20.62 ? 101 PHE B CG  1 
ATOM   1333 C CD1 . PHE B 2 19  ? -9.639  -5.242  -4.079  1.00 20.63 ? 101 PHE B CD1 1 
ATOM   1334 C CD2 . PHE B 2 19  ? -8.656  -3.060  -4.210  1.00 20.59 ? 101 PHE B CD2 1 
ATOM   1335 C CE1 . PHE B 2 19  ? -10.124 -4.951  -2.806  1.00 20.31 ? 101 PHE B CE1 1 
ATOM   1336 C CE2 . PHE B 2 19  ? -9.136  -2.757  -2.939  1.00 20.31 ? 101 PHE B CE2 1 
ATOM   1337 C CZ  . PHE B 2 19  ? -9.872  -3.709  -2.234  1.00 20.47 ? 101 PHE B CZ  1 
ATOM   1338 N N   . ASN B 2 20  ? -9.189  -2.818  -8.479  1.00 22.63 ? 102 ASN B N   1 
ATOM   1339 C CA  . ASN B 2 20  ? -9.619  -1.521  -8.985  1.00 23.83 ? 102 ASN B CA  1 
ATOM   1340 C C   . ASN B 2 20  ? -10.872 -1.665  -9.842  1.00 24.38 ? 102 ASN B C   1 
ATOM   1341 O O   . ASN B 2 20  ? -11.809 -0.869  -9.733  1.00 24.32 ? 102 ASN B O   1 
ATOM   1342 C CB  . ASN B 2 20  ? -8.503  -0.888  -9.819  1.00 24.05 ? 102 ASN B CB  1 
ATOM   1343 C CG  . ASN B 2 20  ? -8.788  0.556   -10.174 1.00 24.51 ? 102 ASN B CG  1 
ATOM   1344 O OD1 . ASN B 2 20  ? -8.746  1.437   -9.317  1.00 24.67 ? 102 ASN B OD1 1 
ATOM   1345 N ND2 . ASN B 2 20  ? -9.085  0.806   -11.446 1.00 24.92 ? 102 ASN B ND2 1 
ATOM   1346 N N   . GLU B 2 21  ? -10.875 -2.676  -10.703 1.00 25.31 ? 103 GLU B N   1 
ATOM   1347 C CA  . GLU B 2 21  ? -12.010 -2.939  -11.578 1.00 26.48 ? 103 GLU B CA  1 
ATOM   1348 C C   . GLU B 2 21  ? -13.253 -3.256  -10.756 1.00 26.58 ? 103 GLU B C   1 
ATOM   1349 O O   . GLU B 2 21  ? -14.368 -2.899  -11.134 1.00 26.35 ? 103 GLU B O   1 
ATOM   1350 C CB  . GLU B 2 21  ? -11.700 -4.114  -12.513 1.00 27.41 ? 103 GLU B CB  1 
ATOM   1351 C CG  . GLU B 2 21  ? -12.931 -4.755  -13.146 1.00 29.39 ? 103 GLU B CG  1 
ATOM   1352 C CD  . GLU B 2 21  ? -13.771 -3.772  -13.952 1.00 30.20 ? 103 GLU B CD  1 
ATOM   1353 O OE1 . GLU B 2 21  ? -14.921 -4.121  -14.307 1.00 31.29 ? 103 GLU B OE1 1 
ATOM   1354 O OE2 . GLU B 2 21  ? -13.284 -2.656  -14.240 1.00 31.08 ? 103 GLU B OE2 1 
ATOM   1355 N N   . THR B 2 22  ? -13.055 -3.933  -9.629  1.00 26.84 ? 104 THR B N   1 
ATOM   1356 C CA  . THR B 2 22  ? -14.169 -4.293  -8.766  1.00 27.25 ? 104 THR B CA  1 
ATOM   1357 C C   . THR B 2 22  ? -14.893 -3.064  -8.228  1.00 27.31 ? 104 THR B C   1 
ATOM   1358 O O   . THR B 2 22  ? -16.119 -2.988  -8.286  1.00 27.12 ? 104 THR B O   1 
ATOM   1359 C CB  . THR B 2 22  ? -13.702 -5.162  -7.585  1.00 27.62 ? 104 THR B CB  1 
ATOM   1360 O OG1 . THR B 2 22  ? -13.200 -6.409  -8.083  1.00 28.10 ? 104 THR B OG1 1 
ATOM   1361 C CG2 . THR B 2 22  ? -14.855 -5.433  -6.636  1.00 27.92 ? 104 THR B CG2 1 
ATOM   1362 N N   . TYR B 2 23  ? -14.143 -2.099  -7.703  1.00 27.54 ? 105 TYR B N   1 
ATOM   1363 C CA  . TYR B 2 23  ? -14.764 -0.894  -7.164  1.00 27.98 ? 105 TYR B CA  1 
ATOM   1364 C C   . TYR B 2 23  ? -15.285 0.039   -8.245  1.00 28.01 ? 105 TYR B C   1 
ATOM   1365 O O   . TYR B 2 23  ? -16.273 0.741   -8.039  1.00 27.94 ? 105 TYR B O   1 
ATOM   1366 C CB  . TYR B 2 23  ? -13.795 -0.134  -6.265  1.00 28.69 ? 105 TYR B CB  1 
ATOM   1367 C CG  . TYR B 2 23  ? -13.618 -0.756  -4.902  1.00 29.48 ? 105 TYR B CG  1 
ATOM   1368 C CD1 . TYR B 2 23  ? -12.863 -1.915  -4.733  1.00 29.99 ? 105 TYR B CD1 1 
ATOM   1369 C CD2 . TYR B 2 23  ? -14.205 -0.181  -3.773  1.00 30.14 ? 105 TYR B CD2 1 
ATOM   1370 C CE1 . TYR B 2 23  ? -12.690 -2.485  -3.477  1.00 30.47 ? 105 TYR B CE1 1 
ATOM   1371 C CE2 . TYR B 2 23  ? -14.041 -0.744  -2.509  1.00 30.55 ? 105 TYR B CE2 1 
ATOM   1372 C CZ  . TYR B 2 23  ? -13.280 -1.895  -2.369  1.00 30.62 ? 105 TYR B CZ  1 
ATOM   1373 O OH  . TYR B 2 23  ? -13.092 -2.447  -1.123  1.00 31.29 ? 105 TYR B OH  1 
ATOM   1374 N N   . THR B 2 24  ? -14.617 0.061   -9.393  1.00 28.07 ? 106 THR B N   1 
ATOM   1375 C CA  . THR B 2 24  ? -15.059 0.912   -10.491 1.00 28.62 ? 106 THR B CA  1 
ATOM   1376 C C   . THR B 2 24  ? -16.413 0.396   -10.955 1.00 28.71 ? 106 THR B C   1 
ATOM   1377 O O   . THR B 2 24  ? -17.330 1.168   -11.229 1.00 28.54 ? 106 THR B O   1 
ATOM   1378 C CB  . THR B 2 24  ? -14.069 0.860   -11.671 1.00 28.79 ? 106 THR B CB  1 
ATOM   1379 O OG1 . THR B 2 24  ? -12.811 1.411   -11.260 1.00 29.26 ? 106 THR B OG1 1 
ATOM   1380 C CG2 . THR B 2 24  ? -14.597 1.657   -12.851 1.00 29.27 ? 106 THR B CG2 1 
ATOM   1381 N N   . ARG B 2 25  ? -16.522 -0.927  -11.025 1.00 28.91 ? 107 ARG B N   1 
ATOM   1382 C CA  . ARG B 2 25  ? -17.746 -1.596  -11.445 1.00 29.41 ? 107 ARG B CA  1 
ATOM   1383 C C   . ARG B 2 25  ? -18.882 -1.328  -10.464 1.00 29.21 ? 107 ARG B C   1 
ATOM   1384 O O   . ARG B 2 25  ? -20.039 -1.190  -10.867 1.00 28.84 ? 107 ARG B O   1 
ATOM   1385 C CB  . ARG B 2 25  ? -17.497 -3.101  -11.543 1.00 30.23 ? 107 ARG B CB  1 
ATOM   1386 C CG  . ARG B 2 25  ? -18.705 -3.933  -11.949 1.00 31.87 ? 107 ARG B CG  1 
ATOM   1387 C CD  . ARG B 2 25  ? -18.707 -5.257  -11.198 1.00 32.84 ? 107 ARG B CD  1 
ATOM   1388 N NE  . ARG B 2 25  ? -17.374 -5.852  -11.161 1.00 34.28 ? 107 ARG B NE  1 
ATOM   1389 C CZ  . ARG B 2 25  ? -17.012 -6.838  -10.346 1.00 34.46 ? 107 ARG B CZ  1 
ATOM   1390 N NH1 . ARG B 2 25  ? -15.774 -7.310  -10.389 1.00 34.94 ? 107 ARG B NH1 1 
ATOM   1391 N NH2 . ARG B 2 25  ? -17.881 -7.348  -9.482  1.00 34.78 ? 107 ARG B NH2 1 
ATOM   1392 N N   . ARG B 2 26  ? -18.555 -1.261  -9.175  1.00 28.92 ? 108 ARG B N   1 
ATOM   1393 C CA  . ARG B 2 26  ? -19.572 -1.009  -8.157  1.00 28.89 ? 108 ARG B CA  1 
ATOM   1394 C C   . ARG B 2 26  ? -20.153 0.394   -8.292  1.00 28.37 ? 108 ARG B C   1 
ATOM   1395 O O   . ARG B 2 26  ? -21.357 0.590   -8.136  1.00 28.20 ? 108 ARG B O   1 
ATOM   1396 C CB  . ARG B 2 26  ? -18.994 -1.194  -6.752  1.00 29.71 ? 108 ARG B CB  1 
ATOM   1397 C CG  . ARG B 2 26  ? -18.506 -2.603  -6.462  1.00 31.02 ? 108 ARG B CG  1 
ATOM   1398 C CD  . ARG B 2 26  ? -18.636 -2.995  -4.989  1.00 32.26 ? 108 ARG B CD  1 
ATOM   1399 N NE  . ARG B 2 26  ? -17.901 -2.127  -4.070  1.00 33.61 ? 108 ARG B NE  1 
ATOM   1400 C CZ  . ARG B 2 26  ? -18.311 -0.925  -3.672  1.00 34.27 ? 108 ARG B CZ  1 
ATOM   1401 N NH1 . ARG B 2 26  ? -19.460 -0.429  -4.111  1.00 34.69 ? 108 ARG B NH1 1 
ATOM   1402 N NH2 . ARG B 2 26  ? -17.574 -0.222  -2.823  1.00 34.73 ? 108 ARG B NH2 1 
ATOM   1403 N N   . VAL B 2 27  ? -19.298 1.370   -8.578  1.00 27.85 ? 109 VAL B N   1 
ATOM   1404 C CA  . VAL B 2 27  ? -19.758 2.745   -8.748  1.00 27.37 ? 109 VAL B CA  1 
ATOM   1405 C C   . VAL B 2 27  ? -20.721 2.837   -9.929  1.00 27.14 ? 109 VAL B C   1 
ATOM   1406 O O   . VAL B 2 27  ? -21.831 3.351   -9.803  1.00 26.95 ? 109 VAL B O   1 
ATOM   1407 C CB  . VAL B 2 27  ? -18.582 3.708   -9.005  1.00 27.47 ? 109 VAL B CB  1 
ATOM   1408 C CG1 . VAL B 2 27  ? -19.107 5.103   -9.305  1.00 27.52 ? 109 VAL B CG1 1 
ATOM   1409 C CG2 . VAL B 2 27  ? -17.660 3.738   -7.799  1.00 27.51 ? 109 VAL B CG2 1 
ATOM   1410 N N   . PHE B 2 28  ? -20.290 2.330   -11.079 1.00 26.73 ? 110 PHE B N   1 
ATOM   1411 C CA  . PHE B 2 28  ? -21.118 2.368   -12.278 1.00 26.71 ? 110 PHE B CA  1 
ATOM   1412 C C   . PHE B 2 28  ? -22.434 1.611   -12.106 1.00 26.95 ? 110 PHE B C   1 
ATOM   1413 O O   . PHE B 2 28  ? -23.476 2.036   -12.606 1.00 26.85 ? 110 PHE B O   1 
ATOM   1414 C CB  . PHE B 2 28  ? -20.339 1.795   -13.466 1.00 26.10 ? 110 PHE B CB  1 
ATOM   1415 C CG  . PHE B 2 28  ? -19.175 2.644   -13.897 1.00 25.85 ? 110 PHE B CG  1 
ATOM   1416 C CD1 . PHE B 2 28  ? -18.102 2.076   -14.578 1.00 25.67 ? 110 PHE B CD1 1 
ATOM   1417 C CD2 . PHE B 2 28  ? -19.154 4.013   -13.645 1.00 25.58 ? 110 PHE B CD2 1 
ATOM   1418 C CE1 . PHE B 2 28  ? -17.029 2.854   -15.000 1.00 25.56 ? 110 PHE B CE1 1 
ATOM   1419 C CE2 . PHE B 2 28  ? -18.085 4.801   -14.065 1.00 25.64 ? 110 PHE B CE2 1 
ATOM   1420 C CZ  . PHE B 2 28  ? -17.019 4.219   -14.743 1.00 25.50 ? 110 PHE B CZ  1 
ATOM   1421 N N   . ALA B 2 29  ? -22.387 0.497   -11.386 1.00 27.16 ? 111 ALA B N   1 
ATOM   1422 C CA  . ALA B 2 29  ? -23.574 -0.320  -11.178 1.00 27.93 ? 111 ALA B CA  1 
ATOM   1423 C C   . ALA B 2 29  ? -24.618 0.296   -10.250 1.00 28.63 ? 111 ALA B C   1 
ATOM   1424 O O   . ALA B 2 29  ? -25.800 -0.043  -10.336 1.00 28.45 ? 111 ALA B O   1 
ATOM   1425 C CB  . ALA B 2 29  ? -23.163 -1.693  -10.645 1.00 27.44 ? 111 ALA B CB  1 
ATOM   1426 N N   . ASN B 2 30  ? -24.197 1.208   -9.381  1.00 29.65 ? 112 ASN B N   1 
ATOM   1427 C CA  . ASN B 2 30  ? -25.127 1.799   -8.426  1.00 30.96 ? 112 ASN B CA  1 
ATOM   1428 C C   . ASN B 2 30  ? -25.342 3.309   -8.479  1.00 31.73 ? 112 ASN B C   1 
ATOM   1429 O O   . ASN B 2 30  ? -25.877 3.881   -7.531  1.00 31.96 ? 112 ASN B O   1 
ATOM   1430 C CB  . ASN B 2 30  ? -24.698 1.423   -7.008  1.00 31.23 ? 112 ASN B CB  1 
ATOM   1431 C CG  . ASN B 2 30  ? -24.570 -0.073  -6.821  1.00 31.64 ? 112 ASN B CG  1 
ATOM   1432 O OD1 . ASN B 2 30  ? -25.541 -0.812  -6.979  1.00 31.88 ? 112 ASN B OD1 1 
ATOM   1433 N ND2 . ASN B 2 30  ? -23.365 -0.530  -6.483  1.00 31.94 ? 112 ASN B ND2 1 
ATOM   1434 N N   . ASP B 2 31  ? -24.952 3.964   -9.564  1.00 32.67 ? 113 ASP B N   1 
ATOM   1435 C CA  . ASP B 2 31  ? -25.131 5.408   -9.619  1.00 33.85 ? 113 ASP B CA  1 
ATOM   1436 C C   . ASP B 2 31  ? -26.346 5.901   -10.400 1.00 34.74 ? 113 ASP B C   1 
ATOM   1437 O O   . ASP B 2 31  ? -26.228 6.791   -11.242 1.00 35.11 ? 113 ASP B O   1 
ATOM   1438 C CB  . ASP B 2 31  ? -23.867 6.080   -10.161 1.00 33.73 ? 113 ASP B CB  1 
ATOM   1439 C CG  . ASP B 2 31  ? -23.506 5.608   -11.546 1.00 33.76 ? 113 ASP B CG  1 
ATOM   1440 O OD1 . ASP B 2 31  ? -22.561 6.175   -12.134 1.00 33.81 ? 113 ASP B OD1 1 
ATOM   1441 O OD2 . ASP B 2 31  ? -24.161 4.669   -12.041 1.00 33.72 ? 113 ASP B OD2 1 
ATOM   1442 N N   . TYR B 2 32  ? -27.513 5.326   -10.125 1.00 35.69 ? 114 TYR B N   1 
ATOM   1443 C CA  . TYR B 2 32  ? -28.733 5.779   -10.788 1.00 36.59 ? 114 TYR B CA  1 
ATOM   1444 C C   . TYR B 2 32  ? -29.063 7.110   -10.127 1.00 37.10 ? 114 TYR B C   1 
ATOM   1445 O O   . TYR B 2 32  ? -29.646 8.010   -10.737 1.00 37.07 ? 114 TYR B O   1 
ATOM   1446 C CB  . TYR B 2 32  ? -29.899 4.817   -10.541 1.00 37.03 ? 114 TYR B CB  1 
ATOM   1447 C CG  . TYR B 2 32  ? -29.713 3.428   -11.092 1.00 37.34 ? 114 TYR B CG  1 
ATOM   1448 C CD1 . TYR B 2 32  ? -29.058 2.448   -10.352 1.00 37.52 ? 114 TYR B CD1 1 
ATOM   1449 C CD2 . TYR B 2 32  ? -30.212 3.084   -12.349 1.00 37.68 ? 114 TYR B CD2 1 
ATOM   1450 C CE1 . TYR B 2 32  ? -28.908 1.156   -10.842 1.00 37.71 ? 114 TYR B CE1 1 
ATOM   1451 C CE2 . TYR B 2 32  ? -30.064 1.790   -12.853 1.00 37.79 ? 114 TYR B CE2 1 
ATOM   1452 C CZ  . TYR B 2 32  ? -29.413 0.833   -12.092 1.00 37.90 ? 114 TYR B CZ  1 
ATOM   1453 O OH  . TYR B 2 32  ? -29.276 -0.446  -12.579 1.00 38.02 ? 114 TYR B OH  1 
ATOM   1454 N N   . ARG B 2 33  ? -28.678 7.205   -8.859  1.00 37.66 ? 115 ARG B N   1 
ATOM   1455 C CA  . ARG B 2 33  ? -28.912 8.398   -8.072  1.00 38.09 ? 115 ARG B CA  1 
ATOM   1456 C C   . ARG B 2 33  ? -28.916 8.043   -6.598  1.00 38.47 ? 115 ARG B C   1 
ATOM   1457 O O   . ARG B 2 33  ? -29.827 8.504   -5.872  1.00 38.78 ? 115 ARG B O   1 
ATOM   1458 O OXT . ARG B 2 33  ? -27.998 7.304   -6.173  1.00 38.60 ? 115 ARG B OXT 1 
HETATM 1459 O O   . HOH C 3 .   ? -0.325  -5.213  4.817   1.00 18.26 ? 197 HOH A O   1 
HETATM 1460 O O   . HOH C 3 .   ? 11.752  -2.551  -10.986 1.00 21.24 ? 198 HOH A O   1 
HETATM 1461 O O   . HOH C 3 .   ? 19.256  -1.773  -0.689  1.00 21.80 ? 199 HOH A O   1 
HETATM 1462 O O   . HOH C 3 .   ? 10.959  5.599   -1.817  1.00 21.98 ? 200 HOH A O   1 
HETATM 1463 O O   . HOH C 3 .   ? 7.691   3.215   -12.332 1.00 22.17 ? 201 HOH A O   1 
HETATM 1464 O O   . HOH C 3 .   ? -4.694  3.860   7.047   1.00 24.18 ? 202 HOH A O   1 
HETATM 1465 O O   . HOH C 3 .   ? -3.408  15.839  6.601   1.00 19.90 ? 203 HOH A O   1 
HETATM 1466 O O   . HOH C 3 .   ? -0.737  -7.454  9.112   1.00 17.59 ? 204 HOH A O   1 
HETATM 1467 O O   . HOH C 3 .   ? 3.013   -1.474  -14.115 1.00 22.13 ? 205 HOH A O   1 
HETATM 1468 O O   . HOH C 3 .   ? 8.187   -14.873 14.603  1.00 25.24 ? 206 HOH A O   1 
HETATM 1469 O O   . HOH C 3 .   ? 18.567  -1.370  2.353   1.00 23.87 ? 207 HOH A O   1 
HETATM 1470 O O   . HOH C 3 .   ? 2.367   10.631  -9.992  1.00 41.43 ? 208 HOH A O   1 
HETATM 1471 O O   . HOH C 3 .   ? -1.310  8.942   11.248  1.00 23.54 ? 209 HOH A O   1 
HETATM 1472 O O   . HOH C 3 .   ? 3.848   13.345  3.584   1.00 28.51 ? 210 HOH A O   1 
HETATM 1473 O O   . HOH C 3 .   ? 11.370  0.299   13.095  1.00 25.88 ? 211 HOH A O   1 
HETATM 1474 O O   . HOH C 3 .   ? -3.061  -8.367  8.721   1.00 26.55 ? 212 HOH A O   1 
HETATM 1475 O O   . HOH C 3 .   ? 16.387  -8.002  -0.484  1.00 22.82 ? 213 HOH A O   1 
HETATM 1476 O O   . HOH C 3 .   ? 0.821   -1.159  16.069  1.00 23.99 ? 214 HOH A O   1 
HETATM 1477 O O   . HOH C 3 .   ? 10.373  -1.555  -13.491 1.00 25.08 ? 215 HOH A O   1 
HETATM 1478 O O   . HOH C 3 .   ? -8.033  4.800   -10.207 1.00 28.32 ? 216 HOH A O   1 
HETATM 1479 O O   . HOH C 3 .   ? 12.921  7.648   2.301   1.00 30.25 ? 217 HOH A O   1 
HETATM 1480 O O   . HOH C 3 .   ? 22.147  -6.711  5.911   1.00 27.15 ? 218 HOH A O   1 
HETATM 1481 O O   . HOH C 3 .   ? -5.729  -10.053 13.658  1.00 24.06 ? 219 HOH A O   1 
HETATM 1482 O O   . HOH C 3 .   ? -9.543  6.866   11.493  1.00 32.91 ? 220 HOH A O   1 
HETATM 1483 O O   . HOH C 3 .   ? 18.063  -5.821  -3.208  1.00 25.60 ? 221 HOH A O   1 
HETATM 1484 O O   . HOH C 3 .   ? -10.019 9.091   -9.185  1.00 29.96 ? 222 HOH A O   1 
HETATM 1485 O O   . HOH C 3 .   ? -1.447  6.233   -15.004 1.00 32.21 ? 223 HOH A O   1 
HETATM 1486 O O   . HOH C 3 .   ? 13.548  6.818   -1.607  1.00 33.01 ? 224 HOH A O   1 
HETATM 1487 O O   . HOH C 3 .   ? 12.234  9.564   -4.599  1.00 46.44 ? 225 HOH A O   1 
HETATM 1488 O O   . HOH C 3 .   ? -4.937  -15.374 -1.177  1.00 29.99 ? 226 HOH A O   1 
HETATM 1489 O O   . HOH C 3 .   ? 2.504   -10.677 18.855  1.00 36.62 ? 227 HOH A O   1 
HETATM 1490 O O   . HOH C 3 .   ? 0.193   -7.026  6.567   1.00 22.18 ? 228 HOH A O   1 
HETATM 1491 O O   . HOH C 3 .   ? 10.906  7.291   -3.961  1.00 25.07 ? 229 HOH A O   1 
HETATM 1492 O O   . HOH C 3 .   ? -14.166 6.291   5.689   1.00 31.94 ? 230 HOH A O   1 
HETATM 1493 O O   . HOH C 3 .   ? 18.678  -8.724  -3.418  1.00 30.74 ? 231 HOH A O   1 
HETATM 1494 O O   . HOH C 3 .   ? 17.593  -0.779  5.549   1.00 28.75 ? 232 HOH A O   1 
HETATM 1495 O O   . HOH C 3 .   ? 3.816   5.620   -12.726 1.00 32.26 ? 233 HOH A O   1 
HETATM 1496 O O   . HOH C 3 .   ? 9.932   6.726   9.427   1.00 31.07 ? 234 HOH A O   1 
HETATM 1497 O O   . HOH C 3 .   ? 14.542  1.942   12.162  1.00 34.10 ? 235 HOH A O   1 
HETATM 1498 O O   . HOH C 3 .   ? 7.103   -14.820 6.570   1.00 29.18 ? 236 HOH A O   1 
HETATM 1499 O O   . HOH C 3 .   ? 5.402   -13.109 14.927  1.00 40.11 ? 237 HOH A O   1 
HETATM 1500 O O   . HOH C 3 .   ? -6.770  11.416  11.537  1.00 37.86 ? 238 HOH A O   1 
HETATM 1501 O O   . HOH C 3 .   ? -12.488 1.375   1.559   1.00 37.90 ? 239 HOH A O   1 
HETATM 1502 O O   . HOH C 3 .   ? 2.096   -10.789 21.682  1.00 26.34 ? 240 HOH A O   1 
HETATM 1503 O O   . HOH C 3 .   ? -0.467  -0.114  20.060  1.00 49.87 ? 241 HOH A O   1 
HETATM 1504 O O   . HOH C 3 .   ? -3.317  2.823   13.072  1.00 37.48 ? 242 HOH A O   1 
HETATM 1505 O O   . HOH C 3 .   ? -15.057 3.802   4.996   1.00 37.95 ? 243 HOH A O   1 
HETATM 1506 O O   . HOH C 3 .   ? 8.897   10.096  6.136   1.00 37.27 ? 244 HOH A O   1 
HETATM 1507 O O   . HOH C 3 .   ? -4.642  -14.714 -3.743  1.00 40.60 ? 245 HOH A O   1 
HETATM 1508 O O   . HOH C 3 .   ? -9.630  3.949   11.006  1.00 33.03 ? 246 HOH A O   1 
HETATM 1509 O O   . HOH C 3 .   ? -3.338  -5.384  3.572   1.00 22.34 ? 247 HOH A O   1 
HETATM 1510 O O   . HOH C 3 .   ? -17.092 1.586   -5.354  1.00 29.47 ? 248 HOH A O   1 
HETATM 1511 O O   . HOH C 3 .   ? 15.976  -5.082  13.938  1.00 27.32 ? 249 HOH A O   1 
HETATM 1512 O O   . HOH C 3 .   ? 3.622   -2.974  -20.034 1.00 34.28 ? 250 HOH A O   1 
HETATM 1513 O O   . HOH C 3 .   ? -0.136  2.375   20.437  1.00 34.00 ? 251 HOH A O   1 
HETATM 1514 O O   . HOH C 3 .   ? 19.801  0.999   3.630   1.00 37.79 ? 252 HOH A O   1 
HETATM 1515 O O   . HOH C 3 .   ? -6.052  -4.804  15.070  1.00 31.42 ? 253 HOH A O   1 
HETATM 1516 O O   . HOH C 3 .   ? 11.762  5.883   -6.014  1.00 35.04 ? 254 HOH A O   1 
HETATM 1517 O O   . HOH C 3 .   ? -0.547  17.379  8.703   1.00 44.01 ? 255 HOH A O   1 
HETATM 1518 O O   . HOH C 3 .   ? 7.787   8.306   8.707   1.00 42.60 ? 256 HOH A O   1 
HETATM 1519 O O   . HOH C 3 .   ? 3.237   1.893   20.333  1.00 37.10 ? 257 HOH A O   1 
HETATM 1520 O O   . HOH C 3 .   ? -0.707  -4.084  -17.044 1.00 38.25 ? 258 HOH A O   1 
HETATM 1521 O O   . HOH C 3 .   ? -11.974 -3.727  7.572   1.00 33.44 ? 259 HOH A O   1 
HETATM 1522 O O   . HOH C 3 .   ? -12.525 9.872   -10.322 1.00 34.15 ? 260 HOH A O   1 
HETATM 1523 O O   . HOH C 3 .   ? -2.082  13.800  -0.878  1.00 40.55 ? 261 HOH A O   1 
HETATM 1524 O O   . HOH C 3 .   ? 1.153   -1.673  -20.772 1.00 37.44 ? 262 HOH A O   1 
HETATM 1525 O O   . HOH C 3 .   ? -2.812  1.554   15.343  1.00 31.18 ? 263 HOH A O   1 
HETATM 1526 O O   . HOH C 3 .   ? 5.509   9.016   16.795  1.00 48.82 ? 264 HOH A O   1 
HETATM 1527 O O   . HOH C 3 .   ? -0.956  -2.092  18.471  1.00 42.97 ? 265 HOH A O   1 
HETATM 1528 O O   . HOH C 3 .   ? -2.530  7.031   13.127  1.00 41.66 ? 266 HOH A O   1 
HETATM 1529 O O   . HOH C 3 .   ? -7.062  -15.256 0.293   1.00 48.82 ? 267 HOH A O   1 
HETATM 1530 O O   . HOH C 3 .   ? -12.905 -4.428  5.008   1.00 35.40 ? 268 HOH A O   1 
HETATM 1531 O O   . HOH C 3 .   ? 7.957   4.709   -10.241 1.00 33.78 ? 269 HOH A O   1 
HETATM 1532 O O   . HOH C 3 .   ? -12.157 10.055  -13.025 1.00 40.95 ? 270 HOH A O   1 
HETATM 1533 O O   . HOH C 3 .   ? 4.997   11.514  15.144  1.00 35.23 ? 271 HOH A O   1 
HETATM 1534 O O   . HOH C 3 .   ? 12.144  -15.973 -4.551  1.00 36.03 ? 272 HOH A O   1 
HETATM 1535 O O   . HOH C 3 .   ? -1.995  12.416  -13.411 1.00 43.41 ? 273 HOH A O   1 
HETATM 1536 O O   . HOH C 3 .   ? 17.853  -6.582  11.940  1.00 42.91 ? 274 HOH A O   1 
HETATM 1537 O O   . HOH C 3 .   ? -14.061 -12.224 -4.870  1.00 46.46 ? 275 HOH A O   1 
HETATM 1538 O O   . HOH C 3 .   ? 20.541  -10.251 -2.397  1.00 47.42 ? 276 HOH A O   1 
HETATM 1539 O O   . HOH C 3 .   ? 1.238   10.445  11.956  1.00 43.77 ? 277 HOH A O   1 
HETATM 1540 O O   . HOH C 3 .   ? 20.621  0.259   -1.727  1.00 41.95 ? 278 HOH A O   1 
HETATM 1541 O O   . HOH C 3 .   ? -15.339 12.163  -0.611  1.00 37.03 ? 279 HOH A O   1 
HETATM 1542 O O   . HOH C 3 .   ? -15.893 17.696  5.947   1.00 43.95 ? 280 HOH A O   1 
HETATM 1543 O O   . HOH C 3 .   ? 3.963   -13.769 -3.839  1.00 43.39 ? 281 HOH A O   1 
HETATM 1544 O O   . HOH C 3 .   ? -12.403 6.691   11.642  1.00 50.80 ? 282 HOH A O   1 
HETATM 1545 O O   . HOH C 3 .   ? 16.990  -11.501 11.622  1.00 38.97 ? 283 HOH A O   1 
HETATM 1546 O O   . HOH C 3 .   ? 0.486   0.691   -21.641 1.00 46.64 ? 284 HOH A O   1 
HETATM 1547 O O   . HOH C 3 .   ? -18.012 7.812   0.833   1.00 40.99 ? 285 HOH A O   1 
HETATM 1548 O O   . HOH C 3 .   ? 1.063   19.641  9.043   1.00 47.76 ? 286 HOH A O   1 
HETATM 1549 O O   . HOH C 3 .   ? -4.044  12.577  9.782   1.00 49.26 ? 287 HOH A O   1 
HETATM 1550 O O   . HOH C 3 .   ? -3.561  17.658  -13.582 1.00 50.13 ? 288 HOH A O   1 
HETATM 1551 O O   . HOH C 3 .   ? 22.748  -1.030  -3.023  1.00 43.40 ? 289 HOH A O   1 
HETATM 1552 O O   . HOH C 3 .   ? 10.624  2.163   14.584  1.00 48.33 ? 290 HOH A O   1 
HETATM 1553 O O   . HOH C 3 .   ? -5.576  14.343  10.898  1.00 44.64 ? 291 HOH A O   1 
HETATM 1554 O O   . HOH C 3 .   ? 19.708  -10.736 0.106   1.00 34.68 ? 292 HOH A O   1 
HETATM 1555 O O   . HOH C 3 .   ? 22.923  -0.893  2.156   1.00 46.10 ? 293 HOH A O   1 
HETATM 1556 O O   . HOH C 3 .   ? -0.610  14.915  -12.730 1.00 46.53 ? 294 HOH A O   1 
HETATM 1557 O O   . HOH C 3 .   ? 6.194   13.511  4.405   1.00 41.43 ? 295 HOH A O   1 
HETATM 1558 O O   . HOH C 3 .   ? -17.494 1.054   3.728   1.00 43.62 ? 296 HOH A O   1 
HETATM 1559 O O   . HOH C 3 .   ? -13.323 -12.458 -2.333  1.00 42.65 ? 297 HOH A O   1 
HETATM 1560 O O   . HOH C 3 .   ? 5.673   -11.224 13.468  1.00 52.09 ? 298 HOH A O   1 
HETATM 1561 O O   . HOH C 3 .   ? -3.964  10.960  -14.865 1.00 47.01 ? 299 HOH A O   1 
HETATM 1562 O O   . HOH C 3 .   ? 10.512  -18.017 -0.707  1.00 41.91 ? 300 HOH A O   1 
HETATM 1563 O O   . HOH C 3 .   ? -14.603 13.501  -4.701  1.00 47.06 ? 301 HOH A O   1 
HETATM 1564 O O   . HOH C 3 .   ? 14.701  -16.428 -5.157  1.00 49.12 ? 302 HOH A O   1 
HETATM 1565 O O   . HOH C 3 .   ? 10.215  9.916   3.962   1.00 40.31 ? 303 HOH A O   1 
HETATM 1566 O O   . HOH C 3 .   ? -2.466  -0.113  17.498  1.00 41.24 ? 304 HOH A O   1 
HETATM 1567 O O   . HOH C 3 .   ? -10.692 5.062   -10.326 1.00 44.87 ? 305 HOH A O   1 
HETATM 1568 O O   . HOH C 3 .   ? -1.204  4.379   -18.171 1.00 42.76 ? 306 HOH A O   1 
HETATM 1569 O O   . HOH C 3 .   ? 0.282   -12.754 18.856  1.00 41.23 ? 307 HOH A O   1 
HETATM 1570 O O   . HOH C 3 .   ? -17.325 18.508  1.787   1.00 38.91 ? 308 HOH A O   1 
HETATM 1571 O O   . HOH C 3 .   ? 20.867  -13.603 0.372   1.00 38.13 ? 309 HOH A O   1 
HETATM 1572 O O   . HOH C 3 .   ? -4.140  7.944   -15.157 1.00 45.69 ? 310 HOH A O   1 
HETATM 1573 O O   . HOH C 3 .   ? -16.269 8.137   4.927   1.00 42.73 ? 311 HOH A O   1 
HETATM 1574 O O   . HOH C 3 .   ? -0.196  12.800  12.171  1.00 42.41 ? 312 HOH A O   1 
HETATM 1575 O O   . HOH C 3 .   ? 14.251  9.146   -2.919  1.00 38.70 ? 313 HOH A O   1 
HETATM 1576 O O   . HOH C 3 .   ? -15.352 -3.955  4.056   1.00 45.08 ? 314 HOH A O   1 
HETATM 1577 O O   . HOH C 3 .   ? 2.732   20.559  6.673   1.00 42.15 ? 315 HOH A O   1 
HETATM 1578 O O   . HOH C 3 .   ? 0.449   2.474   -19.756 1.00 39.19 ? 316 HOH A O   1 
HETATM 1579 O O   . HOH C 3 .   ? 19.347  -11.356 10.597  1.00 45.25 ? 317 HOH A O   1 
HETATM 1580 O O   . HOH C 3 .   ? 17.909  6.366   -4.352  1.00 43.43 ? 318 HOH A O   1 
HETATM 1581 O O   . HOH C 3 .   ? 6.263   -15.021 -6.042  1.00 42.17 ? 319 HOH A O   1 
HETATM 1582 O O   . HOH C 3 .   ? 0.568   14.189  1.176   1.00 32.88 ? 320 HOH A O   1 
HETATM 1583 O O   . HOH C 3 .   ? 3.846   19.061  2.555   1.00 35.98 ? 321 HOH A O   1 
HETATM 1584 O O   . HOH C 3 .   ? 1.806   3.893   15.992  1.00 40.76 ? 322 HOH A O   1 
HETATM 1585 O O   . HOH C 3 .   ? -1.779  -3.839  3.848   1.00 41.64 ? 323 HOH A O   1 
HETATM 1586 O O   . HOH C 3 .   ? 8.738   6.078   19.806  1.00 38.24 ? 324 HOH A O   1 
HETATM 1587 O O   . HOH C 3 .   ? 4.857   -9.048  12.468  1.00 41.81 ? 325 HOH A O   1 
HETATM 1588 O O   . HOH C 3 .   ? 7.145   7.684   18.577  1.00 44.66 ? 326 HOH A O   1 
HETATM 1589 O O   . HOH C 3 .   ? 5.517   16.159  1.500   1.00 37.09 ? 327 HOH A O   1 
HETATM 1590 O O   . HOH C 3 .   ? 17.821  1.890   2.682   1.00 42.47 ? 328 HOH A O   1 
HETATM 1591 O O   . HOH C 3 .   ? 0.459   -2.232  -11.065 1.00 42.89 ? 329 HOH A O   1 
HETATM 1592 O O   . HOH C 3 .   ? -1.591  -12.297 16.319  1.00 41.33 ? 330 HOH A O   1 
HETATM 1593 O O   . HOH C 3 .   ? 9.620   14.823  -1.017  1.00 39.07 ? 331 HOH A O   1 
HETATM 1594 O O   . HOH C 3 .   ? -13.241 5.096   13.769  1.00 41.00 ? 332 HOH A O   1 
HETATM 1595 O O   . HOH C 3 .   ? -13.479 8.303   4.164   1.00 36.59 ? 333 HOH A O   1 
HETATM 1596 O O   . HOH C 3 .   ? 15.150  -6.165  0.339   1.00 42.86 ? 334 HOH A O   1 
HETATM 1597 O O   . HOH C 3 .   ? -20.964 15.433  1.730   1.00 42.19 ? 335 HOH A O   1 
HETATM 1598 O O   . HOH C 3 .   ? -18.519 19.932  -0.390  1.00 39.05 ? 336 HOH A O   1 
HETATM 1599 O O   . HOH C 3 .   ? -5.437  1.113   14.319  1.00 41.68 ? 337 HOH A O   1 
HETATM 1600 O O   . HOH C 3 .   ? -16.495 6.769   2.601   1.00 39.59 ? 338 HOH A O   1 
HETATM 1601 O O   . HOH C 3 .   ? -7.951  4.852   -12.837 1.00 37.94 ? 339 HOH A O   1 
HETATM 1602 O O   . HOH D 3 .   ? 16.643  -9.702  -7.854  1.00 25.61 ? 116 HOH B O   1 
HETATM 1603 O O   . HOH D 3 .   ? 4.300   -11.856 -14.281 1.00 27.07 ? 117 HOH B O   1 
HETATM 1604 O O   . HOH D 3 .   ? 16.080  -10.300 -3.984  1.00 30.86 ? 118 HOH B O   1 
HETATM 1605 O O   . HOH D 3 .   ? 4.115   -12.573 -11.530 1.00 25.89 ? 119 HOH B O   1 
HETATM 1606 O O   . HOH D 3 .   ? -27.217 6.796   -13.619 1.00 46.31 ? 120 HOH B O   1 
HETATM 1607 O O   . HOH D 3 .   ? -18.080 -4.737  -8.330  1.00 46.34 ? 121 HOH B O   1 
HETATM 1608 O O   . HOH D 3 .   ? 14.046  -3.990  -11.340 1.00 28.62 ? 122 HOH B O   1 
HETATM 1609 O O   . HOH D 3 .   ? -2.926  -6.097  -15.228 1.00 41.88 ? 123 HOH B O   1 
HETATM 1610 O O   . HOH D 3 .   ? -5.673  -7.726  -13.748 1.00 36.33 ? 124 HOH B O   1 
HETATM 1611 O O   . HOH D 3 .   ? -7.176  -13.358 -9.219  1.00 43.94 ? 125 HOH B O   1 
HETATM 1612 O O   . HOH D 3 .   ? -8.701  -1.389  -13.613 1.00 44.37 ? 126 HOH B O   1 
HETATM 1613 O O   . HOH D 3 .   ? -11.258 -7.841  -6.856  1.00 38.24 ? 127 HOH B O   1 
HETATM 1614 O O   . HOH D 3 .   ? 8.515   -16.709 -12.789 1.00 41.38 ? 128 HOH B O   1 
HETATM 1615 O O   . HOH D 3 .   ? 16.632  -12.754 -4.745  1.00 54.63 ? 129 HOH B O   1 
HETATM 1616 O O   . HOH D 3 .   ? -13.258 -0.898  0.791   1.00 41.33 ? 130 HOH B O   1 
HETATM 1617 O O   . HOH D 3 .   ? -7.313  -2.574  -15.405 1.00 43.47 ? 131 HOH B O   1 
HETATM 1618 O O   . HOH D 3 .   ? -15.297 -6.405  -13.096 1.00 49.69 ? 132 HOH B O   1 
HETATM 1619 O O   . HOH D 3 .   ? -2.467  -13.449 -10.562 1.00 49.58 ? 133 HOH B O   1 
HETATM 1620 O O   . HOH D 3 .   ? -25.160 6.189   -15.074 1.00 44.67 ? 134 HOH B O   1 
HETATM 1621 O O   . HOH D 3 .   ? -4.889  -12.557 -11.043 1.00 43.47 ? 135 HOH B O   1 
HETATM 1622 O O   . HOH D 3 .   ? -25.465 9.203   -11.788 1.00 42.28 ? 136 HOH B O   1 
HETATM 1623 O O   . HOH D 3 .   ? -28.307 2.736   -6.013  1.00 46.09 ? 137 HOH B O   1 
HETATM 1624 O O   . HOH D 3 .   ? -29.112 5.095   -7.010  1.00 42.60 ? 138 HOH B O   1 
HETATM 1625 O O   . HOH D 3 .   ? -22.659 4.667   -7.184  1.00 38.57 ? 139 HOH B O   1 
HETATM 1626 O O   . HOH D 3 .   ? 17.853  -10.765 -10.462 1.00 39.00 ? 140 HOH B O   1 
HETATM 1627 O O   . HOH D 3 .   ? 7.274   -6.954  -11.654 1.00 43.25 ? 141 HOH B O   1 
# 
loop_
_pdbx_poly_seq_scheme.asym_id 
_pdbx_poly_seq_scheme.entity_id 
_pdbx_poly_seq_scheme.seq_id 
_pdbx_poly_seq_scheme.mon_id 
_pdbx_poly_seq_scheme.ndb_seq_num 
_pdbx_poly_seq_scheme.pdb_seq_num 
_pdbx_poly_seq_scheme.auth_seq_num 
_pdbx_poly_seq_scheme.pdb_mon_id 
_pdbx_poly_seq_scheme.auth_mon_id 
_pdbx_poly_seq_scheme.pdb_strand_id 
_pdbx_poly_seq_scheme.pdb_ins_code 
_pdbx_poly_seq_scheme.hetero 
A 1 1   MET 1   1   1   MET MET A . n 
A 1 2   SER 2   2   2   SER SER A . n 
A 1 3   GLN 3   3   3   GLN GLN A . n 
A 1 4   SER 4   4   4   SER SER A . n 
A 1 5   ASN 5   5   5   ASN ASN A . n 
A 1 6   ARG 6   6   6   ARG ARG A . n 
A 1 7   GLU 7   7   7   GLU GLU A . n 
A 1 8   LEU 8   8   8   LEU LEU A . n 
A 1 9   VAL 9   9   9   VAL VAL A . n 
A 1 10  VAL 10  10  10  VAL VAL A . n 
A 1 11  ASP 11  11  11  ASP ASP A . n 
A 1 12  PHE 12  12  12  PHE PHE A . n 
A 1 13  LEU 13  13  13  LEU LEU A . n 
A 1 14  SER 14  14  14  SER SER A . n 
A 1 15  TYR 15  15  15  TYR TYR A . n 
A 1 16  LYS 16  16  16  LYS LYS A . n 
A 1 17  LEU 17  17  17  LEU LEU A . n 
A 1 18  SER 18  18  18  SER SER A . n 
A 1 19  GLN 19  19  19  GLN GLN A . n 
A 1 20  LYS 20  20  20  LYS LYS A . n 
A 1 21  GLY 21  21  21  GLY GLY A . n 
A 1 22  TYR 22  22  22  TYR TYR A . n 
A 1 23  SER 23  23  23  SER SER A . n 
A 1 24  TRP 24  24  24  TRP TRP A . n 
A 1 25  SER 25  25  25  SER SER A . n 
A 1 26  GLN 26  26  26  GLN ALA A . n 
A 1 27  PHE 27  27  27  PHE ALA A . n 
A 1 28  SER 28  28  28  SER ALA A . n 
A 1 29  ASP 29  29  ?   ?   ?   A . n 
A 1 30  VAL 30  30  ?   ?   ?   A . n 
A 1 31  GLU 31  31  ?   ?   ?   A . n 
A 1 32  GLU 32  32  ?   ?   ?   A . n 
A 1 33  ASN 33  33  ?   ?   ?   A . n 
A 1 34  ARG 34  34  ?   ?   ?   A . n 
A 1 35  THR 35  35  ?   ?   ?   A . n 
A 1 36  GLU 36  36  ?   ?   ?   A . n 
A 1 37  ALA 37  37  ?   ?   ?   A . n 
A 1 38  PRO 38  38  ?   ?   ?   A . n 
A 1 39  GLU 39  39  ?   ?   ?   A . n 
A 1 40  GLU 40  40  ?   ?   ?   A . n 
A 1 41  THR 41  41  ?   ?   ?   A . n 
A 1 42  GLU 42  42  ?   ?   ?   A . n 
A 1 43  ALA 43  43  ?   ?   ?   A . n 
A 1 44  GLU 44  44  ?   ?   ?   A . n 
A 1 45  ARG 45  45  ?   ?   ?   A . n 
A 1 46  GLU 46  46  ?   ?   ?   A . n 
A 1 47  THR 47  47  ?   ?   ?   A . n 
A 1 48  PRO 48  48  ?   ?   ?   A . n 
A 1 49  SER 49  49  ?   ?   ?   A . n 
A 1 50  ALA 50  50  ?   ?   ?   A . n 
A 1 51  ILE 51  51  ?   ?   ?   A . n 
A 1 52  ASN 52  52  ?   ?   ?   A . n 
A 1 53  GLY 53  53  ?   ?   ?   A . n 
A 1 54  ASN 54  54  ?   ?   ?   A . n 
A 1 55  PRO 55  55  ?   ?   ?   A . n 
A 1 56  SER 56  56  ?   ?   ?   A . n 
A 1 57  TRP 57  57  ?   ?   ?   A . n 
A 1 58  HIS 58  58  ?   ?   ?   A . n 
A 1 59  LEU 59  59  ?   ?   ?   A . n 
A 1 60  ALA 60  60  ?   ?   ?   A . n 
A 1 61  ASP 61  61  ?   ?   ?   A . n 
A 1 62  SER 62  62  ?   ?   ?   A . n 
A 1 63  PRO 63  63  ?   ?   ?   A . n 
A 1 64  ALA 64  64  ?   ?   ?   A . n 
A 1 65  VAL 65  65  ?   ?   ?   A . n 
A 1 66  ASN 66  66  ?   ?   ?   A . n 
A 1 67  GLY 67  67  ?   ?   ?   A . n 
A 1 68  ALA 68  68  ?   ?   ?   A . n 
A 1 69  THR 69  69  ?   ?   ?   A . n 
A 1 70  GLY 70  70  ?   ?   ?   A . n 
A 1 71  HIS 71  71  ?   ?   ?   A . n 
A 1 72  SER 72  72  ?   ?   ?   A . n 
A 1 73  SER 73  73  ?   ?   ?   A . n 
A 1 74  SER 74  74  ?   ?   ?   A . n 
A 1 75  LEU 75  75  ?   ?   ?   A . n 
A 1 76  ASP 76  76  ?   ?   ?   A . n 
A 1 77  ALA 77  77  ?   ?   ?   A . n 
A 1 78  ARG 78  78  78  ARG ALA A . n 
A 1 79  GLU 79  79  79  GLU GLU A . n 
A 1 80  VAL 80  80  80  VAL VAL A . n 
A 1 81  ILE 81  81  81  ILE ILE A . n 
A 1 82  PRO 82  82  82  PRO PRO A . n 
A 1 83  MET 83  83  83  MET MET A . n 
A 1 84  ALA 84  84  84  ALA ALA A . n 
A 1 85  ALA 85  85  85  ALA ALA A . n 
A 1 86  VAL 86  86  86  VAL VAL A . n 
A 1 87  LYS 87  87  87  LYS LYS A . n 
A 1 88  GLN 88  88  88  GLN GLN A . n 
A 1 89  ALA 89  89  89  ALA ALA A . n 
A 1 90  LEU 90  90  90  LEU LEU A . n 
A 1 91  ARG 91  91  91  ARG ARG A . n 
A 1 92  GLU 92  92  92  GLU GLU A . n 
A 1 93  ALA 93  93  93  ALA ALA A . n 
A 1 94  GLY 94  94  94  GLY GLY A . n 
A 1 95  ASP 95  95  95  ASP ASP A . n 
A 1 96  GLU 96  96  96  GLU GLU A . n 
A 1 97  PHE 97  97  97  PHE PHE A . n 
A 1 98  GLU 98  98  98  GLU GLU A . n 
A 1 99  LEU 99  99  99  LEU LEU A . n 
A 1 100 ARG 100 100 100 ARG ARG A . n 
A 1 101 TYR 101 101 101 TYR TYR A . n 
A 1 102 ARG 102 102 102 ARG ARG A . n 
A 1 103 ARG 103 103 103 ARG ARG A . n 
A 1 104 ALA 104 104 104 ALA ALA A . n 
A 1 105 PHE 105 105 105 PHE PHE A . n 
A 1 106 SER 106 106 106 SER SER A . n 
A 1 107 ASP 107 107 107 ASP ASP A . n 
A 1 108 LEU 108 108 108 LEU LEU A . n 
A 1 109 THR 109 109 109 THR THR A . n 
A 1 110 SER 110 110 110 SER SER A . n 
A 1 111 GLN 111 111 111 GLN GLN A . n 
A 1 112 LEU 112 112 112 LEU LEU A . n 
A 1 113 HIS 113 113 113 HIS HIS A . n 
A 1 114 ILE 114 114 114 ILE ILE A . n 
A 1 115 THR 115 115 115 THR THR A . n 
A 1 116 PRO 116 116 116 PRO PRO A . n 
A 1 117 GLY 117 117 117 GLY GLY A . n 
A 1 118 THR 118 118 118 THR THR A . n 
A 1 119 ALA 119 119 119 ALA ALA A . n 
A 1 120 TYR 120 120 120 TYR TYR A . n 
A 1 121 GLN 121 121 121 GLN GLN A . n 
A 1 122 SER 122 122 122 SER SER A . n 
A 1 123 PHE 123 123 123 PHE PHE A . n 
A 1 124 GLU 124 124 124 GLU GLU A . n 
A 1 125 GLN 125 125 125 GLN GLN A . n 
A 1 126 VAL 126 126 126 VAL VAL A . n 
A 1 127 VAL 127 127 127 VAL VAL A . n 
A 1 128 ASN 128 128 128 ASN ASN A . n 
A 1 129 GLU 129 129 129 GLU GLU A . n 
A 1 130 LEU 130 130 130 LEU LEU A . n 
A 1 131 PHE 131 131 131 PHE PHE A . n 
A 1 132 ARG 132 132 132 ARG ARG A . n 
A 1 133 ASP 133 133 133 ASP ASP A . n 
A 1 134 GLY 134 134 134 GLY GLY A . n 
A 1 135 VAL 135 135 135 VAL VAL A . n 
A 1 136 ASN 136 136 136 ASN ASN A . n 
A 1 137 TRP 137 137 137 TRP TRP A . n 
A 1 138 GLY 138 138 138 GLY GLY A . n 
A 1 139 ARG 139 139 139 ARG ARG A . n 
A 1 140 ILE 140 140 140 ILE ILE A . n 
A 1 141 VAL 141 141 141 VAL VAL A . n 
A 1 142 ALA 142 142 142 ALA ALA A . n 
A 1 143 PHE 143 143 143 PHE PHE A . n 
A 1 144 PHE 144 144 144 PHE PHE A . n 
A 1 145 SER 145 145 145 SER SER A . n 
A 1 146 PHE 146 146 146 PHE PHE A . n 
A 1 147 GLY 147 147 147 GLY GLY A . n 
A 1 148 GLY 148 148 148 GLY GLY A . n 
A 1 149 ALA 149 149 149 ALA ALA A . n 
A 1 150 LEU 150 150 150 LEU LEU A . n 
A 1 151 CYS 151 151 151 CYS CYS A . n 
A 1 152 VAL 152 152 152 VAL VAL A . n 
A 1 153 GLU 153 153 153 GLU GLU A . n 
A 1 154 SER 154 154 154 SER SER A . n 
A 1 155 VAL 155 155 155 VAL VAL A . n 
A 1 156 ASP 156 156 156 ASP ASP A . n 
A 1 157 LYS 157 157 157 LYS LYS A . n 
A 1 158 GLU 158 158 158 GLU GLU A . n 
A 1 159 MET 159 159 159 MET MET A . n 
A 1 160 GLN 160 160 160 GLN GLN A . n 
A 1 161 VAL 161 161 161 VAL VAL A . n 
A 1 162 LEU 162 162 162 LEU LEU A . n 
A 1 163 VAL 163 163 163 VAL VAL A . n 
A 1 164 SER 164 164 164 SER SER A . n 
A 1 165 ARG 165 165 165 ARG ARG A . n 
A 1 166 ILE 166 166 166 ILE ILE A . n 
A 1 167 ALA 167 167 167 ALA ALA A . n 
A 1 168 SER 168 168 168 SER SER A . n 
A 1 169 TRP 169 169 169 TRP TRP A . n 
A 1 170 MET 170 170 170 MET MET A . n 
A 1 171 ALA 171 171 171 ALA ALA A . n 
A 1 172 THR 172 172 172 THR THR A . n 
A 1 173 TYR 173 173 173 TYR TYR A . n 
A 1 174 LEU 174 174 174 LEU LEU A . n 
A 1 175 ASN 175 175 175 ASN ASN A . n 
A 1 176 ASP 176 176 176 ASP ASP A . n 
A 1 177 HIS 177 177 177 HIS HIS A . n 
A 1 178 LEU 178 178 178 LEU LEU A . n 
A 1 179 GLU 179 179 179 GLU GLU A . n 
A 1 180 PRO 180 180 180 PRO PRO A . n 
A 1 181 TRP 181 181 181 TRP TRP A . n 
A 1 182 ILE 182 182 182 ILE ILE A . n 
A 1 183 GLN 183 183 183 GLN GLN A . n 
A 1 184 GLU 184 184 184 GLU GLU A . n 
A 1 185 ASN 185 185 185 ASN ASN A . n 
A 1 186 GLY 186 186 186 GLY GLY A . n 
A 1 187 GLY 187 187 187 GLY GLY A . n 
A 1 188 TRP 188 188 188 TRP TRP A . n 
A 1 189 ASP 189 189 189 ASP ASP A . n 
A 1 190 THR 190 190 190 THR THR A . n 
A 1 191 PHE 191 191 191 PHE PHE A . n 
A 1 192 VAL 192 192 192 VAL VAL A . n 
A 1 193 ASP 193 193 193 ASP ASP A . n 
A 1 194 LEU 194 194 194 LEU LEU A . n 
A 1 195 TYR 195 195 195 TYR TYR A . n 
A 1 196 GLY 196 196 196 GLY GLY A . n 
B 2 1   ASP 1   83  83  ASP GLY B . n 
B 2 2   LEU 2   84  84  LEU LEU B . n 
B 2 3   ARG 3   85  85  ARG ARG B . n 
B 2 4   PRO 4   86  86  PRO PRO B . n 
B 2 5   GLU 5   87  87  GLU GLU B . n 
B 2 6   ILE 6   88  88  ILE ILE B . n 
B 2 7   ARG 7   89  89  ARG ARG B . n 
B 2 8   ILE 8   90  90  ILE ILE B . n 
B 2 9   ALA 9   91  91  ALA ALA B . n 
B 2 10  GLN 10  92  92  GLN GLN B . n 
B 2 11  GLU 11  93  93  GLU GLU B . n 
B 2 12  LEU 12  94  94  LEU LEU B . n 
B 2 13  ARG 13  95  95  ARG ARG B . n 
B 2 14  ARG 14  96  96  ARG ARG B . n 
B 2 15  ILE 15  97  97  ILE ILE B . n 
B 2 16  GLY 16  98  98  GLY GLY B . n 
B 2 17  ASP 17  99  99  ASP ASP B . n 
B 2 18  GLU 18  100 100 GLU GLU B . n 
B 2 19  PHE 19  101 101 PHE PHE B . n 
B 2 20  ASN 20  102 102 ASN ASN B . n 
B 2 21  GLU 21  103 103 GLU GLU B . n 
B 2 22  THR 22  104 104 THR THR B . n 
B 2 23  TYR 23  105 105 TYR TYR B . n 
B 2 24  THR 24  106 106 THR THR B . n 
B 2 25  ARG 25  107 107 ARG ARG B . n 
B 2 26  ARG 26  108 108 ARG ARG B . n 
B 2 27  VAL 27  109 109 VAL VAL B . n 
B 2 28  PHE 28  110 110 PHE PHE B . n 
B 2 29  ALA 29  111 111 ALA ALA B . n 
B 2 30  ASN 30  112 112 ASN ASN B . n 
B 2 31  ASP 31  113 113 ASP ASP B . n 
B 2 32  TYR 32  114 114 TYR TYR B . n 
B 2 33  ARG 33  115 115 ARG GLY B . n 
# 
loop_
_pdbx_nonpoly_scheme.asym_id 
_pdbx_nonpoly_scheme.entity_id 
_pdbx_nonpoly_scheme.mon_id 
_pdbx_nonpoly_scheme.ndb_seq_num 
_pdbx_nonpoly_scheme.pdb_seq_num 
_pdbx_nonpoly_scheme.auth_seq_num 
_pdbx_nonpoly_scheme.pdb_mon_id 
_pdbx_nonpoly_scheme.auth_mon_id 
_pdbx_nonpoly_scheme.pdb_strand_id 
_pdbx_nonpoly_scheme.pdb_ins_code 
C 3 HOH 1   197 1   HOH TIP A . 
C 3 HOH 2   198 2   HOH TIP A . 
C 3 HOH 3   199 3   HOH TIP A . 
C 3 HOH 4   200 4   HOH TIP A . 
C 3 HOH 5   201 5   HOH TIP A . 
C 3 HOH 6   202 6   HOH TIP A . 
C 3 HOH 7   203 7   HOH TIP A . 
C 3 HOH 8   204 8   HOH TIP A . 
C 3 HOH 9   205 9   HOH TIP A . 
C 3 HOH 10  206 10  HOH TIP A . 
C 3 HOH 11  207 11  HOH TIP A . 
C 3 HOH 12  208 12  HOH TIP A . 
C 3 HOH 13  209 13  HOH TIP A . 
C 3 HOH 14  210 14  HOH TIP A . 
C 3 HOH 15  211 15  HOH TIP A . 
C 3 HOH 16  212 17  HOH TIP A . 
C 3 HOH 17  213 18  HOH TIP A . 
C 3 HOH 18  214 19  HOH TIP A . 
C 3 HOH 19  215 20  HOH TIP A . 
C 3 HOH 20  216 21  HOH TIP A . 
C 3 HOH 21  217 22  HOH TIP A . 
C 3 HOH 22  218 23  HOH TIP A . 
C 3 HOH 23  219 24  HOH TIP A . 
C 3 HOH 24  220 27  HOH TIP A . 
C 3 HOH 25  221 28  HOH TIP A . 
C 3 HOH 26  222 29  HOH TIP A . 
C 3 HOH 27  223 31  HOH TIP A . 
C 3 HOH 28  224 32  HOH TIP A . 
C 3 HOH 29  225 33  HOH TIP A . 
C 3 HOH 30  226 35  HOH TIP A . 
C 3 HOH 31  227 36  HOH TIP A . 
C 3 HOH 32  228 37  HOH TIP A . 
C 3 HOH 33  229 38  HOH TIP A . 
C 3 HOH 34  230 40  HOH TIP A . 
C 3 HOH 35  231 41  HOH TIP A . 
C 3 HOH 36  232 42  HOH TIP A . 
C 3 HOH 37  233 43  HOH TIP A . 
C 3 HOH 38  234 44  HOH TIP A . 
C 3 HOH 39  235 45  HOH TIP A . 
C 3 HOH 40  236 46  HOH TIP A . 
C 3 HOH 41  237 47  HOH TIP A . 
C 3 HOH 42  238 48  HOH TIP A . 
C 3 HOH 43  239 49  HOH TIP A . 
C 3 HOH 44  240 52  HOH TIP A . 
C 3 HOH 45  241 54  HOH TIP A . 
C 3 HOH 46  242 55  HOH TIP A . 
C 3 HOH 47  243 58  HOH TIP A . 
C 3 HOH 48  244 59  HOH TIP A . 
C 3 HOH 49  245 61  HOH TIP A . 
C 3 HOH 50  246 62  HOH TIP A . 
C 3 HOH 51  247 63  HOH TIP A . 
C 3 HOH 52  248 64  HOH TIP A . 
C 3 HOH 53  249 66  HOH TIP A . 
C 3 HOH 54  250 67  HOH TIP A . 
C 3 HOH 55  251 68  HOH TIP A . 
C 3 HOH 56  252 69  HOH TIP A . 
C 3 HOH 57  253 70  HOH TIP A . 
C 3 HOH 58  254 71  HOH TIP A . 
C 3 HOH 59  255 72  HOH TIP A . 
C 3 HOH 60  256 73  HOH TIP A . 
C 3 HOH 61  257 74  HOH TIP A . 
C 3 HOH 62  258 75  HOH TIP A . 
C 3 HOH 63  259 77  HOH TIP A . 
C 3 HOH 64  260 79  HOH TIP A . 
C 3 HOH 65  261 82  HOH TIP A . 
C 3 HOH 66  262 83  HOH TIP A . 
C 3 HOH 67  263 84  HOH TIP A . 
C 3 HOH 68  264 85  HOH TIP A . 
C 3 HOH 69  265 86  HOH TIP A . 
C 3 HOH 70  266 87  HOH TIP A . 
C 3 HOH 71  267 88  HOH TIP A . 
C 3 HOH 72  268 89  HOH TIP A . 
C 3 HOH 73  269 91  HOH TIP A . 
C 3 HOH 74  270 95  HOH TIP A . 
C 3 HOH 75  271 96  HOH TIP A . 
C 3 HOH 76  272 98  HOH TIP A . 
C 3 HOH 77  273 99  HOH TIP A . 
C 3 HOH 78  274 102 HOH TIP A . 
C 3 HOH 79  275 103 HOH TIP A . 
C 3 HOH 80  276 104 HOH TIP A . 
C 3 HOH 81  277 107 HOH TIP A . 
C 3 HOH 82  278 108 HOH TIP A . 
C 3 HOH 83  279 110 HOH TIP A . 
C 3 HOH 84  280 111 HOH TIP A . 
C 3 HOH 85  281 112 HOH TIP A . 
C 3 HOH 86  282 115 HOH TIP A . 
C 3 HOH 87  283 116 HOH TIP A . 
C 3 HOH 88  284 117 HOH TIP A . 
C 3 HOH 89  285 118 HOH TIP A . 
C 3 HOH 90  286 119 HOH TIP A . 
C 3 HOH 91  287 121 HOH TIP A . 
C 3 HOH 92  288 125 HOH TIP A . 
C 3 HOH 93  289 126 HOH TIP A . 
C 3 HOH 94  290 128 HOH TIP A . 
C 3 HOH 95  291 130 HOH TIP A . 
C 3 HOH 96  292 131 HOH TIP A . 
C 3 HOH 97  293 132 HOH TIP A . 
C 3 HOH 98  294 134 HOH TIP A . 
C 3 HOH 99  295 136 HOH TIP A . 
C 3 HOH 100 296 139 HOH TIP A . 
C 3 HOH 101 297 140 HOH TIP A . 
C 3 HOH 102 298 143 HOH TIP A . 
C 3 HOH 103 299 146 HOH TIP A . 
C 3 HOH 104 300 147 HOH TIP A . 
C 3 HOH 105 301 150 HOH TIP A . 
C 3 HOH 106 302 151 HOH TIP A . 
C 3 HOH 107 303 152 HOH TIP A . 
C 3 HOH 108 304 154 HOH TIP A . 
C 3 HOH 109 305 155 HOH TIP A . 
C 3 HOH 110 306 158 HOH TIP A . 
C 3 HOH 111 307 161 HOH TIP A . 
C 3 HOH 112 308 162 HOH TIP A . 
C 3 HOH 113 309 163 HOH TIP A . 
C 3 HOH 114 310 168 HOH TIP A . 
C 3 HOH 115 311 169 HOH TIP A . 
C 3 HOH 116 312 171 HOH TIP A . 
C 3 HOH 117 313 173 HOH TIP A . 
C 3 HOH 118 314 174 HOH TIP A . 
C 3 HOH 119 315 177 HOH TIP A . 
C 3 HOH 120 316 180 HOH TIP A . 
C 3 HOH 121 317 181 HOH TIP A . 
C 3 HOH 122 318 182 HOH TIP A . 
C 3 HOH 123 319 184 HOH TIP A . 
C 3 HOH 124 320 185 HOH TIP A . 
C 3 HOH 125 321 187 HOH TIP A . 
C 3 HOH 126 322 188 HOH TIP A . 
C 3 HOH 127 323 189 HOH TIP A . 
C 3 HOH 128 324 190 HOH TIP A . 
C 3 HOH 129 325 192 HOH TIP A . 
C 3 HOH 130 326 193 HOH TIP A . 
C 3 HOH 131 327 194 HOH TIP A . 
C 3 HOH 132 328 195 HOH TIP A . 
C 3 HOH 133 329 196 HOH TIP A . 
C 3 HOH 134 330 198 HOH TIP A . 
C 3 HOH 135 331 200 HOH TIP A . 
C 3 HOH 136 332 201 HOH TIP A . 
C 3 HOH 137 333 202 HOH TIP A . 
C 3 HOH 138 334 203 HOH TIP A . 
C 3 HOH 139 335 204 HOH TIP A . 
C 3 HOH 140 336 205 HOH TIP A . 
C 3 HOH 141 337 206 HOH TIP A . 
C 3 HOH 142 338 207 HOH TIP A . 
C 3 HOH 143 339 208 HOH TIP A . 
D 3 HOH 1   116 26  HOH TIP B . 
D 3 HOH 2   117 30  HOH TIP B . 
D 3 HOH 3   118 34  HOH TIP B . 
D 3 HOH 4   119 39  HOH TIP B . 
D 3 HOH 5   120 50  HOH TIP B . 
D 3 HOH 6   121 51  HOH TIP B . 
D 3 HOH 7   122 53  HOH TIP B . 
D 3 HOH 8   123 57  HOH TIP B . 
D 3 HOH 9   124 76  HOH TIP B . 
D 3 HOH 10  125 80  HOH TIP B . 
D 3 HOH 11  126 94  HOH TIP B . 
D 3 HOH 12  127 100 HOH TIP B . 
D 3 HOH 13  128 101 HOH TIP B . 
D 3 HOH 14  129 105 HOH TIP B . 
D 3 HOH 15  130 114 HOH TIP B . 
D 3 HOH 16  131 127 HOH TIP B . 
D 3 HOH 17  132 133 HOH TIP B . 
D 3 HOH 18  133 138 HOH TIP B . 
D 3 HOH 19  134 144 HOH TIP B . 
D 3 HOH 20  135 148 HOH TIP B . 
D 3 HOH 21  136 175 HOH TIP B . 
D 3 HOH 22  137 183 HOH TIP B . 
D 3 HOH 23  138 186 HOH TIP B . 
D 3 HOH 24  139 191 HOH TIP B . 
D 3 HOH 25  140 197 HOH TIP B . 
D 3 HOH 26  141 199 HOH TIP B . 
# 
_pdbx_struct_assembly.id                   1 
_pdbx_struct_assembly.details              author_and_software_defined_assembly 
_pdbx_struct_assembly.method_details       PISA 
_pdbx_struct_assembly.oligomeric_details   dimeric 
_pdbx_struct_assembly.oligomeric_count     2 
# 
_pdbx_struct_assembly_gen.assembly_id       1 
_pdbx_struct_assembly_gen.oper_expression   1 
_pdbx_struct_assembly_gen.asym_id_list      A,B,C,D 
# 
loop_
_pdbx_struct_assembly_prop.biol_id 
_pdbx_struct_assembly_prop.type 
_pdbx_struct_assembly_prop.value 
_pdbx_struct_assembly_prop.details 
1 'ABSA (A^2)' 2110 ? 
1 MORE         -10  ? 
1 'SSA (A^2)'  9100 ? 
# 
_pdbx_struct_oper_list.id                   1 
_pdbx_struct_oper_list.type                 'identity operation' 
_pdbx_struct_oper_list.name                 1_555 
_pdbx_struct_oper_list.symmetry_operation   x,y,z 
_pdbx_struct_oper_list.matrix[1][1]         1.0000000000 
_pdbx_struct_oper_list.matrix[1][2]         0.0000000000 
_pdbx_struct_oper_list.matrix[1][3]         0.0000000000 
_pdbx_struct_oper_list.vector[1]            0.0000000000 
_pdbx_struct_oper_list.matrix[2][1]         0.0000000000 
_pdbx_struct_oper_list.matrix[2][2]         1.0000000000 
_pdbx_struct_oper_list.matrix[2][3]         0.0000000000 
_pdbx_struct_oper_list.vector[2]            0.0000000000 
_pdbx_struct_oper_list.matrix[3][1]         0.0000000000 
_pdbx_struct_oper_list.matrix[3][2]         0.0000000000 
_pdbx_struct_oper_list.matrix[3][3]         1.0000000000 
_pdbx_struct_oper_list.vector[3]            0.0000000000 
# 
loop_
_pdbx_audit_revision_history.ordinal 
_pdbx_audit_revision_history.data_content_type 
_pdbx_audit_revision_history.major_revision 
_pdbx_audit_revision_history.minor_revision 
_pdbx_audit_revision_history.revision_date 
1 'Structure model' 1 0 2003-09-23 
2 'Structure model' 1 1 2008-04-29 
3 'Structure model' 1 2 2011-07-13 
4 'Structure model' 1 3 2023-08-16 
# 
_pdbx_audit_revision_details.ordinal             1 
_pdbx_audit_revision_details.revision_ordinal    1 
_pdbx_audit_revision_details.data_content_type   'Structure model' 
_pdbx_audit_revision_details.provider            repository 
_pdbx_audit_revision_details.type                'Initial release' 
_pdbx_audit_revision_details.description         ? 
_pdbx_audit_revision_details.details             ? 
# 
loop_
_pdbx_audit_revision_group.ordinal 
_pdbx_audit_revision_group.revision_ordinal 
_pdbx_audit_revision_group.data_content_type 
_pdbx_audit_revision_group.group 
1 2 'Structure model' 'Version format compliance' 
2 3 'Structure model' 'Version format compliance' 
3 4 'Structure model' 'Data collection'           
4 4 'Structure model' 'Database references'       
5 4 'Structure model' 'Refinement description'    
# 
loop_
_pdbx_audit_revision_category.ordinal 
_pdbx_audit_revision_category.revision_ordinal 
_pdbx_audit_revision_category.data_content_type 
_pdbx_audit_revision_category.category 
1 4 'Structure model' chem_comp_atom                
2 4 'Structure model' chem_comp_bond                
3 4 'Structure model' database_2                    
4 4 'Structure model' pdbx_initial_refinement_model 
# 
loop_
_pdbx_audit_revision_item.ordinal 
_pdbx_audit_revision_item.revision_ordinal 
_pdbx_audit_revision_item.data_content_type 
_pdbx_audit_revision_item.item 
1 4 'Structure model' '_database_2.pdbx_DOI'                
2 4 'Structure model' '_database_2.pdbx_database_accession' 
# 
loop_
_software.name 
_software.classification 
_software.version 
_software.citation_id 
_software.pdbx_ordinal 
CNS       refinement       1.0 ? 1 
HKL-2000  'data reduction' .   ? 2 
SCALEPACK 'data scaling'   .   ? 3 
AMoRE     phasing          .   ? 4 
# 
_pdbx_validate_close_contact.id               1 
_pdbx_validate_close_contact.PDB_model_num    1 
_pdbx_validate_close_contact.auth_atom_id_1   O 
_pdbx_validate_close_contact.auth_asym_id_1   A 
_pdbx_validate_close_contact.auth_comp_id_1   MET 
_pdbx_validate_close_contact.auth_seq_id_1    1 
_pdbx_validate_close_contact.PDB_ins_code_1   ? 
_pdbx_validate_close_contact.label_alt_id_1   ? 
_pdbx_validate_close_contact.auth_atom_id_2   O 
_pdbx_validate_close_contact.auth_asym_id_2   A 
_pdbx_validate_close_contact.auth_comp_id_2   HOH 
_pdbx_validate_close_contact.auth_seq_id_2    327 
_pdbx_validate_close_contact.PDB_ins_code_2   ? 
_pdbx_validate_close_contact.label_alt_id_2   ? 
_pdbx_validate_close_contact.dist             2.02 
# 
loop_
_pdbx_validate_torsion.id 
_pdbx_validate_torsion.PDB_model_num 
_pdbx_validate_torsion.auth_comp_id 
_pdbx_validate_torsion.auth_asym_id 
_pdbx_validate_torsion.auth_seq_id 
_pdbx_validate_torsion.PDB_ins_code 
_pdbx_validate_torsion.label_alt_id 
_pdbx_validate_torsion.phi 
_pdbx_validate_torsion.psi 
1 1 SER A 2   ? ? -12.96 161.36 
2 1 ASP B 113 ? ? -99.67 48.90  
# 
loop_
_pdbx_unobs_or_zero_occ_atoms.id 
_pdbx_unobs_or_zero_occ_atoms.PDB_model_num 
_pdbx_unobs_or_zero_occ_atoms.polymer_flag 
_pdbx_unobs_or_zero_occ_atoms.occupancy_flag 
_pdbx_unobs_or_zero_occ_atoms.auth_asym_id 
_pdbx_unobs_or_zero_occ_atoms.auth_comp_id 
_pdbx_unobs_or_zero_occ_atoms.auth_seq_id 
_pdbx_unobs_or_zero_occ_atoms.PDB_ins_code 
_pdbx_unobs_or_zero_occ_atoms.auth_atom_id 
_pdbx_unobs_or_zero_occ_atoms.label_alt_id 
_pdbx_unobs_or_zero_occ_atoms.label_asym_id 
_pdbx_unobs_or_zero_occ_atoms.label_comp_id 
_pdbx_unobs_or_zero_occ_atoms.label_seq_id 
_pdbx_unobs_or_zero_occ_atoms.label_atom_id 
1  1 Y 1 A GLN 26  ? CG  ? A GLN 26 CG  
2  1 Y 1 A GLN 26  ? CD  ? A GLN 26 CD  
3  1 Y 1 A GLN 26  ? OE1 ? A GLN 26 OE1 
4  1 Y 1 A GLN 26  ? NE2 ? A GLN 26 NE2 
5  1 Y 1 A PHE 27  ? CG  ? A PHE 27 CG  
6  1 Y 1 A PHE 27  ? CD1 ? A PHE 27 CD1 
7  1 Y 1 A PHE 27  ? CD2 ? A PHE 27 CD2 
8  1 Y 1 A PHE 27  ? CE1 ? A PHE 27 CE1 
9  1 Y 1 A PHE 27  ? CE2 ? A PHE 27 CE2 
10 1 Y 1 A PHE 27  ? CZ  ? A PHE 27 CZ  
11 1 Y 1 A SER 28  ? OG  ? A SER 28 OG  
12 1 Y 1 A ARG 78  ? CG  ? A ARG 78 CG  
13 1 Y 1 A ARG 78  ? CD  ? A ARG 78 CD  
14 1 Y 1 A ARG 78  ? NE  ? A ARG 78 NE  
15 1 Y 1 A ARG 78  ? CZ  ? A ARG 78 CZ  
16 1 Y 1 A ARG 78  ? NH1 ? A ARG 78 NH1 
17 1 Y 1 A ARG 78  ? NH2 ? A ARG 78 NH2 
18 1 Y 1 B ASP 83  ? CB  ? B ASP 1  CB  
19 1 Y 1 B ASP 83  ? CG  ? B ASP 1  CG  
20 1 Y 1 B ASP 83  ? OD1 ? B ASP 1  OD1 
21 1 Y 1 B ASP 83  ? OD2 ? B ASP 1  OD2 
22 1 Y 1 B ARG 115 ? CB  ? B ARG 33 CB  
23 1 Y 1 B ARG 115 ? CG  ? B ARG 33 CG  
24 1 Y 1 B ARG 115 ? CD  ? B ARG 33 CD  
25 1 Y 1 B ARG 115 ? NE  ? B ARG 33 NE  
26 1 Y 1 B ARG 115 ? CZ  ? B ARG 33 CZ  
27 1 Y 1 B ARG 115 ? NH1 ? B ARG 33 NH1 
28 1 Y 1 B ARG 115 ? NH2 ? B ARG 33 NH2 
# 
loop_
_pdbx_unobs_or_zero_occ_residues.id 
_pdbx_unobs_or_zero_occ_residues.PDB_model_num 
_pdbx_unobs_or_zero_occ_residues.polymer_flag 
_pdbx_unobs_or_zero_occ_residues.occupancy_flag 
_pdbx_unobs_or_zero_occ_residues.auth_asym_id 
_pdbx_unobs_or_zero_occ_residues.auth_comp_id 
_pdbx_unobs_or_zero_occ_residues.auth_seq_id 
_pdbx_unobs_or_zero_occ_residues.PDB_ins_code 
_pdbx_unobs_or_zero_occ_residues.label_asym_id 
_pdbx_unobs_or_zero_occ_residues.label_comp_id 
_pdbx_unobs_or_zero_occ_residues.label_seq_id 
1  1 Y 1 A ASP 29 ? A ASP 29 
2  1 Y 1 A VAL 30 ? A VAL 30 
3  1 Y 1 A GLU 31 ? A GLU 31 
4  1 Y 1 A GLU 32 ? A GLU 32 
5  1 Y 1 A ASN 33 ? A ASN 33 
6  1 Y 1 A ARG 34 ? A ARG 34 
7  1 Y 1 A THR 35 ? A THR 35 
8  1 Y 1 A GLU 36 ? A GLU 36 
9  1 Y 1 A ALA 37 ? A ALA 37 
10 1 Y 1 A PRO 38 ? A PRO 38 
11 1 Y 1 A GLU 39 ? A GLU 39 
12 1 Y 1 A GLU 40 ? A GLU 40 
13 1 Y 1 A THR 41 ? A THR 41 
14 1 Y 1 A GLU 42 ? A GLU 42 
15 1 Y 1 A ALA 43 ? A ALA 43 
16 1 Y 1 A GLU 44 ? A GLU 44 
17 1 Y 1 A ARG 45 ? A ARG 45 
18 1 Y 1 A GLU 46 ? A GLU 46 
19 1 Y 1 A THR 47 ? A THR 47 
20 1 Y 1 A PRO 48 ? A PRO 48 
21 1 Y 1 A SER 49 ? A SER 49 
22 1 Y 1 A ALA 50 ? A ALA 50 
23 1 Y 1 A ILE 51 ? A ILE 51 
24 1 Y 1 A ASN 52 ? A ASN 52 
25 1 Y 1 A GLY 53 ? A GLY 53 
26 1 Y 1 A ASN 54 ? A ASN 54 
27 1 Y 1 A PRO 55 ? A PRO 55 
28 1 Y 1 A SER 56 ? A SER 56 
29 1 Y 1 A TRP 57 ? A TRP 57 
30 1 Y 1 A HIS 58 ? A HIS 58 
31 1 Y 1 A LEU 59 ? A LEU 59 
32 1 Y 1 A ALA 60 ? A ALA 60 
33 1 Y 1 A ASP 61 ? A ASP 61 
34 1 Y 1 A SER 62 ? A SER 62 
35 1 Y 1 A PRO 63 ? A PRO 63 
36 1 Y 1 A ALA 64 ? A ALA 64 
37 1 Y 1 A VAL 65 ? A VAL 65 
38 1 Y 1 A ASN 66 ? A ASN 66 
39 1 Y 1 A GLY 67 ? A GLY 67 
40 1 Y 1 A ALA 68 ? A ALA 68 
41 1 Y 1 A THR 69 ? A THR 69 
42 1 Y 1 A GLY 70 ? A GLY 70 
43 1 Y 1 A HIS 71 ? A HIS 71 
44 1 Y 1 A SER 72 ? A SER 72 
45 1 Y 1 A SER 73 ? A SER 73 
46 1 Y 1 A SER 74 ? A SER 74 
47 1 Y 1 A LEU 75 ? A LEU 75 
48 1 Y 1 A ASP 76 ? A ASP 76 
49 1 Y 1 A ALA 77 ? A ALA 77 
# 
loop_
_chem_comp_atom.comp_id 
_chem_comp_atom.atom_id 
_chem_comp_atom.type_symbol 
_chem_comp_atom.pdbx_aromatic_flag 
_chem_comp_atom.pdbx_stereo_config 
_chem_comp_atom.pdbx_ordinal 
ALA N    N N N 1   
ALA CA   C N S 2   
ALA C    C N N 3   
ALA O    O N N 4   
ALA CB   C N N 5   
ALA OXT  O N N 6   
ALA H    H N N 7   
ALA H2   H N N 8   
ALA HA   H N N 9   
ALA HB1  H N N 10  
ALA HB2  H N N 11  
ALA HB3  H N N 12  
ALA HXT  H N N 13  
ARG N    N N N 14  
ARG CA   C N S 15  
ARG C    C N N 16  
ARG O    O N N 17  
ARG CB   C N N 18  
ARG CG   C N N 19  
ARG CD   C N N 20  
ARG NE   N N N 21  
ARG CZ   C N N 22  
ARG NH1  N N N 23  
ARG NH2  N N N 24  
ARG OXT  O N N 25  
ARG H    H N N 26  
ARG H2   H N N 27  
ARG HA   H N N 28  
ARG HB2  H N N 29  
ARG HB3  H N N 30  
ARG HG2  H N N 31  
ARG HG3  H N N 32  
ARG HD2  H N N 33  
ARG HD3  H N N 34  
ARG HE   H N N 35  
ARG HH11 H N N 36  
ARG HH12 H N N 37  
ARG HH21 H N N 38  
ARG HH22 H N N 39  
ARG HXT  H N N 40  
ASN N    N N N 41  
ASN CA   C N S 42  
ASN C    C N N 43  
ASN O    O N N 44  
ASN CB   C N N 45  
ASN CG   C N N 46  
ASN OD1  O N N 47  
ASN ND2  N N N 48  
ASN OXT  O N N 49  
ASN H    H N N 50  
ASN H2   H N N 51  
ASN HA   H N N 52  
ASN HB2  H N N 53  
ASN HB3  H N N 54  
ASN HD21 H N N 55  
ASN HD22 H N N 56  
ASN HXT  H N N 57  
ASP N    N N N 58  
ASP CA   C N S 59  
ASP C    C N N 60  
ASP O    O N N 61  
ASP CB   C N N 62  
ASP CG   C N N 63  
ASP OD1  O N N 64  
ASP OD2  O N N 65  
ASP OXT  O N N 66  
ASP H    H N N 67  
ASP H2   H N N 68  
ASP HA   H N N 69  
ASP HB2  H N N 70  
ASP HB3  H N N 71  
ASP HD2  H N N 72  
ASP HXT  H N N 73  
CYS N    N N N 74  
CYS CA   C N R 75  
CYS C    C N N 76  
CYS O    O N N 77  
CYS CB   C N N 78  
CYS SG   S N N 79  
CYS OXT  O N N 80  
CYS H    H N N 81  
CYS H2   H N N 82  
CYS HA   H N N 83  
CYS HB2  H N N 84  
CYS HB3  H N N 85  
CYS HG   H N N 86  
CYS HXT  H N N 87  
GLN N    N N N 88  
GLN CA   C N S 89  
GLN C    C N N 90  
GLN O    O N N 91  
GLN CB   C N N 92  
GLN CG   C N N 93  
GLN CD   C N N 94  
GLN OE1  O N N 95  
GLN NE2  N N N 96  
GLN OXT  O N N 97  
GLN H    H N N 98  
GLN H2   H N N 99  
GLN HA   H N N 100 
GLN HB2  H N N 101 
GLN HB3  H N N 102 
GLN HG2  H N N 103 
GLN HG3  H N N 104 
GLN HE21 H N N 105 
GLN HE22 H N N 106 
GLN HXT  H N N 107 
GLU N    N N N 108 
GLU CA   C N S 109 
GLU C    C N N 110 
GLU O    O N N 111 
GLU CB   C N N 112 
GLU CG   C N N 113 
GLU CD   C N N 114 
GLU OE1  O N N 115 
GLU OE2  O N N 116 
GLU OXT  O N N 117 
GLU H    H N N 118 
GLU H2   H N N 119 
GLU HA   H N N 120 
GLU HB2  H N N 121 
GLU HB3  H N N 122 
GLU HG2  H N N 123 
GLU HG3  H N N 124 
GLU HE2  H N N 125 
GLU HXT  H N N 126 
GLY N    N N N 127 
GLY CA   C N N 128 
GLY C    C N N 129 
GLY O    O N N 130 
GLY OXT  O N N 131 
GLY H    H N N 132 
GLY H2   H N N 133 
GLY HA2  H N N 134 
GLY HA3  H N N 135 
GLY HXT  H N N 136 
HIS N    N N N 137 
HIS CA   C N S 138 
HIS C    C N N 139 
HIS O    O N N 140 
HIS CB   C N N 141 
HIS CG   C Y N 142 
HIS ND1  N Y N 143 
HIS CD2  C Y N 144 
HIS CE1  C Y N 145 
HIS NE2  N Y N 146 
HIS OXT  O N N 147 
HIS H    H N N 148 
HIS H2   H N N 149 
HIS HA   H N N 150 
HIS HB2  H N N 151 
HIS HB3  H N N 152 
HIS HD1  H N N 153 
HIS HD2  H N N 154 
HIS HE1  H N N 155 
HIS HE2  H N N 156 
HIS HXT  H N N 157 
HOH O    O N N 158 
HOH H1   H N N 159 
HOH H2   H N N 160 
ILE N    N N N 161 
ILE CA   C N S 162 
ILE C    C N N 163 
ILE O    O N N 164 
ILE CB   C N S 165 
ILE CG1  C N N 166 
ILE CG2  C N N 167 
ILE CD1  C N N 168 
ILE OXT  O N N 169 
ILE H    H N N 170 
ILE H2   H N N 171 
ILE HA   H N N 172 
ILE HB   H N N 173 
ILE HG12 H N N 174 
ILE HG13 H N N 175 
ILE HG21 H N N 176 
ILE HG22 H N N 177 
ILE HG23 H N N 178 
ILE HD11 H N N 179 
ILE HD12 H N N 180 
ILE HD13 H N N 181 
ILE HXT  H N N 182 
LEU N    N N N 183 
LEU CA   C N S 184 
LEU C    C N N 185 
LEU O    O N N 186 
LEU CB   C N N 187 
LEU CG   C N N 188 
LEU CD1  C N N 189 
LEU CD2  C N N 190 
LEU OXT  O N N 191 
LEU H    H N N 192 
LEU H2   H N N 193 
LEU HA   H N N 194 
LEU HB2  H N N 195 
LEU HB3  H N N 196 
LEU HG   H N N 197 
LEU HD11 H N N 198 
LEU HD12 H N N 199 
LEU HD13 H N N 200 
LEU HD21 H N N 201 
LEU HD22 H N N 202 
LEU HD23 H N N 203 
LEU HXT  H N N 204 
LYS N    N N N 205 
LYS CA   C N S 206 
LYS C    C N N 207 
LYS O    O N N 208 
LYS CB   C N N 209 
LYS CG   C N N 210 
LYS CD   C N N 211 
LYS CE   C N N 212 
LYS NZ   N N N 213 
LYS OXT  O N N 214 
LYS H    H N N 215 
LYS H2   H N N 216 
LYS HA   H N N 217 
LYS HB2  H N N 218 
LYS HB3  H N N 219 
LYS HG2  H N N 220 
LYS HG3  H N N 221 
LYS HD2  H N N 222 
LYS HD3  H N N 223 
LYS HE2  H N N 224 
LYS HE3  H N N 225 
LYS HZ1  H N N 226 
LYS HZ2  H N N 227 
LYS HZ3  H N N 228 
LYS HXT  H N N 229 
MET N    N N N 230 
MET CA   C N S 231 
MET C    C N N 232 
MET O    O N N 233 
MET CB   C N N 234 
MET CG   C N N 235 
MET SD   S N N 236 
MET CE   C N N 237 
MET OXT  O N N 238 
MET H    H N N 239 
MET H2   H N N 240 
MET HA   H N N 241 
MET HB2  H N N 242 
MET HB3  H N N 243 
MET HG2  H N N 244 
MET HG3  H N N 245 
MET HE1  H N N 246 
MET HE2  H N N 247 
MET HE3  H N N 248 
MET HXT  H N N 249 
PHE N    N N N 250 
PHE CA   C N S 251 
PHE C    C N N 252 
PHE O    O N N 253 
PHE CB   C N N 254 
PHE CG   C Y N 255 
PHE CD1  C Y N 256 
PHE CD2  C Y N 257 
PHE CE1  C Y N 258 
PHE CE2  C Y N 259 
PHE CZ   C Y N 260 
PHE OXT  O N N 261 
PHE H    H N N 262 
PHE H2   H N N 263 
PHE HA   H N N 264 
PHE HB2  H N N 265 
PHE HB3  H N N 266 
PHE HD1  H N N 267 
PHE HD2  H N N 268 
PHE HE1  H N N 269 
PHE HE2  H N N 270 
PHE HZ   H N N 271 
PHE HXT  H N N 272 
PRO N    N N N 273 
PRO CA   C N S 274 
PRO C    C N N 275 
PRO O    O N N 276 
PRO CB   C N N 277 
PRO CG   C N N 278 
PRO CD   C N N 279 
PRO OXT  O N N 280 
PRO H    H N N 281 
PRO HA   H N N 282 
PRO HB2  H N N 283 
PRO HB3  H N N 284 
PRO HG2  H N N 285 
PRO HG3  H N N 286 
PRO HD2  H N N 287 
PRO HD3  H N N 288 
PRO HXT  H N N 289 
SER N    N N N 290 
SER CA   C N S 291 
SER C    C N N 292 
SER O    O N N 293 
SER CB   C N N 294 
SER OG   O N N 295 
SER OXT  O N N 296 
SER H    H N N 297 
SER H2   H N N 298 
SER HA   H N N 299 
SER HB2  H N N 300 
SER HB3  H N N 301 
SER HG   H N N 302 
SER HXT  H N N 303 
THR N    N N N 304 
THR CA   C N S 305 
THR C    C N N 306 
THR O    O N N 307 
THR CB   C N R 308 
THR OG1  O N N 309 
THR CG2  C N N 310 
THR OXT  O N N 311 
THR H    H N N 312 
THR H2   H N N 313 
THR HA   H N N 314 
THR HB   H N N 315 
THR HG1  H N N 316 
THR HG21 H N N 317 
THR HG22 H N N 318 
THR HG23 H N N 319 
THR HXT  H N N 320 
TRP N    N N N 321 
TRP CA   C N S 322 
TRP C    C N N 323 
TRP O    O N N 324 
TRP CB   C N N 325 
TRP CG   C Y N 326 
TRP CD1  C Y N 327 
TRP CD2  C Y N 328 
TRP NE1  N Y N 329 
TRP CE2  C Y N 330 
TRP CE3  C Y N 331 
TRP CZ2  C Y N 332 
TRP CZ3  C Y N 333 
TRP CH2  C Y N 334 
TRP OXT  O N N 335 
TRP H    H N N 336 
TRP H2   H N N 337 
TRP HA   H N N 338 
TRP HB2  H N N 339 
TRP HB3  H N N 340 
TRP HD1  H N N 341 
TRP HE1  H N N 342 
TRP HE3  H N N 343 
TRP HZ2  H N N 344 
TRP HZ3  H N N 345 
TRP HH2  H N N 346 
TRP HXT  H N N 347 
TYR N    N N N 348 
TYR CA   C N S 349 
TYR C    C N N 350 
TYR O    O N N 351 
TYR CB   C N N 352 
TYR CG   C Y N 353 
TYR CD1  C Y N 354 
TYR CD2  C Y N 355 
TYR CE1  C Y N 356 
TYR CE2  C Y N 357 
TYR CZ   C Y N 358 
TYR OH   O N N 359 
TYR OXT  O N N 360 
TYR H    H N N 361 
TYR H2   H N N 362 
TYR HA   H N N 363 
TYR HB2  H N N 364 
TYR HB3  H N N 365 
TYR HD1  H N N 366 
TYR HD2  H N N 367 
TYR HE1  H N N 368 
TYR HE2  H N N 369 
TYR HH   H N N 370 
TYR HXT  H N N 371 
VAL N    N N N 372 
VAL CA   C N S 373 
VAL C    C N N 374 
VAL O    O N N 375 
VAL CB   C N N 376 
VAL CG1  C N N 377 
VAL CG2  C N N 378 
VAL OXT  O N N 379 
VAL H    H N N 380 
VAL H2   H N N 381 
VAL HA   H N N 382 
VAL HB   H N N 383 
VAL HG11 H N N 384 
VAL HG12 H N N 385 
VAL HG13 H N N 386 
VAL HG21 H N N 387 
VAL HG22 H N N 388 
VAL HG23 H N N 389 
VAL HXT  H N N 390 
# 
loop_
_chem_comp_bond.comp_id 
_chem_comp_bond.atom_id_1 
_chem_comp_bond.atom_id_2 
_chem_comp_bond.value_order 
_chem_comp_bond.pdbx_aromatic_flag 
_chem_comp_bond.pdbx_stereo_config 
_chem_comp_bond.pdbx_ordinal 
ALA N   CA   sing N N 1   
ALA N   H    sing N N 2   
ALA N   H2   sing N N 3   
ALA CA  C    sing N N 4   
ALA CA  CB   sing N N 5   
ALA CA  HA   sing N N 6   
ALA C   O    doub N N 7   
ALA C   OXT  sing N N 8   
ALA CB  HB1  sing N N 9   
ALA CB  HB2  sing N N 10  
ALA CB  HB3  sing N N 11  
ALA OXT HXT  sing N N 12  
ARG N   CA   sing N N 13  
ARG N   H    sing N N 14  
ARG N   H2   sing N N 15  
ARG CA  C    sing N N 16  
ARG CA  CB   sing N N 17  
ARG CA  HA   sing N N 18  
ARG C   O    doub N N 19  
ARG C   OXT  sing N N 20  
ARG CB  CG   sing N N 21  
ARG CB  HB2  sing N N 22  
ARG CB  HB3  sing N N 23  
ARG CG  CD   sing N N 24  
ARG CG  HG2  sing N N 25  
ARG CG  HG3  sing N N 26  
ARG CD  NE   sing N N 27  
ARG CD  HD2  sing N N 28  
ARG CD  HD3  sing N N 29  
ARG NE  CZ   sing N N 30  
ARG NE  HE   sing N N 31  
ARG CZ  NH1  sing N N 32  
ARG CZ  NH2  doub N N 33  
ARG NH1 HH11 sing N N 34  
ARG NH1 HH12 sing N N 35  
ARG NH2 HH21 sing N N 36  
ARG NH2 HH22 sing N N 37  
ARG OXT HXT  sing N N 38  
ASN N   CA   sing N N 39  
ASN N   H    sing N N 40  
ASN N   H2   sing N N 41  
ASN CA  C    sing N N 42  
ASN CA  CB   sing N N 43  
ASN CA  HA   sing N N 44  
ASN C   O    doub N N 45  
ASN C   OXT  sing N N 46  
ASN CB  CG   sing N N 47  
ASN CB  HB2  sing N N 48  
ASN CB  HB3  sing N N 49  
ASN CG  OD1  doub N N 50  
ASN CG  ND2  sing N N 51  
ASN ND2 HD21 sing N N 52  
ASN ND2 HD22 sing N N 53  
ASN OXT HXT  sing N N 54  
ASP N   CA   sing N N 55  
ASP N   H    sing N N 56  
ASP N   H2   sing N N 57  
ASP CA  C    sing N N 58  
ASP CA  CB   sing N N 59  
ASP CA  HA   sing N N 60  
ASP C   O    doub N N 61  
ASP C   OXT  sing N N 62  
ASP CB  CG   sing N N 63  
ASP CB  HB2  sing N N 64  
ASP CB  HB3  sing N N 65  
ASP CG  OD1  doub N N 66  
ASP CG  OD2  sing N N 67  
ASP OD2 HD2  sing N N 68  
ASP OXT HXT  sing N N 69  
CYS N   CA   sing N N 70  
CYS N   H    sing N N 71  
CYS N   H2   sing N N 72  
CYS CA  C    sing N N 73  
CYS CA  CB   sing N N 74  
CYS CA  HA   sing N N 75  
CYS C   O    doub N N 76  
CYS C   OXT  sing N N 77  
CYS CB  SG   sing N N 78  
CYS CB  HB2  sing N N 79  
CYS CB  HB3  sing N N 80  
CYS SG  HG   sing N N 81  
CYS OXT HXT  sing N N 82  
GLN N   CA   sing N N 83  
GLN N   H    sing N N 84  
GLN N   H2   sing N N 85  
GLN CA  C    sing N N 86  
GLN CA  CB   sing N N 87  
GLN CA  HA   sing N N 88  
GLN C   O    doub N N 89  
GLN C   OXT  sing N N 90  
GLN CB  CG   sing N N 91  
GLN CB  HB2  sing N N 92  
GLN CB  HB3  sing N N 93  
GLN CG  CD   sing N N 94  
GLN CG  HG2  sing N N 95  
GLN CG  HG3  sing N N 96  
GLN CD  OE1  doub N N 97  
GLN CD  NE2  sing N N 98  
GLN NE2 HE21 sing N N 99  
GLN NE2 HE22 sing N N 100 
GLN OXT HXT  sing N N 101 
GLU N   CA   sing N N 102 
GLU N   H    sing N N 103 
GLU N   H2   sing N N 104 
GLU CA  C    sing N N 105 
GLU CA  CB   sing N N 106 
GLU CA  HA   sing N N 107 
GLU C   O    doub N N 108 
GLU C   OXT  sing N N 109 
GLU CB  CG   sing N N 110 
GLU CB  HB2  sing N N 111 
GLU CB  HB3  sing N N 112 
GLU CG  CD   sing N N 113 
GLU CG  HG2  sing N N 114 
GLU CG  HG3  sing N N 115 
GLU CD  OE1  doub N N 116 
GLU CD  OE2  sing N N 117 
GLU OE2 HE2  sing N N 118 
GLU OXT HXT  sing N N 119 
GLY N   CA   sing N N 120 
GLY N   H    sing N N 121 
GLY N   H2   sing N N 122 
GLY CA  C    sing N N 123 
GLY CA  HA2  sing N N 124 
GLY CA  HA3  sing N N 125 
GLY C   O    doub N N 126 
GLY C   OXT  sing N N 127 
GLY OXT HXT  sing N N 128 
HIS N   CA   sing N N 129 
HIS N   H    sing N N 130 
HIS N   H2   sing N N 131 
HIS CA  C    sing N N 132 
HIS CA  CB   sing N N 133 
HIS CA  HA   sing N N 134 
HIS C   O    doub N N 135 
HIS C   OXT  sing N N 136 
HIS CB  CG   sing N N 137 
HIS CB  HB2  sing N N 138 
HIS CB  HB3  sing N N 139 
HIS CG  ND1  sing Y N 140 
HIS CG  CD2  doub Y N 141 
HIS ND1 CE1  doub Y N 142 
HIS ND1 HD1  sing N N 143 
HIS CD2 NE2  sing Y N 144 
HIS CD2 HD2  sing N N 145 
HIS CE1 NE2  sing Y N 146 
HIS CE1 HE1  sing N N 147 
HIS NE2 HE2  sing N N 148 
HIS OXT HXT  sing N N 149 
HOH O   H1   sing N N 150 
HOH O   H2   sing N N 151 
ILE N   CA   sing N N 152 
ILE N   H    sing N N 153 
ILE N   H2   sing N N 154 
ILE CA  C    sing N N 155 
ILE CA  CB   sing N N 156 
ILE CA  HA   sing N N 157 
ILE C   O    doub N N 158 
ILE C   OXT  sing N N 159 
ILE CB  CG1  sing N N 160 
ILE CB  CG2  sing N N 161 
ILE CB  HB   sing N N 162 
ILE CG1 CD1  sing N N 163 
ILE CG1 HG12 sing N N 164 
ILE CG1 HG13 sing N N 165 
ILE CG2 HG21 sing N N 166 
ILE CG2 HG22 sing N N 167 
ILE CG2 HG23 sing N N 168 
ILE CD1 HD11 sing N N 169 
ILE CD1 HD12 sing N N 170 
ILE CD1 HD13 sing N N 171 
ILE OXT HXT  sing N N 172 
LEU N   CA   sing N N 173 
LEU N   H    sing N N 174 
LEU N   H2   sing N N 175 
LEU CA  C    sing N N 176 
LEU CA  CB   sing N N 177 
LEU CA  HA   sing N N 178 
LEU C   O    doub N N 179 
LEU C   OXT  sing N N 180 
LEU CB  CG   sing N N 181 
LEU CB  HB2  sing N N 182 
LEU CB  HB3  sing N N 183 
LEU CG  CD1  sing N N 184 
LEU CG  CD2  sing N N 185 
LEU CG  HG   sing N N 186 
LEU CD1 HD11 sing N N 187 
LEU CD1 HD12 sing N N 188 
LEU CD1 HD13 sing N N 189 
LEU CD2 HD21 sing N N 190 
LEU CD2 HD22 sing N N 191 
LEU CD2 HD23 sing N N 192 
LEU OXT HXT  sing N N 193 
LYS N   CA   sing N N 194 
LYS N   H    sing N N 195 
LYS N   H2   sing N N 196 
LYS CA  C    sing N N 197 
LYS CA  CB   sing N N 198 
LYS CA  HA   sing N N 199 
LYS C   O    doub N N 200 
LYS C   OXT  sing N N 201 
LYS CB  CG   sing N N 202 
LYS CB  HB2  sing N N 203 
LYS CB  HB3  sing N N 204 
LYS CG  CD   sing N N 205 
LYS CG  HG2  sing N N 206 
LYS CG  HG3  sing N N 207 
LYS CD  CE   sing N N 208 
LYS CD  HD2  sing N N 209 
LYS CD  HD3  sing N N 210 
LYS CE  NZ   sing N N 211 
LYS CE  HE2  sing N N 212 
LYS CE  HE3  sing N N 213 
LYS NZ  HZ1  sing N N 214 
LYS NZ  HZ2  sing N N 215 
LYS NZ  HZ3  sing N N 216 
LYS OXT HXT  sing N N 217 
MET N   CA   sing N N 218 
MET N   H    sing N N 219 
MET N   H2   sing N N 220 
MET CA  C    sing N N 221 
MET CA  CB   sing N N 222 
MET CA  HA   sing N N 223 
MET C   O    doub N N 224 
MET C   OXT  sing N N 225 
MET CB  CG   sing N N 226 
MET CB  HB2  sing N N 227 
MET CB  HB3  sing N N 228 
MET CG  SD   sing N N 229 
MET CG  HG2  sing N N 230 
MET CG  HG3  sing N N 231 
MET SD  CE   sing N N 232 
MET CE  HE1  sing N N 233 
MET CE  HE2  sing N N 234 
MET CE  HE3  sing N N 235 
MET OXT HXT  sing N N 236 
PHE N   CA   sing N N 237 
PHE N   H    sing N N 238 
PHE N   H2   sing N N 239 
PHE CA  C    sing N N 240 
PHE CA  CB   sing N N 241 
PHE CA  HA   sing N N 242 
PHE C   O    doub N N 243 
PHE C   OXT  sing N N 244 
PHE CB  CG   sing N N 245 
PHE CB  HB2  sing N N 246 
PHE CB  HB3  sing N N 247 
PHE CG  CD1  doub Y N 248 
PHE CG  CD2  sing Y N 249 
PHE CD1 CE1  sing Y N 250 
PHE CD1 HD1  sing N N 251 
PHE CD2 CE2  doub Y N 252 
PHE CD2 HD2  sing N N 253 
PHE CE1 CZ   doub Y N 254 
PHE CE1 HE1  sing N N 255 
PHE CE2 CZ   sing Y N 256 
PHE CE2 HE2  sing N N 257 
PHE CZ  HZ   sing N N 258 
PHE OXT HXT  sing N N 259 
PRO N   CA   sing N N 260 
PRO N   CD   sing N N 261 
PRO N   H    sing N N 262 
PRO CA  C    sing N N 263 
PRO CA  CB   sing N N 264 
PRO CA  HA   sing N N 265 
PRO C   O    doub N N 266 
PRO C   OXT  sing N N 267 
PRO CB  CG   sing N N 268 
PRO CB  HB2  sing N N 269 
PRO CB  HB3  sing N N 270 
PRO CG  CD   sing N N 271 
PRO CG  HG2  sing N N 272 
PRO CG  HG3  sing N N 273 
PRO CD  HD2  sing N N 274 
PRO CD  HD3  sing N N 275 
PRO OXT HXT  sing N N 276 
SER N   CA   sing N N 277 
SER N   H    sing N N 278 
SER N   H2   sing N N 279 
SER CA  C    sing N N 280 
SER CA  CB   sing N N 281 
SER CA  HA   sing N N 282 
SER C   O    doub N N 283 
SER C   OXT  sing N N 284 
SER CB  OG   sing N N 285 
SER CB  HB2  sing N N 286 
SER CB  HB3  sing N N 287 
SER OG  HG   sing N N 288 
SER OXT HXT  sing N N 289 
THR N   CA   sing N N 290 
THR N   H    sing N N 291 
THR N   H2   sing N N 292 
THR CA  C    sing N N 293 
THR CA  CB   sing N N 294 
THR CA  HA   sing N N 295 
THR C   O    doub N N 296 
THR C   OXT  sing N N 297 
THR CB  OG1  sing N N 298 
THR CB  CG2  sing N N 299 
THR CB  HB   sing N N 300 
THR OG1 HG1  sing N N 301 
THR CG2 HG21 sing N N 302 
THR CG2 HG22 sing N N 303 
THR CG2 HG23 sing N N 304 
THR OXT HXT  sing N N 305 
TRP N   CA   sing N N 306 
TRP N   H    sing N N 307 
TRP N   H2   sing N N 308 
TRP CA  C    sing N N 309 
TRP CA  CB   sing N N 310 
TRP CA  HA   sing N N 311 
TRP C   O    doub N N 312 
TRP C   OXT  sing N N 313 
TRP CB  CG   sing N N 314 
TRP CB  HB2  sing N N 315 
TRP CB  HB3  sing N N 316 
TRP CG  CD1  doub Y N 317 
TRP CG  CD2  sing Y N 318 
TRP CD1 NE1  sing Y N 319 
TRP CD1 HD1  sing N N 320 
TRP CD2 CE2  doub Y N 321 
TRP CD2 CE3  sing Y N 322 
TRP NE1 CE2  sing Y N 323 
TRP NE1 HE1  sing N N 324 
TRP CE2 CZ2  sing Y N 325 
TRP CE3 CZ3  doub Y N 326 
TRP CE3 HE3  sing N N 327 
TRP CZ2 CH2  doub Y N 328 
TRP CZ2 HZ2  sing N N 329 
TRP CZ3 CH2  sing Y N 330 
TRP CZ3 HZ3  sing N N 331 
TRP CH2 HH2  sing N N 332 
TRP OXT HXT  sing N N 333 
TYR N   CA   sing N N 334 
TYR N   H    sing N N 335 
TYR N   H2   sing N N 336 
TYR CA  C    sing N N 337 
TYR CA  CB   sing N N 338 
TYR CA  HA   sing N N 339 
TYR C   O    doub N N 340 
TYR C   OXT  sing N N 341 
TYR CB  CG   sing N N 342 
TYR CB  HB2  sing N N 343 
TYR CB  HB3  sing N N 344 
TYR CG  CD1  doub Y N 345 
TYR CG  CD2  sing Y N 346 
TYR CD1 CE1  sing Y N 347 
TYR CD1 HD1  sing N N 348 
TYR CD2 CE2  doub Y N 349 
TYR CD2 HD2  sing N N 350 
TYR CE1 CZ   doub Y N 351 
TYR CE1 HE1  sing N N 352 
TYR CE2 CZ   sing Y N 353 
TYR CE2 HE2  sing N N 354 
TYR CZ  OH   sing N N 355 
TYR OH  HH   sing N N 356 
TYR OXT HXT  sing N N 357 
VAL N   CA   sing N N 358 
VAL N   H    sing N N 359 
VAL N   H2   sing N N 360 
VAL CA  C    sing N N 361 
VAL CA  CB   sing N N 362 
VAL CA  HA   sing N N 363 
VAL C   O    doub N N 364 
VAL C   OXT  sing N N 365 
VAL CB  CG1  sing N N 366 
VAL CB  CG2  sing N N 367 
VAL CB  HB   sing N N 368 
VAL CG1 HG11 sing N N 369 
VAL CG1 HG12 sing N N 370 
VAL CG1 HG13 sing N N 371 
VAL CG2 HG21 sing N N 372 
VAL CG2 HG22 sing N N 373 
VAL CG2 HG23 sing N N 374 
VAL OXT HXT  sing N N 375 
# 
_pdbx_entity_nonpoly.entity_id   3 
_pdbx_entity_nonpoly.name        water 
_pdbx_entity_nonpoly.comp_id     HOH 
# 
_pdbx_initial_refinement_model.id               1 
_pdbx_initial_refinement_model.entity_id_list   ? 
_pdbx_initial_refinement_model.type             'experimental model' 
_pdbx_initial_refinement_model.source_name      PDB 
_pdbx_initial_refinement_model.accession_code   1PQ0 
_pdbx_initial_refinement_model.details          'mouse Bcl-xl, pdb entry 1PQ0' 
# 
